data_1Z3H
#
_entry.id   1Z3H
#
_cell.length_a   162.520
_cell.length_b   113.040
_cell.length_c   122.970
_cell.angle_alpha   90.00
_cell.angle_beta   90.00
_cell.angle_gamma   90.00
#
_symmetry.space_group_name_H-M   'P 21 21 2'
#
loop_
_entity.id
_entity.type
_entity.pdbx_description
1 polymer 'Importin alpha re-exporter'
2 non-polymer 'MAGNESIUM ION'
#
_entity_poly.entity_id   1
_entity_poly.type   'polypeptide(L)'
_entity_poly.pdbx_seq_one_letter_code
;MSDLETVAKFLAESVIASTAKTSERNLRQLETQDGFGLTLLHVIASTNLPLSTRLAGALFFKNFIKRKWVDENGNHLLPA
NNVELIKKEIVPLMISLPNNLQVQIGEAISSIADSDFPDRWPTLLSDLASRLSNDDMVTNKGVLTVAHSIFKRWRPLFRS
DELFLEIKLVLDVFTAPFLNLLKTVDEQITANENNKASLNILFDVLLVLIKLYYDFNCQDIPEFFEDNIQVGMGIFHKYL
SYSNPLLEDPDETEHASVLIKVKSSIQELVQLYTTRYEDVFGPMINEFIQITWNLLTSISNQPKYDILVSKSLSFLTAVT
RIPKYFEIFNNESAMNNITEQIILPNVTLREEDVELFEDDPIEYIRRDLEGSDTDTRRRACTDFLKELKEKNEVLVTNIF
LAHMKGFVDQYMSDPSKNWKFKDLYIYLFTALAINGNITNAGVSSTNNLLNVVDFFTKEIAPDLTSNNIPHIILRVDAIK
YIYTFRNQLTKAQLIELMPILATFLQTDEYVVYTYAAITIEKILTIRESNTSPAFIFHKEDISNSTEILLKNLIALILKH
GSSPEKLAENEFLMRSIFRVLQTSEDSIQPLFPQLLAQFIEIVTIMAKNPSNPRFTHYTFESIGAILNYTQRQNLPLLVD
SMMPTFLTVFSEDIQEFIPYVFQIIAFVVEQSATIPESIKPLAQPLLAPNVWELKGNIPAVTRLLKSFIKTDSSIFPDLV
PVLGIFQRLIASKAYEVHGFDLLEHIMLLIDMNRLRPYIKQIAVLLLQRLQNSKTERYVKKLTVFFGLISNKLGSDFLIH
FIDEVQDGLFQQIWGNFIITTLPTIGNLLDRKIALIGVLNMVINGQFFQSKYPTLISSTMNSIIETASSQSIANLKNDYV
DLDNLEEISTFGSHFSKLVSISEKPFDPLPEIDVNNGVRLYVAEALNKYNAISGNTFLNTILPQLTQENQVKLNQLLVGN
RSHHHHHH
;
_entity_poly.pdbx_strand_id   A,B
#
# COMPACT_ATOMS: atom_id res chain seq x y z
N SER A 2 -12.72 -32.83 31.14
CA SER A 2 -11.74 -32.14 32.03
C SER A 2 -10.33 -32.41 31.52
N ASP A 3 -10.21 -33.39 30.63
CA ASP A 3 -8.90 -33.67 30.06
C ASP A 3 -8.49 -32.34 29.42
N LEU A 4 -9.37 -31.87 28.55
CA LEU A 4 -9.24 -30.63 27.81
C LEU A 4 -9.20 -29.42 28.73
N GLU A 5 -10.04 -29.43 29.75
CA GLU A 5 -10.11 -28.34 30.71
C GLU A 5 -8.80 -28.27 31.50
N THR A 6 -8.26 -29.44 31.82
CA THR A 6 -7.01 -29.56 32.58
C THR A 6 -5.85 -28.98 31.81
N VAL A 7 -5.71 -29.39 30.55
CA VAL A 7 -4.64 -28.88 29.70
C VAL A 7 -4.86 -27.39 29.56
N ALA A 8 -6.07 -27.01 29.16
CA ALA A 8 -6.40 -25.61 28.98
C ALA A 8 -5.86 -24.81 30.16
N LYS A 9 -6.16 -25.30 31.36
CA LYS A 9 -5.73 -24.68 32.62
C LYS A 9 -4.22 -24.45 32.77
N PHE A 10 -3.43 -25.50 32.48
CA PHE A 10 -1.97 -25.43 32.60
C PHE A 10 -1.37 -24.52 31.54
N LEU A 11 -1.88 -24.61 30.31
CA LEU A 11 -1.40 -23.74 29.23
C LEU A 11 -1.58 -22.30 29.73
N ALA A 12 -2.79 -21.99 30.18
CA ALA A 12 -3.11 -20.67 30.70
C ALA A 12 -2.21 -20.28 31.87
N GLU A 13 -1.96 -21.21 32.79
CA GLU A 13 -1.12 -20.91 33.94
C GLU A 13 0.32 -20.67 33.51
N SER A 14 0.78 -21.46 32.55
CA SER A 14 2.15 -21.35 32.06
C SER A 14 2.44 -19.99 31.44
N VAL A 15 1.40 -19.34 30.96
CA VAL A 15 1.51 -18.03 30.34
C VAL A 15 1.72 -16.94 31.41
N ILE A 16 1.38 -17.28 32.65
CA ILE A 16 1.55 -16.36 33.77
C ILE A 16 2.98 -16.55 34.31
N ALA A 17 3.86 -15.61 33.99
CA ALA A 17 5.27 -15.67 34.42
C ALA A 17 5.47 -16.33 35.78
N SER A 18 4.52 -16.09 36.68
CA SER A 18 4.54 -16.59 38.05
C SER A 18 4.39 -18.11 38.17
N THR A 19 3.58 -18.71 37.30
CA THR A 19 3.35 -20.15 37.33
C THR A 19 3.91 -20.87 36.12
N ALA A 20 5.08 -20.47 35.66
CA ALA A 20 5.67 -21.13 34.51
C ALA A 20 6.37 -22.45 34.85
N LYS A 21 7.25 -22.43 35.85
CA LYS A 21 7.96 -23.66 36.24
C LYS A 21 6.96 -24.69 36.74
N THR A 22 6.00 -24.23 37.54
CA THR A 22 4.98 -25.11 38.06
C THR A 22 4.23 -25.72 36.88
N SER A 23 3.79 -24.86 35.97
CA SER A 23 3.03 -25.28 34.80
C SER A 23 3.80 -26.24 33.89
N GLU A 24 5.02 -25.86 33.52
CA GLU A 24 5.84 -26.68 32.64
C GLU A 24 5.94 -28.08 33.20
N ARG A 25 6.20 -28.18 34.49
CA ARG A 25 6.30 -29.47 35.16
C ARG A 25 4.96 -30.22 35.11
N ASN A 26 3.88 -29.52 35.42
CA ASN A 26 2.57 -30.15 35.40
C ASN A 26 2.20 -30.56 34.00
N LEU A 27 2.84 -29.94 33.01
CA LEU A 27 2.57 -30.28 31.63
C LEU A 27 3.36 -31.51 31.25
N ARG A 28 4.59 -31.61 31.73
CA ARG A 28 5.42 -32.74 31.45
C ARG A 28 4.74 -33.97 32.01
N GLN A 29 4.25 -33.87 33.25
CA GLN A 29 3.59 -35.02 33.84
C GLN A 29 2.45 -35.44 32.91
N LEU A 30 1.63 -34.47 32.56
CA LEU A 30 0.48 -34.70 31.71
C LEU A 30 0.84 -35.34 30.36
N GLU A 31 2.08 -35.12 29.92
CA GLU A 31 2.59 -35.61 28.64
C GLU A 31 2.57 -37.13 28.47
N THR A 32 2.69 -37.83 29.59
CA THR A 32 2.71 -39.28 29.67
C THR A 32 1.42 -39.98 29.21
N GLN A 33 0.30 -39.30 29.37
CA GLN A 33 -1.03 -39.80 29.01
C GLN A 33 -1.16 -40.24 27.56
N ASP A 34 -2.08 -41.19 27.33
CA ASP A 34 -2.31 -41.71 26.00
C ASP A 34 -3.45 -40.96 25.31
N GLY A 35 -3.20 -39.67 25.05
CA GLY A 35 -4.19 -38.85 24.38
C GLY A 35 -3.77 -37.41 24.50
N PHE A 36 -2.75 -37.16 25.32
CA PHE A 36 -2.27 -35.81 25.55
C PHE A 36 -2.10 -35.04 24.24
N GLY A 37 -1.43 -35.65 23.27
CA GLY A 37 -1.24 -35.00 21.99
C GLY A 37 -2.53 -34.48 21.38
N LEU A 38 -3.54 -35.36 21.26
CA LEU A 38 -4.85 -35.00 20.70
C LEU A 38 -5.56 -33.90 21.50
N THR A 39 -5.46 -33.99 22.83
CA THR A 39 -6.06 -33.00 23.70
C THR A 39 -5.49 -31.62 23.33
N LEU A 40 -4.17 -31.56 23.32
CA LEU A 40 -3.45 -30.36 23.02
C LEU A 40 -3.94 -29.78 21.70
N LEU A 41 -4.13 -30.63 20.69
CA LEU A 41 -4.58 -30.18 19.37
C LEU A 41 -5.96 -29.60 19.40
N HIS A 42 -6.89 -30.30 20.05
CA HIS A 42 -8.27 -29.84 20.17
C HIS A 42 -8.27 -28.48 20.84
N VAL A 43 -7.39 -28.28 21.82
CA VAL A 43 -7.31 -26.99 22.50
C VAL A 43 -6.96 -25.93 21.48
N ILE A 44 -5.79 -26.08 20.86
CA ILE A 44 -5.32 -25.14 19.83
C ILE A 44 -6.44 -24.83 18.82
N ALA A 45 -7.18 -25.88 18.47
CA ALA A 45 -8.27 -25.80 17.52
C ALA A 45 -9.48 -25.05 18.00
N SER A 46 -9.61 -24.83 19.32
CA SER A 46 -10.77 -24.11 19.82
C SER A 46 -10.71 -22.59 19.64
N THR A 47 -11.59 -22.10 18.77
CA THR A 47 -11.69 -20.69 18.43
C THR A 47 -12.03 -19.77 19.59
N ASN A 48 -12.81 -20.25 20.54
CA ASN A 48 -13.21 -19.43 21.66
C ASN A 48 -12.12 -19.11 22.67
N LEU A 49 -10.99 -19.76 22.56
CA LEU A 49 -9.92 -19.50 23.50
C LEU A 49 -9.03 -18.34 23.09
N PRO A 50 -8.32 -17.77 24.07
CA PRO A 50 -7.40 -16.65 23.88
C PRO A 50 -6.17 -17.03 23.07
N LEU A 51 -5.87 -16.19 22.10
CA LEU A 51 -4.73 -16.42 21.25
C LEU A 51 -3.58 -16.87 22.15
N SER A 52 -3.28 -16.08 23.18
CA SER A 52 -2.18 -16.40 24.09
C SER A 52 -2.15 -17.86 24.54
N THR A 53 -3.31 -18.39 24.89
CA THR A 53 -3.44 -19.75 25.35
C THR A 53 -3.27 -20.73 24.20
N ARG A 54 -3.86 -20.44 23.06
CA ARG A 54 -3.71 -21.33 21.93
C ARG A 54 -2.27 -21.30 21.45
N LEU A 55 -1.66 -20.12 21.44
CA LEU A 55 -0.29 -20.03 21.00
C LEU A 55 0.54 -20.88 21.94
N ALA A 56 0.29 -20.72 23.24
CA ALA A 56 1.02 -21.51 24.22
C ALA A 56 0.83 -22.97 23.88
N GLY A 57 -0.42 -23.36 23.63
CA GLY A 57 -0.74 -24.74 23.28
C GLY A 57 -0.05 -25.16 22.00
N ALA A 58 -0.13 -24.32 20.97
CA ALA A 58 0.48 -24.61 19.68
C ALA A 58 1.98 -24.82 19.87
N LEU A 59 2.59 -23.89 20.58
CA LEU A 59 4.01 -23.92 20.85
C LEU A 59 4.41 -25.19 21.56
N PHE A 60 3.74 -25.49 22.65
CA PHE A 60 4.05 -26.69 23.42
C PHE A 60 3.94 -27.92 22.52
N PHE A 61 2.93 -27.92 21.67
CA PHE A 61 2.72 -29.05 20.78
C PHE A 61 3.94 -29.26 19.93
N LYS A 62 4.45 -28.18 19.36
CA LYS A 62 5.61 -28.29 18.50
C LYS A 62 6.76 -28.99 19.19
N ASN A 63 7.03 -28.59 20.43
CA ASN A 63 8.11 -29.15 21.24
C ASN A 63 7.83 -30.59 21.69
N PHE A 64 6.58 -30.88 21.96
CA PHE A 64 6.18 -32.22 22.34
C PHE A 64 6.59 -33.14 21.18
N ILE A 65 6.05 -32.86 20.01
CA ILE A 65 6.35 -33.63 18.81
C ILE A 65 7.81 -33.95 18.68
N LYS A 66 8.64 -32.91 18.77
CA LYS A 66 10.06 -33.13 18.64
C LYS A 66 10.51 -34.19 19.62
N ARG A 67 10.20 -34.05 20.90
CA ARG A 67 10.76 -35.07 21.83
C ARG A 67 10.03 -36.37 21.99
N LYS A 68 8.80 -36.45 21.53
CA LYS A 68 8.08 -37.64 21.79
C LYS A 68 7.65 -38.42 20.55
N TRP A 69 7.53 -37.76 19.40
CA TRP A 69 6.95 -38.42 18.25
C TRP A 69 7.67 -39.64 17.78
N VAL A 70 8.98 -39.59 17.85
CA VAL A 70 9.83 -40.68 17.36
C VAL A 70 11.16 -40.72 18.14
N ASP A 71 11.65 -41.91 18.47
CA ASP A 71 12.91 -42.02 19.19
C ASP A 71 14.06 -41.88 18.18
N GLU A 72 15.29 -42.16 18.63
CA GLU A 72 16.46 -42.00 17.77
C GLU A 72 16.32 -42.72 16.48
N ASN A 73 15.85 -43.95 16.60
CA ASN A 73 15.73 -44.81 15.46
C ASN A 73 14.43 -44.76 14.68
N GLY A 74 13.75 -43.62 14.73
CA GLY A 74 12.51 -43.48 13.98
C GLY A 74 11.26 -44.23 14.44
N ASN A 75 11.18 -44.64 15.69
CA ASN A 75 10.02 -45.37 16.12
C ASN A 75 9.00 -44.50 16.84
N HIS A 76 7.74 -44.67 16.48
CA HIS A 76 6.68 -43.91 17.11
C HIS A 76 6.58 -44.24 18.57
N LEU A 77 6.82 -43.28 19.45
CA LEU A 77 6.76 -43.56 20.87
C LEU A 77 5.34 -43.39 21.37
N LEU A 78 4.41 -43.22 20.43
CA LEU A 78 2.98 -43.05 20.75
C LEU A 78 2.23 -44.20 20.10
N PRO A 79 1.13 -44.63 20.71
CA PRO A 79 0.31 -45.72 20.20
C PRO A 79 -0.30 -45.54 18.81
N ALA A 80 -0.10 -46.53 17.94
CA ALA A 80 -0.60 -46.49 16.56
C ALA A 80 -1.84 -45.62 16.40
N ASN A 81 -2.89 -45.94 17.14
CA ASN A 81 -4.13 -45.20 17.06
C ASN A 81 -3.95 -43.69 17.17
N ASN A 82 -3.42 -43.24 18.29
CA ASN A 82 -3.19 -41.81 18.48
C ASN A 82 -2.40 -41.24 17.30
N VAL A 83 -1.32 -41.90 16.92
CA VAL A 83 -0.48 -41.43 15.82
C VAL A 83 -1.27 -41.23 14.53
N GLU A 84 -2.02 -42.25 14.10
CA GLU A 84 -2.80 -42.15 12.87
C GLU A 84 -3.87 -41.04 13.00
N LEU A 85 -4.39 -40.86 14.22
CA LEU A 85 -5.43 -39.86 14.47
C LEU A 85 -4.90 -38.45 14.40
N ILE A 86 -3.73 -38.24 14.96
CA ILE A 86 -3.06 -36.95 14.97
C ILE A 86 -2.76 -36.49 13.53
N LYS A 87 -2.26 -37.40 12.70
CA LYS A 87 -1.93 -37.05 11.34
C LYS A 87 -3.20 -36.74 10.57
N LYS A 88 -4.31 -37.26 11.04
CA LYS A 88 -5.54 -37.00 10.31
C LYS A 88 -6.12 -35.67 10.71
N GLU A 89 -6.00 -35.38 12.00
CA GLU A 89 -6.52 -34.16 12.58
C GLU A 89 -5.72 -32.93 12.20
N ILE A 90 -4.40 -33.03 12.37
CA ILE A 90 -3.50 -31.94 12.10
C ILE A 90 -3.57 -31.25 10.74
N VAL A 91 -3.74 -32.00 9.64
CA VAL A 91 -3.78 -31.32 8.35
C VAL A 91 -4.97 -30.38 8.27
N PRO A 92 -6.16 -30.88 8.61
CA PRO A 92 -7.30 -29.97 8.54
C PRO A 92 -7.22 -28.84 9.54
N LEU A 93 -6.58 -29.06 10.70
CA LEU A 93 -6.44 -28.01 11.69
C LEU A 93 -5.57 -26.87 11.15
N MET A 94 -4.40 -27.22 10.64
CA MET A 94 -3.49 -26.22 10.13
C MET A 94 -4.02 -25.43 8.94
N ILE A 95 -4.91 -26.04 8.18
CA ILE A 95 -5.46 -25.36 7.02
C ILE A 95 -6.40 -24.24 7.45
N SER A 96 -6.91 -24.29 8.68
CA SER A 96 -7.85 -23.29 9.18
C SER A 96 -7.36 -22.20 10.14
N LEU A 97 -6.14 -22.35 10.66
CA LEU A 97 -5.59 -21.41 11.63
C LEU A 97 -5.01 -20.13 11.06
N PRO A 98 -4.80 -19.12 11.92
CA PRO A 98 -4.24 -17.81 11.59
C PRO A 98 -2.75 -18.02 11.36
N ASN A 99 -2.13 -17.18 10.55
CA ASN A 99 -0.72 -17.40 10.25
C ASN A 99 0.19 -17.65 11.44
N ASN A 100 0.04 -16.88 12.51
CA ASN A 100 0.87 -17.05 13.70
C ASN A 100 0.83 -18.47 14.22
N LEU A 101 -0.37 -19.02 14.40
CA LEU A 101 -0.51 -20.38 14.89
C LEU A 101 -0.29 -21.39 13.77
N GLN A 102 -0.65 -21.00 12.57
CA GLN A 102 -0.49 -21.87 11.42
C GLN A 102 0.99 -22.17 11.25
N VAL A 103 1.82 -21.17 11.46
CA VAL A 103 3.27 -21.36 11.35
C VAL A 103 3.75 -22.36 12.40
N GLN A 104 3.32 -22.19 13.65
CA GLN A 104 3.73 -23.10 14.71
C GLN A 104 3.38 -24.53 14.39
N ILE A 105 2.26 -24.71 13.71
CA ILE A 105 1.86 -26.05 13.36
C ILE A 105 2.59 -26.53 12.14
N GLY A 106 3.02 -25.60 11.30
CA GLY A 106 3.76 -26.00 10.12
C GLY A 106 5.01 -26.74 10.53
N GLU A 107 5.61 -26.31 11.65
CA GLU A 107 6.81 -26.95 12.11
C GLU A 107 6.46 -28.30 12.70
N ALA A 108 5.38 -28.38 13.46
CA ALA A 108 4.98 -29.65 14.04
C ALA A 108 4.84 -30.63 12.90
N ILE A 109 4.00 -30.26 11.93
CA ILE A 109 3.76 -31.08 10.77
C ILE A 109 5.00 -31.38 9.96
N SER A 110 5.96 -30.46 9.94
CA SER A 110 7.16 -30.74 9.18
C SER A 110 7.87 -31.90 9.87
N SER A 111 8.02 -31.82 11.20
CA SER A 111 8.66 -32.88 12.01
C SER A 111 7.94 -34.20 11.81
N ILE A 112 6.62 -34.17 11.81
CA ILE A 112 5.88 -35.39 11.64
C ILE A 112 6.20 -35.93 10.26
N ALA A 113 6.04 -35.11 9.23
CA ALA A 113 6.32 -35.53 7.87
C ALA A 113 7.74 -36.05 7.74
N ASP A 114 8.61 -35.47 8.54
CA ASP A 114 10.02 -35.83 8.47
C ASP A 114 10.25 -37.32 8.61
N SER A 115 9.79 -37.96 9.67
CA SER A 115 10.03 -39.37 9.77
C SER A 115 8.91 -40.20 9.21
N ASP A 116 7.84 -39.59 8.79
CA ASP A 116 6.80 -40.44 8.33
C ASP A 116 6.23 -39.95 7.03
N PHE A 117 6.73 -38.87 6.44
CA PHE A 117 6.03 -38.37 5.27
C PHE A 117 5.60 -39.30 4.13
N PRO A 118 6.56 -39.97 3.51
CA PRO A 118 6.33 -40.84 2.36
C PRO A 118 5.84 -42.24 2.53
N ASP A 119 6.37 -42.94 3.52
CA ASP A 119 5.99 -44.31 3.75
C ASP A 119 4.80 -44.45 4.66
N ARG A 120 4.97 -43.85 5.84
CA ARG A 120 3.97 -43.92 6.90
C ARG A 120 2.98 -42.74 6.92
N TRP A 121 2.51 -42.36 5.73
CA TRP A 121 1.53 -41.29 5.59
C TRP A 121 1.05 -41.34 4.14
N PRO A 122 0.38 -42.45 3.75
CA PRO A 122 -0.12 -42.57 2.38
C PRO A 122 -1.18 -41.57 1.94
N THR A 123 -2.13 -41.28 2.82
CA THR A 123 -3.20 -40.33 2.50
C THR A 123 -2.80 -38.85 2.36
N LEU A 124 -1.67 -38.45 2.92
CA LEU A 124 -1.30 -37.04 2.84
C LEU A 124 -1.47 -36.38 1.49
N LEU A 125 -0.90 -36.93 0.44
CA LEU A 125 -1.05 -36.28 -0.86
C LEU A 125 -2.48 -36.28 -1.37
N SER A 126 -3.17 -37.42 -1.25
CA SER A 126 -4.55 -37.50 -1.69
C SER A 126 -5.38 -36.45 -0.97
N ASP A 127 -5.28 -36.46 0.36
CA ASP A 127 -6.01 -35.54 1.22
C ASP A 127 -5.76 -34.07 0.87
N LEU A 128 -4.52 -33.69 0.66
CA LEU A 128 -4.21 -32.31 0.31
C LEU A 128 -4.77 -31.93 -1.03
N ALA A 129 -4.43 -32.70 -2.07
CA ALA A 129 -4.94 -32.41 -3.41
C ALA A 129 -6.47 -32.24 -3.40
N SER A 130 -7.18 -33.23 -2.89
CA SER A 130 -8.63 -33.17 -2.86
C SER A 130 -9.23 -31.96 -2.14
N ARG A 131 -8.40 -31.03 -1.67
CA ARG A 131 -8.95 -29.88 -0.98
C ARG A 131 -8.75 -28.61 -1.76
N LEU A 132 -8.21 -28.74 -2.96
CA LEU A 132 -8.00 -27.56 -3.79
C LEU A 132 -9.25 -27.42 -4.61
N SER A 133 -9.80 -26.20 -4.65
CA SER A 133 -11.01 -25.90 -5.40
C SER A 133 -10.76 -24.64 -6.20
N ASN A 134 -11.81 -24.05 -6.76
CA ASN A 134 -11.63 -22.84 -7.58
C ASN A 134 -12.21 -21.59 -6.93
N ASP A 135 -13.20 -21.79 -6.08
CA ASP A 135 -13.88 -20.69 -5.40
C ASP A 135 -13.29 -20.39 -4.02
N ASP A 136 -12.73 -21.43 -3.40
CA ASP A 136 -12.17 -21.27 -2.07
C ASP A 136 -10.67 -21.06 -2.08
N MET A 137 -10.25 -19.82 -2.35
CA MET A 137 -8.84 -19.47 -2.37
C MET A 137 -8.22 -19.53 -0.98
N VAL A 138 -8.88 -18.93 0.01
CA VAL A 138 -8.36 -18.94 1.37
C VAL A 138 -8.01 -20.36 1.75
N THR A 139 -8.92 -21.29 1.48
CA THR A 139 -8.66 -22.67 1.80
C THR A 139 -7.48 -23.18 0.97
N ASN A 140 -7.41 -22.78 -0.29
CA ASN A 140 -6.30 -23.23 -1.11
C ASN A 140 -5.00 -22.84 -0.47
N LYS A 141 -4.85 -21.57 -0.12
CA LYS A 141 -3.63 -21.14 0.51
C LYS A 141 -3.29 -22.06 1.64
N GLY A 142 -4.32 -22.47 2.38
CA GLY A 142 -4.11 -23.37 3.48
C GLY A 142 -3.47 -24.65 2.98
N VAL A 143 -4.24 -25.44 2.26
CA VAL A 143 -3.72 -26.67 1.73
C VAL A 143 -2.34 -26.42 1.13
N LEU A 144 -2.24 -25.45 0.24
CA LEU A 144 -0.93 -25.20 -0.34
C LEU A 144 0.20 -25.01 0.69
N THR A 145 -0.03 -24.20 1.72
CA THR A 145 0.98 -24.00 2.75
C THR A 145 1.42 -25.32 3.39
N VAL A 146 0.46 -26.10 3.90
CA VAL A 146 0.81 -27.38 4.50
C VAL A 146 1.70 -28.11 3.53
N ALA A 147 1.38 -27.99 2.24
CA ALA A 147 2.19 -28.64 1.22
C ALA A 147 3.63 -28.14 1.24
N HIS A 148 3.81 -26.91 0.82
CA HIS A 148 5.14 -26.34 0.78
C HIS A 148 5.94 -26.57 2.05
N SER A 149 5.29 -26.57 3.22
CA SER A 149 6.07 -26.79 4.45
C SER A 149 6.64 -28.20 4.50
N ILE A 150 6.07 -29.10 3.73
CA ILE A 150 6.57 -30.45 3.71
C ILE A 150 7.61 -30.58 2.60
N PHE A 151 7.29 -30.16 1.38
CA PHE A 151 8.23 -30.29 0.28
C PHE A 151 9.42 -29.36 0.40
N LYS A 152 9.28 -28.31 1.21
CA LYS A 152 10.33 -27.31 1.48
C LYS A 152 11.69 -27.98 1.57
N ARG A 153 11.66 -29.09 2.30
CA ARG A 153 12.81 -29.88 2.68
C ARG A 153 13.51 -30.66 1.59
N TRP A 154 13.57 -30.10 0.41
CA TRP A 154 14.25 -30.78 -0.65
C TRP A 154 15.39 -29.92 -1.08
N ARG A 155 15.10 -28.65 -0.98
CA ARG A 155 16.03 -27.65 -1.35
C ARG A 155 17.44 -27.91 -0.83
N PRO A 156 17.63 -28.23 0.46
CA PRO A 156 18.99 -28.45 0.93
C PRO A 156 19.54 -29.83 0.63
N LEU A 157 18.67 -30.78 0.29
CA LEU A 157 19.14 -32.12 0.00
C LEU A 157 19.95 -32.20 -1.27
N PHE A 158 20.65 -33.33 -1.43
CA PHE A 158 21.45 -33.59 -2.61
C PHE A 158 20.86 -34.81 -3.30
N ARG A 159 20.96 -34.84 -4.62
CA ARG A 159 20.45 -35.93 -5.45
C ARG A 159 20.61 -37.29 -4.81
N SER A 160 19.71 -38.21 -5.12
CA SER A 160 19.81 -39.54 -4.57
C SER A 160 19.11 -40.48 -5.52
N ASP A 161 19.55 -41.73 -5.51
CA ASP A 161 18.97 -42.75 -6.37
C ASP A 161 17.46 -42.72 -6.20
N GLU A 162 17.01 -42.36 -4.99
CA GLU A 162 15.58 -42.37 -4.67
C GLU A 162 14.84 -41.03 -4.48
N LEU A 163 15.55 -39.95 -4.12
CA LEU A 163 14.89 -38.67 -3.93
C LEU A 163 13.96 -38.43 -5.12
N PHE A 164 14.45 -38.70 -6.32
CA PHE A 164 13.65 -38.52 -7.53
C PHE A 164 12.34 -39.31 -7.40
N LEU A 165 12.42 -40.49 -6.79
CA LEU A 165 11.26 -41.33 -6.60
C LEU A 165 10.21 -40.72 -5.67
N GLU A 166 10.64 -40.14 -4.54
CA GLU A 166 9.69 -39.52 -3.62
C GLU A 166 9.07 -38.30 -4.29
N ILE A 167 9.88 -37.58 -5.05
CA ILE A 167 9.41 -36.38 -5.76
C ILE A 167 8.41 -36.80 -6.83
N LYS A 168 8.72 -37.88 -7.55
CA LYS A 168 7.82 -38.38 -8.57
C LYS A 168 6.52 -38.74 -7.86
N LEU A 169 6.67 -39.44 -6.73
CA LEU A 169 5.54 -39.86 -5.91
C LEU A 169 4.63 -38.68 -5.63
N VAL A 170 5.23 -37.52 -5.36
CA VAL A 170 4.46 -36.32 -5.09
C VAL A 170 3.98 -35.66 -6.37
N LEU A 171 4.94 -35.38 -7.25
CA LEU A 171 4.68 -34.72 -8.51
C LEU A 171 3.48 -35.29 -9.26
N ASP A 172 3.48 -36.60 -9.44
CA ASP A 172 2.40 -37.30 -10.15
C ASP A 172 1.05 -36.87 -9.62
N VAL A 173 0.99 -36.68 -8.31
CA VAL A 173 -0.24 -36.26 -7.63
C VAL A 173 -0.55 -34.77 -7.77
N PHE A 174 0.45 -33.91 -7.62
CA PHE A 174 0.20 -32.47 -7.70
C PHE A 174 0.36 -31.77 -9.03
N THR A 175 1.09 -32.39 -9.96
CA THR A 175 1.34 -31.77 -11.26
C THR A 175 0.18 -31.02 -11.95
N ALA A 176 -0.89 -31.74 -12.26
CA ALA A 176 -2.02 -31.12 -12.93
C ALA A 176 -2.76 -30.05 -12.09
N PRO A 177 -3.46 -30.46 -11.00
CA PRO A 177 -4.16 -29.46 -10.21
C PRO A 177 -3.28 -28.25 -9.90
N PHE A 178 -1.98 -28.49 -9.74
CA PHE A 178 -1.03 -27.41 -9.48
C PHE A 178 -1.03 -26.42 -10.61
N LEU A 179 -0.69 -26.88 -11.82
CA LEU A 179 -0.66 -25.96 -12.95
C LEU A 179 -2.06 -25.40 -13.17
N ASN A 180 -3.09 -26.22 -12.94
CA ASN A 180 -4.48 -25.79 -13.14
C ASN A 180 -4.86 -24.63 -12.26
N LEU A 181 -4.47 -24.69 -10.98
CA LEU A 181 -4.76 -23.65 -10.02
C LEU A 181 -3.99 -22.37 -10.38
N LEU A 182 -2.76 -22.53 -10.87
CA LEU A 182 -1.95 -21.38 -11.26
C LEU A 182 -2.64 -20.68 -12.41
N LYS A 183 -3.12 -21.45 -13.39
CA LYS A 183 -3.82 -20.86 -14.52
C LYS A 183 -5.07 -20.13 -13.99
N THR A 184 -5.80 -20.81 -13.10
CA THR A 184 -7.01 -20.25 -12.49
C THR A 184 -6.66 -18.96 -11.77
N VAL A 185 -5.68 -19.05 -10.88
CA VAL A 185 -5.23 -17.90 -10.10
C VAL A 185 -4.89 -16.70 -10.97
N ASP A 186 -4.26 -16.97 -12.12
CA ASP A 186 -3.86 -15.92 -13.05
C ASP A 186 -5.09 -15.23 -13.61
N GLU A 187 -6.04 -16.03 -14.09
CA GLU A 187 -7.28 -15.50 -14.65
C GLU A 187 -8.03 -14.70 -13.60
N GLN A 188 -8.28 -15.32 -12.45
CA GLN A 188 -8.97 -14.64 -11.39
C GLN A 188 -8.32 -13.31 -11.01
N ILE A 189 -7.01 -13.20 -11.17
CA ILE A 189 -6.33 -11.95 -10.82
C ILE A 189 -6.60 -10.85 -11.82
N THR A 190 -6.59 -11.20 -13.10
CA THR A 190 -6.83 -10.18 -14.12
C THR A 190 -8.26 -9.65 -14.02
N ALA A 191 -9.17 -10.49 -13.51
CA ALA A 191 -10.58 -10.10 -13.37
C ALA A 191 -10.84 -9.26 -12.12
N ASN A 192 -10.06 -9.49 -11.06
CA ASN A 192 -10.28 -8.76 -9.83
C ASN A 192 -9.49 -7.46 -9.71
N GLU A 193 -8.86 -7.07 -10.80
CA GLU A 193 -8.04 -5.87 -10.81
C GLU A 193 -8.42 -4.76 -9.84
N ASN A 194 -9.66 -4.74 -9.38
CA ASN A 194 -10.08 -3.70 -8.45
C ASN A 194 -10.58 -4.13 -7.07
N ASN A 195 -10.43 -5.41 -6.72
CA ASN A 195 -10.88 -5.88 -5.40
C ASN A 195 -9.71 -6.08 -4.47
N LYS A 196 -9.35 -5.03 -3.75
CA LYS A 196 -8.25 -5.08 -2.82
C LYS A 196 -8.35 -6.41 -2.08
N ALA A 197 -9.45 -6.63 -1.40
CA ALA A 197 -9.67 -7.86 -0.63
C ALA A 197 -9.45 -9.13 -1.43
N SER A 198 -9.97 -9.16 -2.65
CA SER A 198 -9.85 -10.33 -3.53
C SER A 198 -8.45 -10.52 -4.11
N LEU A 199 -7.82 -9.42 -4.50
CA LEU A 199 -6.47 -9.50 -5.01
C LEU A 199 -5.60 -10.08 -3.93
N ASN A 200 -5.55 -9.38 -2.81
CA ASN A 200 -4.75 -9.82 -1.68
C ASN A 200 -4.79 -11.33 -1.52
N ILE A 201 -5.98 -11.86 -1.39
CA ILE A 201 -6.15 -13.28 -1.23
C ILE A 201 -5.56 -14.04 -2.40
N LEU A 202 -5.90 -13.62 -3.61
CA LEU A 202 -5.34 -14.28 -4.79
C LEU A 202 -3.82 -14.29 -4.74
N PHE A 203 -3.23 -13.15 -4.44
CA PHE A 203 -1.79 -13.07 -4.36
C PHE A 203 -1.22 -13.86 -3.20
N ASP A 204 -2.05 -14.19 -2.22
CA ASP A 204 -1.57 -15.00 -1.12
C ASP A 204 -1.46 -16.42 -1.63
N VAL A 205 -2.24 -16.76 -2.65
CA VAL A 205 -2.18 -18.11 -3.17
C VAL A 205 -1.05 -18.23 -4.17
N LEU A 206 -0.86 -17.18 -4.95
CA LEU A 206 0.21 -17.16 -5.94
C LEU A 206 1.54 -17.33 -5.21
N LEU A 207 1.75 -16.56 -4.16
CA LEU A 207 2.97 -16.64 -3.38
C LEU A 207 3.41 -18.07 -3.06
N VAL A 208 2.50 -18.88 -2.55
CA VAL A 208 2.81 -20.26 -2.20
C VAL A 208 3.01 -21.11 -3.47
N LEU A 209 2.34 -20.74 -4.55
CA LEU A 209 2.50 -21.51 -5.78
C LEU A 209 3.90 -21.27 -6.26
N ILE A 210 4.32 -20.01 -6.27
CA ILE A 210 5.65 -19.70 -6.71
C ILE A 210 6.66 -20.47 -5.87
N LYS A 211 6.40 -20.58 -4.56
CA LYS A 211 7.30 -21.30 -3.68
C LYS A 211 7.31 -22.79 -3.94
N LEU A 212 6.16 -23.38 -4.24
CA LEU A 212 6.05 -24.83 -4.50
C LEU A 212 6.67 -25.15 -5.85
N TYR A 213 6.51 -24.21 -6.77
CA TYR A 213 7.07 -24.39 -8.09
C TYR A 213 8.54 -24.68 -7.86
N TYR A 214 9.18 -23.88 -7.01
CA TYR A 214 10.58 -24.07 -6.69
C TYR A 214 10.79 -25.49 -6.14
N ASP A 215 10.02 -25.85 -5.11
CA ASP A 215 10.13 -27.16 -4.50
C ASP A 215 10.18 -28.28 -5.52
N PHE A 216 9.34 -28.20 -6.54
CA PHE A 216 9.31 -29.21 -7.59
C PHE A 216 10.48 -29.16 -8.56
N ASN A 217 11.12 -28.01 -8.69
CA ASN A 217 12.22 -27.93 -9.61
C ASN A 217 13.59 -27.82 -8.96
N CYS A 218 13.67 -28.01 -7.64
CA CYS A 218 14.97 -27.86 -7.02
C CYS A 218 15.93 -29.00 -7.25
N GLN A 219 15.47 -30.15 -7.73
CA GLN A 219 16.41 -31.22 -8.02
C GLN A 219 16.58 -31.41 -9.53
N ASP A 220 15.46 -31.45 -10.24
CA ASP A 220 15.46 -31.61 -11.70
C ASP A 220 14.26 -30.96 -12.32
N ILE A 221 14.23 -30.89 -13.64
CA ILE A 221 13.06 -30.32 -14.27
C ILE A 221 12.24 -31.52 -14.73
N PRO A 222 11.05 -31.73 -14.13
CA PRO A 222 10.31 -32.88 -14.59
C PRO A 222 9.76 -32.69 -16.00
N GLU A 223 9.69 -33.77 -16.76
CA GLU A 223 9.17 -33.69 -18.10
C GLU A 223 7.95 -32.79 -18.14
N PHE A 224 7.07 -32.87 -17.14
CA PHE A 224 5.89 -32.03 -17.15
C PHE A 224 6.15 -30.52 -17.07
N PHE A 225 7.25 -30.13 -16.45
CA PHE A 225 7.56 -28.70 -16.34
C PHE A 225 8.37 -28.18 -17.49
N GLU A 226 9.10 -29.09 -18.15
CA GLU A 226 9.90 -28.73 -19.30
C GLU A 226 8.93 -28.57 -20.45
N ASP A 227 8.22 -29.65 -20.78
CA ASP A 227 7.27 -29.56 -21.88
C ASP A 227 6.28 -28.42 -21.64
N ASN A 228 5.91 -28.17 -20.39
CA ASN A 228 4.95 -27.11 -20.08
C ASN A 228 5.47 -25.79 -19.52
N ILE A 229 6.76 -25.52 -19.70
CA ILE A 229 7.39 -24.31 -19.19
C ILE A 229 6.86 -22.96 -19.72
N GLN A 230 6.67 -22.86 -21.03
CA GLN A 230 6.20 -21.61 -21.62
C GLN A 230 4.99 -21.02 -20.90
N VAL A 231 4.08 -21.85 -20.43
CA VAL A 231 2.90 -21.34 -19.74
C VAL A 231 3.25 -20.76 -18.38
N GLY A 232 4.08 -21.48 -17.62
CA GLY A 232 4.49 -21.03 -16.30
C GLY A 232 5.31 -19.76 -16.30
N MET A 233 6.49 -19.82 -16.92
CA MET A 233 7.36 -18.65 -17.00
C MET A 233 6.57 -17.49 -17.58
N GLY A 234 5.65 -17.80 -18.47
CA GLY A 234 4.84 -16.76 -19.06
C GLY A 234 4.16 -16.01 -17.94
N ILE A 235 3.40 -16.74 -17.15
CA ILE A 235 2.68 -16.13 -16.04
C ILE A 235 3.58 -15.31 -15.13
N PHE A 236 4.73 -15.89 -14.74
CA PHE A 236 5.69 -15.23 -13.85
C PHE A 236 6.35 -13.99 -14.48
N HIS A 237 6.58 -14.08 -15.79
CA HIS A 237 7.17 -13.01 -16.57
C HIS A 237 6.21 -11.82 -16.46
N LYS A 238 4.94 -12.14 -16.31
CA LYS A 238 3.86 -11.16 -16.20
C LYS A 238 3.72 -10.46 -14.83
N TYR A 239 3.75 -11.23 -13.74
CA TYR A 239 3.62 -10.64 -12.42
C TYR A 239 4.89 -10.00 -11.92
N LEU A 240 5.99 -10.25 -12.61
CA LEU A 240 7.27 -9.64 -12.23
C LEU A 240 7.19 -8.16 -12.54
N SER A 241 6.46 -7.81 -13.61
CA SER A 241 6.30 -6.42 -14.01
C SER A 241 4.99 -5.85 -13.46
N TYR A 242 4.05 -6.75 -13.17
CA TYR A 242 2.76 -6.38 -12.62
C TYR A 242 2.84 -5.32 -11.53
N SER A 243 1.94 -4.34 -11.60
CA SER A 243 1.88 -3.27 -10.60
C SER A 243 0.40 -2.99 -10.33
N ASN A 244 0.10 -2.45 -9.16
CA ASN A 244 -1.27 -2.15 -8.84
C ASN A 244 -1.40 -1.24 -7.64
N PRO A 245 -2.14 -0.15 -7.79
CA PRO A 245 -2.31 0.79 -6.69
C PRO A 245 -2.92 0.08 -5.50
N LEU A 246 -3.80 -0.86 -5.79
CA LEU A 246 -4.48 -1.61 -4.75
C LEU A 246 -3.52 -2.41 -3.88
N LEU A 247 -2.35 -2.76 -4.41
CA LEU A 247 -1.37 -3.54 -3.67
C LEU A 247 -0.12 -2.74 -3.30
N GLU A 248 -0.30 -1.43 -3.11
CA GLU A 248 0.79 -0.53 -2.75
C GLU A 248 0.46 0.03 -1.37
N ASP A 249 1.45 0.66 -0.72
CA ASP A 249 1.23 1.26 0.59
C ASP A 249 2.44 2.16 0.86
N PRO A 250 2.64 3.16 0.00
CA PRO A 250 3.74 4.13 0.10
C PRO A 250 4.09 4.59 1.52
N ASP A 251 3.16 4.42 2.45
CA ASP A 251 3.43 4.78 3.84
C ASP A 251 4.29 3.72 4.51
N GLU A 252 4.42 2.57 3.85
CA GLU A 252 5.22 1.49 4.41
C GLU A 252 6.68 1.61 3.96
N THR A 253 7.56 1.54 4.93
CA THR A 253 8.98 1.70 4.67
C THR A 253 9.84 0.48 4.89
N GLU A 254 9.57 -0.27 5.95
CA GLU A 254 10.37 -1.44 6.27
C GLU A 254 9.81 -2.83 5.89
N HIS A 255 8.49 -3.00 5.90
CA HIS A 255 7.90 -4.31 5.62
C HIS A 255 7.34 -4.57 4.20
N ALA A 256 7.90 -5.58 3.53
CA ALA A 256 7.48 -5.97 2.18
C ALA A 256 6.01 -6.32 2.07
N SER A 257 5.44 -6.06 0.90
CA SER A 257 4.04 -6.37 0.61
C SER A 257 3.96 -7.82 0.12
N VAL A 258 2.77 -8.25 -0.28
CA VAL A 258 2.57 -9.58 -0.83
C VAL A 258 3.04 -9.48 -2.28
N LEU A 259 2.65 -8.40 -2.93
CA LEU A 259 3.03 -8.16 -4.31
C LEU A 259 4.56 -8.21 -4.41
N ILE A 260 5.22 -7.57 -3.46
CA ILE A 260 6.68 -7.54 -3.44
C ILE A 260 7.27 -8.92 -3.17
N LYS A 261 6.65 -9.66 -2.26
CA LYS A 261 7.09 -11.00 -1.90
C LYS A 261 6.92 -11.96 -3.05
N VAL A 262 5.86 -11.75 -3.81
CA VAL A 262 5.57 -12.58 -4.99
C VAL A 262 6.63 -12.26 -6.02
N LYS A 263 7.09 -11.02 -6.05
CA LYS A 263 8.12 -10.65 -7.00
C LYS A 263 9.52 -11.10 -6.55
N SER A 264 9.73 -11.21 -5.24
CA SER A 264 11.04 -11.66 -4.75
C SER A 264 11.18 -13.16 -4.93
N SER A 265 10.15 -13.88 -4.53
CA SER A 265 10.24 -15.31 -4.67
C SER A 265 10.07 -15.72 -6.12
N ILE A 266 9.60 -14.81 -6.94
CA ILE A 266 9.48 -15.12 -8.35
C ILE A 266 10.88 -14.98 -8.94
N GLN A 267 11.64 -14.02 -8.40
CA GLN A 267 12.99 -13.79 -8.86
C GLN A 267 13.88 -14.93 -8.43
N GLU A 268 13.47 -15.65 -7.40
CA GLU A 268 14.23 -16.78 -6.91
C GLU A 268 14.06 -17.99 -7.81
N LEU A 269 12.99 -18.03 -8.60
CA LEU A 269 12.76 -19.18 -9.48
C LEU A 269 13.64 -19.00 -10.67
N VAL A 270 13.47 -17.84 -11.29
CA VAL A 270 14.21 -17.48 -12.46
C VAL A 270 15.70 -17.77 -12.25
N GLN A 271 16.21 -17.40 -11.09
CA GLN A 271 17.62 -17.63 -10.77
C GLN A 271 17.92 -19.11 -10.68
N LEU A 272 16.95 -19.91 -10.28
CA LEU A 272 17.16 -21.34 -10.15
C LEU A 272 17.24 -21.94 -11.51
N TYR A 273 16.38 -21.47 -12.42
CA TYR A 273 16.35 -21.96 -13.79
C TYR A 273 17.61 -21.54 -14.57
N THR A 274 18.01 -20.29 -14.42
CA THR A 274 19.19 -19.76 -15.08
C THR A 274 20.44 -20.49 -14.61
N THR A 275 20.45 -20.93 -13.36
CA THR A 275 21.61 -21.63 -12.86
C THR A 275 21.57 -23.13 -13.12
N ARG A 276 20.37 -23.71 -13.10
CA ARG A 276 20.21 -25.15 -13.27
C ARG A 276 19.75 -25.66 -14.64
N TYR A 277 19.07 -24.84 -15.44
CA TYR A 277 18.62 -25.31 -16.74
C TYR A 277 18.69 -24.19 -17.78
N GLU A 278 19.85 -23.56 -17.84
CA GLU A 278 20.09 -22.44 -18.74
C GLU A 278 19.62 -22.66 -20.17
N ASP A 279 19.86 -23.84 -20.75
CA ASP A 279 19.38 -24.01 -22.12
C ASP A 279 17.89 -24.25 -22.16
N VAL A 280 17.42 -25.21 -21.38
CA VAL A 280 15.99 -25.49 -21.36
C VAL A 280 15.22 -24.20 -21.10
N PHE A 281 15.91 -23.22 -20.56
CA PHE A 281 15.32 -21.93 -20.21
C PHE A 281 15.75 -20.85 -21.19
N GLY A 282 16.92 -21.03 -21.80
CA GLY A 282 17.50 -20.11 -22.75
C GLY A 282 16.63 -19.02 -23.35
N PRO A 283 15.63 -19.39 -24.17
CA PRO A 283 14.73 -18.43 -24.80
C PRO A 283 14.40 -17.27 -23.88
N MET A 284 13.63 -17.61 -22.85
CA MET A 284 13.10 -16.70 -21.84
C MET A 284 14.10 -15.88 -21.03
N ILE A 285 15.36 -16.28 -20.98
CA ILE A 285 16.32 -15.52 -20.17
C ILE A 285 16.39 -14.04 -20.52
N ASN A 286 16.41 -13.70 -21.80
CA ASN A 286 16.50 -12.29 -22.19
C ASN A 286 15.25 -11.48 -21.83
N GLU A 287 14.08 -12.10 -22.00
CA GLU A 287 12.85 -11.39 -21.67
C GLU A 287 12.96 -10.97 -20.21
N PHE A 288 13.51 -11.87 -19.39
CA PHE A 288 13.68 -11.65 -17.97
C PHE A 288 14.78 -10.66 -17.62
N ILE A 289 15.87 -10.70 -18.36
CA ILE A 289 16.96 -9.79 -18.10
C ILE A 289 16.45 -8.35 -18.22
N GLN A 290 15.57 -8.10 -19.18
CA GLN A 290 15.07 -6.74 -19.34
C GLN A 290 14.17 -6.33 -18.21
N ILE A 291 13.19 -7.16 -17.85
CA ILE A 291 12.31 -6.74 -16.78
C ILE A 291 13.03 -6.59 -15.45
N THR A 292 13.93 -7.52 -15.16
CA THR A 292 14.67 -7.43 -13.92
C THR A 292 15.41 -6.11 -13.87
N TRP A 293 15.82 -5.64 -15.04
CA TRP A 293 16.55 -4.40 -15.13
C TRP A 293 15.67 -3.20 -14.90
N ASN A 294 14.56 -3.14 -15.63
CA ASN A 294 13.66 -2.00 -15.48
C ASN A 294 13.03 -2.01 -14.09
N LEU A 295 12.99 -3.18 -13.47
CA LEU A 295 12.45 -3.30 -12.13
C LEU A 295 13.44 -2.75 -11.12
N LEU A 296 14.71 -3.11 -11.28
CA LEU A 296 15.76 -2.64 -10.37
C LEU A 296 15.95 -1.14 -10.46
N THR A 297 15.64 -0.56 -11.60
CA THR A 297 15.82 0.88 -11.83
C THR A 297 14.72 1.78 -11.30
N SER A 298 13.59 1.19 -10.93
CA SER A 298 12.46 1.94 -10.42
C SER A 298 12.23 1.73 -8.91
N ILE A 299 13.20 1.13 -8.24
CA ILE A 299 13.07 0.85 -6.81
C ILE A 299 13.82 1.88 -6.00
N SER A 300 13.28 2.21 -4.83
CA SER A 300 13.90 3.18 -3.94
C SER A 300 14.87 2.48 -3.01
N ASN A 301 15.70 3.24 -2.32
CA ASN A 301 16.65 2.64 -1.41
C ASN A 301 15.95 2.12 -0.16
N GLN A 302 14.62 1.99 -0.24
CA GLN A 302 13.82 1.53 0.90
C GLN A 302 13.91 0.07 1.35
N PRO A 303 14.02 -0.14 2.67
CA PRO A 303 14.14 -1.44 3.33
C PRO A 303 13.13 -2.44 2.80
N LYS A 304 11.97 -1.90 2.51
CA LYS A 304 10.81 -2.62 1.99
C LYS A 304 11.17 -3.53 0.83
N TYR A 305 12.19 -3.15 0.06
CA TYR A 305 12.59 -3.92 -1.12
C TYR A 305 13.88 -4.73 -1.04
N ASP A 306 14.63 -4.56 0.04
CA ASP A 306 15.90 -5.25 0.20
C ASP A 306 15.93 -6.67 -0.35
N ILE A 307 14.99 -7.51 0.08
CA ILE A 307 14.95 -8.88 -0.40
C ILE A 307 14.72 -8.98 -1.91
N LEU A 308 13.91 -8.08 -2.49
CA LEU A 308 13.67 -8.16 -3.92
C LEU A 308 14.91 -7.68 -4.66
N VAL A 309 15.55 -6.63 -4.14
CA VAL A 309 16.74 -6.18 -4.80
C VAL A 309 17.75 -7.35 -4.77
N SER A 310 17.81 -8.09 -3.67
CA SER A 310 18.76 -9.19 -3.61
C SER A 310 18.52 -10.21 -4.66
N LYS A 311 17.29 -10.84 -4.41
CA LYS A 311 16.84 -11.96 -5.24
C LYS A 311 16.94 -11.62 -6.73
N SER A 312 16.74 -10.36 -7.10
CA SER A 312 16.85 -10.02 -8.51
C SER A 312 18.32 -9.89 -8.91
N LEU A 313 19.19 -9.51 -7.98
CA LEU A 313 20.61 -9.41 -8.31
C LEU A 313 21.21 -10.84 -8.34
N SER A 314 20.56 -11.79 -7.66
CA SER A 314 21.06 -13.16 -7.68
C SER A 314 20.80 -13.71 -9.10
N PHE A 315 19.80 -13.13 -9.75
CA PHE A 315 19.47 -13.53 -11.10
C PHE A 315 20.47 -12.90 -12.09
N LEU A 316 20.76 -11.62 -11.93
CA LEU A 316 21.71 -10.99 -12.84
C LEU A 316 23.07 -11.67 -12.73
N THR A 317 23.44 -12.00 -11.51
CA THR A 317 24.73 -12.65 -11.23
C THR A 317 24.78 -14.05 -11.82
N ALA A 318 23.62 -14.70 -11.90
CA ALA A 318 23.51 -16.04 -12.47
C ALA A 318 23.63 -15.93 -13.98
N VAL A 319 23.19 -14.78 -14.50
CA VAL A 319 23.23 -14.47 -15.93
C VAL A 319 24.65 -14.17 -16.37
N THR A 320 25.31 -13.28 -15.65
CA THR A 320 26.67 -12.90 -15.95
C THR A 320 27.62 -14.11 -16.07
N ARG A 321 27.27 -15.22 -15.42
CA ARG A 321 28.10 -16.42 -15.49
C ARG A 321 28.07 -17.03 -16.88
N ILE A 322 27.00 -16.79 -17.63
CA ILE A 322 26.88 -17.35 -18.97
C ILE A 322 27.49 -16.42 -20.01
N PRO A 323 28.53 -16.90 -20.71
CA PRO A 323 29.20 -16.09 -21.72
C PRO A 323 28.27 -15.40 -22.71
N LYS A 324 27.28 -16.13 -23.20
CA LYS A 324 26.38 -15.51 -24.17
C LYS A 324 25.83 -14.20 -23.62
N TYR A 325 25.09 -14.25 -22.52
CA TYR A 325 24.49 -13.05 -21.96
C TYR A 325 25.50 -12.05 -21.42
N PHE A 326 26.63 -12.50 -20.88
CA PHE A 326 27.62 -11.56 -20.36
C PHE A 326 27.94 -10.50 -21.40
N GLU A 327 28.13 -10.92 -22.64
CA GLU A 327 28.46 -10.00 -23.71
C GLU A 327 27.61 -8.74 -23.71
N ILE A 328 26.43 -8.78 -23.12
CA ILE A 328 25.62 -7.57 -23.12
C ILE A 328 25.93 -6.59 -21.98
N PHE A 329 26.93 -6.89 -21.18
CA PHE A 329 27.33 -5.99 -20.11
C PHE A 329 28.76 -5.68 -20.44
N ASN A 330 29.26 -6.45 -21.38
CA ASN A 330 30.63 -6.37 -21.84
C ASN A 330 31.07 -5.08 -22.52
N ASN A 331 30.14 -4.33 -23.09
CA ASN A 331 30.50 -3.05 -23.70
C ASN A 331 30.92 -2.10 -22.57
N GLU A 332 31.61 -1.02 -22.90
CA GLU A 332 32.10 -0.08 -21.90
C GLU A 332 31.09 0.87 -21.24
N SER A 333 29.84 0.86 -21.69
CA SER A 333 28.85 1.76 -21.14
C SER A 333 27.84 1.02 -20.28
N ALA A 334 27.60 -0.24 -20.61
CA ALA A 334 26.68 -1.10 -19.85
C ALA A 334 27.33 -1.44 -18.51
N MET A 335 28.63 -1.19 -18.46
CA MET A 335 29.42 -1.30 -17.26
C MET A 335 29.14 0.01 -16.56
N ASN A 336 29.28 1.11 -17.29
CA ASN A 336 29.03 2.43 -16.71
C ASN A 336 27.57 2.56 -16.25
N ASN A 337 26.63 2.02 -17.03
CA ASN A 337 25.20 2.07 -16.69
C ASN A 337 25.00 1.28 -15.41
N ILE A 338 25.39 0.01 -15.46
CA ILE A 338 25.29 -0.89 -14.32
C ILE A 338 25.73 -0.20 -13.05
N THR A 339 26.90 0.41 -13.09
CA THR A 339 27.42 1.11 -11.93
C THR A 339 26.45 2.19 -11.48
N GLU A 340 26.21 3.14 -12.38
CA GLU A 340 25.33 4.26 -12.11
C GLU A 340 23.90 3.93 -11.77
N GLN A 341 23.34 2.93 -12.45
CA GLN A 341 21.94 2.52 -12.27
C GLN A 341 21.64 1.56 -11.13
N ILE A 342 22.38 0.47 -11.09
CA ILE A 342 22.20 -0.60 -10.12
C ILE A 342 23.07 -0.60 -8.85
N ILE A 343 24.38 -0.64 -9.00
CA ILE A 343 25.20 -0.68 -7.81
C ILE A 343 25.28 0.60 -7.00
N LEU A 344 25.81 1.66 -7.57
CA LEU A 344 25.96 2.89 -6.81
C LEU A 344 24.72 3.26 -6.00
N PRO A 345 23.53 3.17 -6.60
CA PRO A 345 22.37 3.52 -5.79
C PRO A 345 22.14 2.59 -4.59
N ASN A 346 22.17 1.28 -4.83
CA ASN A 346 21.92 0.32 -3.78
C ASN A 346 23.05 0.08 -2.79
N VAL A 347 24.24 0.57 -3.09
CA VAL A 347 25.38 0.36 -2.21
C VAL A 347 25.70 1.56 -1.30
N THR A 348 25.14 2.71 -1.62
CA THR A 348 25.38 3.92 -0.84
C THR A 348 24.72 3.83 0.53
N LEU A 349 25.46 4.29 1.54
CA LEU A 349 24.98 4.26 2.90
C LEU A 349 23.71 5.08 2.94
N ARG A 350 22.59 4.43 3.23
CA ARG A 350 21.28 5.09 3.29
C ARG A 350 20.99 5.52 4.73
N GLU A 351 20.27 6.63 4.89
CA GLU A 351 19.95 7.16 6.20
C GLU A 351 19.42 6.17 7.24
N GLU A 352 18.50 5.32 6.82
CA GLU A 352 17.91 4.34 7.73
C GLU A 352 18.98 3.44 8.38
N ASP A 353 20.07 3.19 7.65
CA ASP A 353 21.16 2.36 8.19
C ASP A 353 21.82 3.09 9.35
N VAL A 354 22.20 4.34 9.12
CA VAL A 354 22.84 5.13 10.14
C VAL A 354 22.04 5.11 11.41
N GLU A 355 20.71 5.14 11.29
CA GLU A 355 19.83 5.08 12.47
C GLU A 355 20.03 3.73 13.18
N LEU A 356 20.11 2.65 12.38
CA LEU A 356 20.31 1.32 12.95
C LEU A 356 21.65 1.29 13.66
N PHE A 357 22.67 1.81 13.03
CA PHE A 357 24.00 1.81 13.63
C PHE A 357 24.02 2.46 15.01
N GLU A 358 23.05 3.32 15.30
CA GLU A 358 22.99 3.98 16.60
C GLU A 358 21.93 3.33 17.48
N ASP A 359 20.77 3.04 16.89
CA ASP A 359 19.65 2.43 17.61
C ASP A 359 19.74 0.93 17.93
N ASP A 360 20.42 0.15 17.08
CA ASP A 360 20.57 -1.28 17.35
C ASP A 360 21.93 -1.76 16.83
N PRO A 361 23.01 -1.21 17.39
CA PRO A 361 24.42 -1.50 17.07
C PRO A 361 24.75 -2.93 16.67
N ILE A 362 24.30 -3.90 17.43
CA ILE A 362 24.60 -5.29 17.12
C ILE A 362 23.91 -5.78 15.87
N GLU A 363 22.75 -5.22 15.55
CA GLU A 363 22.04 -5.62 14.34
C GLU A 363 22.82 -5.11 13.14
N TYR A 364 23.34 -3.89 13.27
CA TYR A 364 24.16 -3.29 12.23
C TYR A 364 25.38 -4.19 12.03
N ILE A 365 25.94 -4.64 13.15
CA ILE A 365 27.11 -5.51 13.20
C ILE A 365 26.93 -6.83 12.50
N ARG A 366 25.72 -7.33 12.46
CA ARG A 366 25.49 -8.61 11.82
C ARG A 366 25.31 -8.44 10.31
N ARG A 367 24.91 -7.25 9.88
CA ARG A 367 24.69 -6.96 8.46
C ARG A 367 26.00 -6.64 7.73
N ASP A 368 27.00 -6.17 8.46
CA ASP A 368 28.29 -5.82 7.87
C ASP A 368 29.22 -7.04 7.88
N LEU A 369 29.02 -7.94 8.87
CA LEU A 369 29.70 -9.20 8.97
C LEU A 369 28.70 -10.24 8.48
N GLU A 370 29.24 -11.36 7.99
CA GLU A 370 28.43 -12.44 7.39
C GLU A 370 28.40 -13.75 8.20
N GLY A 371 27.48 -14.65 7.85
CA GLY A 371 27.32 -15.92 8.58
C GLY A 371 25.84 -16.30 8.58
N SER A 372 25.00 -15.32 8.85
CA SER A 372 23.54 -15.47 8.85
C SER A 372 22.97 -14.07 8.58
N ASP A 373 21.81 -14.03 7.93
CA ASP A 373 21.17 -12.78 7.50
C ASP A 373 21.92 -12.29 6.27
N THR A 374 22.02 -13.14 5.26
CA THR A 374 22.74 -12.69 4.08
C THR A 374 21.81 -11.99 3.13
N ASP A 375 20.64 -11.65 3.61
CA ASP A 375 19.74 -10.95 2.75
C ASP A 375 20.05 -9.44 2.88
N THR A 376 20.38 -8.83 1.76
CA THR A 376 20.76 -7.45 1.82
C THR A 376 21.07 -6.94 0.44
N ARG A 377 21.51 -5.72 0.37
CA ARG A 377 21.83 -5.25 -0.95
C ARG A 377 23.33 -5.26 -1.19
N ARG A 378 24.13 -4.84 -0.20
CA ARG A 378 25.56 -4.80 -0.47
C ARG A 378 26.12 -6.16 -0.77
N ARG A 379 25.47 -7.21 -0.27
CA ARG A 379 25.96 -8.56 -0.52
C ARG A 379 25.60 -9.03 -1.92
N ALA A 380 24.34 -8.87 -2.30
CA ALA A 380 23.91 -9.27 -3.64
C ALA A 380 24.78 -8.50 -4.64
N CYS A 381 24.90 -7.20 -4.40
CA CYS A 381 25.71 -6.38 -5.26
C CYS A 381 27.12 -6.92 -5.33
N THR A 382 27.77 -7.11 -4.20
CA THR A 382 29.13 -7.62 -4.19
C THR A 382 29.22 -8.93 -4.93
N ASP A 383 28.37 -9.89 -4.60
CA ASP A 383 28.44 -11.19 -5.27
C ASP A 383 28.30 -11.00 -6.78
N PHE A 384 27.50 -10.02 -7.21
CA PHE A 384 27.29 -9.73 -8.62
C PHE A 384 28.56 -9.17 -9.26
N LEU A 385 29.12 -8.18 -8.58
CA LEU A 385 30.34 -7.49 -9.00
C LEU A 385 31.47 -8.48 -9.16
N LYS A 386 31.51 -9.49 -8.29
CA LYS A 386 32.55 -10.49 -8.35
C LYS A 386 32.36 -11.27 -9.64
N GLU A 387 31.12 -11.50 -10.02
CA GLU A 387 30.84 -12.21 -11.26
C GLU A 387 31.20 -11.37 -12.48
N LEU A 388 31.06 -10.06 -12.35
CA LEU A 388 31.39 -9.17 -13.44
C LEU A 388 32.89 -9.05 -13.63
N LYS A 389 33.60 -8.78 -12.55
CA LYS A 389 35.04 -8.63 -12.63
C LYS A 389 35.80 -9.92 -12.92
N GLU A 390 35.15 -11.08 -12.81
CA GLU A 390 35.86 -12.31 -13.15
C GLU A 390 35.79 -12.48 -14.66
N LYS A 391 34.96 -11.67 -15.32
CA LYS A 391 34.83 -11.76 -16.77
C LYS A 391 35.73 -10.75 -17.49
N ASN A 392 35.80 -9.54 -16.96
CA ASN A 392 36.62 -8.47 -17.52
C ASN A 392 37.27 -7.59 -16.47
N GLU A 393 37.98 -8.21 -15.52
CA GLU A 393 38.66 -7.48 -14.45
C GLU A 393 38.95 -6.03 -14.79
N VAL A 394 39.67 -5.86 -15.88
CA VAL A 394 40.04 -4.54 -16.29
C VAL A 394 38.82 -3.67 -16.68
N LEU A 395 37.83 -4.22 -17.38
CA LEU A 395 36.66 -3.43 -17.74
C LEU A 395 35.99 -2.81 -16.50
N VAL A 396 35.52 -3.68 -15.62
CA VAL A 396 34.86 -3.24 -14.39
C VAL A 396 35.77 -2.41 -13.50
N THR A 397 36.93 -2.94 -13.14
CA THR A 397 37.84 -2.19 -12.29
C THR A 397 38.02 -0.75 -12.73
N ASN A 398 38.14 -0.52 -14.03
CA ASN A 398 38.36 0.83 -14.54
C ASN A 398 37.20 1.79 -14.37
N ILE A 399 36.04 1.42 -14.91
CA ILE A 399 34.92 2.33 -14.80
C ILE A 399 34.62 2.67 -13.35
N PHE A 400 34.84 1.71 -12.45
CA PHE A 400 34.59 1.96 -11.03
C PHE A 400 35.64 2.91 -10.50
N LEU A 401 36.88 2.71 -10.96
CA LEU A 401 37.98 3.54 -10.54
C LEU A 401 37.64 4.96 -10.96
N ALA A 402 37.03 5.09 -12.14
CA ALA A 402 36.65 6.40 -12.64
C ALA A 402 35.72 7.08 -11.66
N HIS A 403 34.70 6.36 -11.22
CA HIS A 403 33.73 6.89 -10.28
C HIS A 403 34.30 7.21 -8.93
N MET A 404 35.13 6.33 -8.42
CA MET A 404 35.72 6.54 -7.12
C MET A 404 36.55 7.81 -7.07
N LYS A 405 37.46 7.98 -8.04
CA LYS A 405 38.31 9.17 -8.10
C LYS A 405 37.46 10.43 -7.85
N GLY A 406 36.20 10.38 -8.27
CA GLY A 406 35.32 11.51 -8.02
C GLY A 406 34.86 11.52 -6.58
N PHE A 407 34.49 10.35 -6.07
CA PHE A 407 34.02 10.21 -4.70
C PHE A 407 35.09 10.62 -3.72
N VAL A 408 36.33 10.60 -4.17
CA VAL A 408 37.45 10.98 -3.32
C VAL A 408 37.53 12.49 -3.22
N ASP A 409 37.54 13.13 -4.39
CA ASP A 409 37.62 14.59 -4.46
C ASP A 409 36.44 15.16 -3.71
N GLN A 410 35.27 14.59 -3.94
CA GLN A 410 34.07 15.05 -3.27
C GLN A 410 34.16 14.95 -1.76
N TYR A 411 34.91 13.96 -1.27
CA TYR A 411 35.08 13.78 0.17
C TYR A 411 36.03 14.87 0.65
N MET A 412 37.12 15.03 -0.09
CA MET A 412 38.15 16.04 0.20
C MET A 412 37.56 17.43 0.44
N SER A 413 36.62 17.82 -0.41
CA SER A 413 36.00 19.13 -0.34
C SER A 413 35.31 19.49 0.99
N ASP A 414 34.71 18.52 1.68
CA ASP A 414 34.07 18.78 2.96
C ASP A 414 33.82 17.47 3.69
N PRO A 415 34.87 16.94 4.32
CA PRO A 415 34.89 15.68 5.08
C PRO A 415 33.65 15.50 5.97
N SER A 416 33.25 16.59 6.62
CA SER A 416 32.10 16.59 7.51
C SER A 416 30.77 16.38 6.78
N LYS A 417 30.66 16.94 5.59
CA LYS A 417 29.41 16.84 4.86
C LYS A 417 29.25 15.64 3.98
N ASN A 418 30.35 15.16 3.42
CA ASN A 418 30.25 14.02 2.52
C ASN A 418 31.17 12.90 2.90
N TRP A 419 30.94 12.29 4.05
CA TRP A 419 31.80 11.21 4.47
C TRP A 419 31.23 9.96 3.88
N LYS A 420 29.91 9.96 3.68
CA LYS A 420 29.23 8.81 3.13
C LYS A 420 29.91 8.40 1.82
N PHE A 421 30.67 9.32 1.25
CA PHE A 421 31.39 9.02 0.02
C PHE A 421 32.61 8.17 0.33
N LYS A 422 33.27 8.46 1.45
CA LYS A 422 34.44 7.67 1.82
C LYS A 422 33.95 6.27 2.19
N ASP A 423 32.78 6.16 2.82
CA ASP A 423 32.28 4.82 3.13
C ASP A 423 32.08 4.14 1.78
N LEU A 424 31.43 4.85 0.87
CA LEU A 424 31.13 4.36 -0.46
C LEU A 424 32.31 3.77 -1.24
N TYR A 425 33.46 4.43 -1.26
CA TYR A 425 34.54 3.83 -2.03
C TYR A 425 35.34 2.85 -1.22
N ILE A 426 35.36 3.02 0.10
CA ILE A 426 36.06 2.05 0.96
C ILE A 426 35.35 0.74 0.62
N TYR A 427 34.04 0.82 0.40
CA TYR A 427 33.27 -0.35 0.06
C TYR A 427 33.66 -0.83 -1.33
N LEU A 428 33.46 0.03 -2.33
CA LEU A 428 33.79 -0.31 -3.71
C LEU A 428 35.21 -0.89 -3.87
N PHE A 429 36.23 -0.13 -3.47
CA PHE A 429 37.59 -0.63 -3.59
C PHE A 429 37.61 -2.05 -3.05
N THR A 430 37.12 -2.21 -1.83
CA THR A 430 37.11 -3.52 -1.19
C THR A 430 36.40 -4.55 -2.06
N ALA A 431 35.20 -4.22 -2.52
CA ALA A 431 34.43 -5.12 -3.35
C ALA A 431 35.16 -5.47 -4.64
N LEU A 432 35.97 -4.54 -5.15
CA LEU A 432 36.73 -4.79 -6.38
C LEU A 432 38.04 -5.49 -6.11
N ALA A 433 38.60 -5.25 -4.91
CA ALA A 433 39.88 -5.85 -4.49
C ALA A 433 39.81 -7.34 -4.15
N ILE A 434 38.84 -7.73 -3.31
CA ILE A 434 38.68 -9.14 -2.87
C ILE A 434 38.37 -10.07 -4.02
N ASN A 435 39.23 -11.05 -4.22
CA ASN A 435 39.06 -11.88 -5.39
C ASN A 435 38.22 -13.15 -5.23
N GLY A 436 38.17 -13.74 -4.05
CA GLY A 436 37.44 -14.98 -3.92
C GLY A 436 36.33 -14.95 -2.87
N ASN A 437 36.04 -16.12 -2.32
CA ASN A 437 35.06 -16.25 -1.26
C ASN A 437 35.77 -15.96 0.06
N ILE A 438 35.47 -14.79 0.62
CA ILE A 438 36.10 -14.33 1.86
C ILE A 438 35.89 -15.32 3.04
N THR A 439 36.81 -16.28 3.12
CA THR A 439 36.84 -17.33 4.14
C THR A 439 37.18 -16.78 5.55
N ASN A 440 37.23 -17.66 6.54
CA ASN A 440 37.59 -17.24 7.90
C ASN A 440 39.08 -16.91 7.85
N ALA A 441 39.78 -17.64 7.00
CA ALA A 441 41.21 -17.49 6.79
C ALA A 441 41.51 -16.10 6.23
N GLY A 442 40.47 -15.37 5.87
CA GLY A 442 40.65 -14.03 5.33
C GLY A 442 40.38 -13.93 3.84
N VAL A 443 41.39 -13.55 3.07
CA VAL A 443 41.21 -13.39 1.64
C VAL A 443 42.34 -14.07 0.86
N SER A 444 41.99 -15.19 0.24
CA SER A 444 42.89 -16.02 -0.55
C SER A 444 43.66 -15.30 -1.67
N SER A 445 43.09 -14.22 -2.22
CA SER A 445 43.74 -13.46 -3.30
C SER A 445 43.10 -12.08 -3.49
N THR A 446 43.68 -11.26 -4.37
CA THR A 446 43.16 -9.92 -4.65
C THR A 446 43.37 -9.43 -6.08
N ASN A 447 42.54 -8.49 -6.49
CA ASN A 447 42.64 -7.87 -7.81
C ASN A 447 44.01 -7.21 -7.85
N ASN A 448 44.80 -7.61 -8.85
CA ASN A 448 46.15 -7.12 -9.03
C ASN A 448 46.23 -5.65 -9.45
N LEU A 449 45.24 -5.20 -10.21
CA LEU A 449 45.19 -3.83 -10.67
C LEU A 449 45.02 -2.87 -9.50
N LEU A 450 44.79 -3.41 -8.30
CA LEU A 450 44.63 -2.60 -7.09
C LEU A 450 45.65 -3.06 -6.06
N ASN A 451 46.09 -2.14 -5.20
CA ASN A 451 47.07 -2.48 -4.16
C ASN A 451 46.57 -2.21 -2.74
N VAL A 452 46.03 -3.26 -2.12
CA VAL A 452 45.46 -3.21 -0.77
C VAL A 452 46.28 -2.49 0.29
N VAL A 453 47.59 -2.69 0.25
CA VAL A 453 48.46 -2.09 1.24
C VAL A 453 48.52 -0.57 1.08
N ASP A 454 48.73 -0.13 -0.15
CA ASP A 454 48.81 1.29 -0.45
C ASP A 454 47.52 1.97 -0.03
N PHE A 455 46.40 1.50 -0.58
CA PHE A 455 45.09 2.05 -0.26
C PHE A 455 44.95 2.20 1.26
N PHE A 456 45.56 1.25 1.97
CA PHE A 456 45.54 1.19 3.42
C PHE A 456 46.36 2.29 4.09
N THR A 457 47.60 2.43 3.67
CA THR A 457 48.47 3.45 4.26
C THR A 457 47.97 4.85 3.93
N LYS A 458 47.45 5.00 2.71
CA LYS A 458 46.94 6.29 2.24
C LYS A 458 45.56 6.70 2.74
N GLU A 459 44.68 5.73 2.96
CA GLU A 459 43.35 6.11 3.40
C GLU A 459 42.69 5.36 4.54
N ILE A 460 43.17 4.17 4.86
CA ILE A 460 42.57 3.40 5.93
C ILE A 460 43.22 3.70 7.26
N ALA A 461 44.54 3.86 7.27
CA ALA A 461 45.25 4.15 8.51
C ALA A 461 44.88 5.52 9.06
N PRO A 462 45.10 6.58 8.28
CA PRO A 462 44.77 7.94 8.73
C PRO A 462 43.51 8.03 9.60
N ASP A 463 42.46 7.35 9.17
CA ASP A 463 41.18 7.37 9.88
C ASP A 463 41.18 6.73 11.27
N LEU A 464 42.22 5.95 11.59
CA LEU A 464 42.32 5.32 12.90
C LEU A 464 42.89 6.28 13.91
N THR A 465 43.73 7.19 13.44
CA THR A 465 44.38 8.16 14.30
C THR A 465 43.69 9.51 14.34
N SER A 466 42.86 9.80 13.34
CA SER A 466 42.15 11.08 13.28
C SER A 466 41.75 11.64 14.65
N ASN A 467 42.11 12.90 14.88
CA ASN A 467 41.72 13.61 16.09
C ASN A 467 40.19 13.50 16.17
N ASN A 468 39.52 14.33 15.40
CA ASN A 468 38.09 14.29 15.28
C ASN A 468 37.81 13.75 13.88
N ILE A 469 36.82 12.87 13.79
CA ILE A 469 36.51 12.25 12.53
C ILE A 469 35.13 12.64 12.04
N PRO A 470 34.98 12.76 10.70
CA PRO A 470 33.70 13.12 10.09
C PRO A 470 32.54 12.37 10.75
N HIS A 471 32.72 11.07 10.88
CA HIS A 471 31.73 10.19 11.48
C HIS A 471 32.37 8.86 11.89
N ILE A 472 31.93 8.36 13.04
CA ILE A 472 32.44 7.12 13.61
C ILE A 472 32.41 5.96 12.64
N ILE A 473 31.28 5.78 11.96
CA ILE A 473 31.16 4.69 11.01
C ILE A 473 32.46 4.54 10.26
N LEU A 474 33.11 5.66 9.94
CA LEU A 474 34.37 5.55 9.23
C LEU A 474 35.41 4.77 10.04
N ARG A 475 35.71 5.15 11.28
CA ARG A 475 36.70 4.38 12.05
C ARG A 475 36.29 2.92 12.00
N VAL A 476 35.00 2.68 12.11
CA VAL A 476 34.49 1.33 12.03
C VAL A 476 34.98 0.79 10.67
N ASP A 477 34.56 1.41 9.56
CA ASP A 477 34.98 0.96 8.22
C ASP A 477 36.48 0.65 8.16
N ALA A 478 37.29 1.46 8.83
CA ALA A 478 38.75 1.32 8.87
C ALA A 478 39.11 0.00 9.56
N ILE A 479 38.48 -0.25 10.72
CA ILE A 479 38.75 -1.49 11.44
C ILE A 479 38.31 -2.63 10.56
N LYS A 480 37.09 -2.57 10.04
CA LYS A 480 36.63 -3.63 9.15
C LYS A 480 37.65 -3.86 8.05
N TYR A 481 38.27 -2.79 7.55
CA TYR A 481 39.26 -2.97 6.49
C TYR A 481 40.42 -3.84 6.97
N ILE A 482 41.02 -3.49 8.10
CA ILE A 482 42.12 -4.24 8.67
C ILE A 482 41.64 -5.70 8.85
N TYR A 483 40.48 -5.86 9.48
CA TYR A 483 39.91 -7.18 9.71
C TYR A 483 39.85 -8.00 8.43
N THR A 484 39.32 -7.40 7.36
CA THR A 484 39.19 -8.10 6.11
C THR A 484 40.52 -8.42 5.43
N PHE A 485 41.38 -7.42 5.28
CA PHE A 485 42.64 -7.64 4.58
C PHE A 485 43.87 -8.09 5.39
N ARG A 486 43.66 -8.51 6.64
CA ARG A 486 44.75 -8.94 7.51
C ARG A 486 45.75 -9.85 6.80
N ASN A 487 45.26 -10.75 5.98
CA ASN A 487 46.13 -11.66 5.24
C ASN A 487 47.08 -10.95 4.31
N GLN A 488 46.63 -9.83 3.77
CA GLN A 488 47.43 -9.07 2.82
C GLN A 488 48.43 -8.10 3.44
N LEU A 489 48.23 -7.78 4.72
CA LEU A 489 49.11 -6.85 5.42
C LEU A 489 50.33 -7.55 6.01
N THR A 490 51.39 -6.78 6.23
CA THR A 490 52.62 -7.30 6.82
C THR A 490 52.32 -7.72 8.25
N LYS A 491 52.99 -8.76 8.74
CA LYS A 491 52.75 -9.17 10.12
C LYS A 491 53.16 -8.02 11.06
N ALA A 492 54.21 -7.29 10.70
CA ALA A 492 54.64 -6.16 11.52
C ALA A 492 53.63 -5.04 11.34
N GLN A 493 53.15 -4.90 10.11
CA GLN A 493 52.15 -3.88 9.76
C GLN A 493 50.92 -4.09 10.66
N LEU A 494 50.62 -5.36 10.93
CA LEU A 494 49.49 -5.72 11.77
C LEU A 494 49.80 -5.45 13.22
N ILE A 495 50.93 -5.96 13.74
CA ILE A 495 51.27 -5.75 15.15
C ILE A 495 51.38 -4.28 15.54
N GLU A 496 51.70 -3.43 14.57
CA GLU A 496 51.83 -2.02 14.85
C GLU A 496 50.45 -1.47 15.21
N LEU A 497 49.43 -2.24 14.89
CA LEU A 497 48.06 -1.81 15.13
C LEU A 497 47.44 -2.27 16.43
N MET A 498 48.11 -3.16 17.16
CA MET A 498 47.59 -3.64 18.44
C MET A 498 47.37 -2.48 19.40
N PRO A 499 48.41 -1.64 19.60
CA PRO A 499 48.33 -0.49 20.49
C PRO A 499 47.12 0.40 20.26
N ILE A 500 46.91 0.88 19.03
CA ILE A 500 45.77 1.74 18.78
C ILE A 500 44.46 0.99 18.89
N LEU A 501 44.43 -0.26 18.42
CA LEU A 501 43.22 -1.07 18.48
C LEU A 501 42.79 -1.26 19.91
N ALA A 502 43.74 -1.64 20.76
CA ALA A 502 43.44 -1.86 22.17
C ALA A 502 42.90 -0.58 22.83
N THR A 503 43.06 0.56 22.13
CA THR A 503 42.57 1.85 22.60
C THR A 503 41.05 1.89 22.50
N PHE A 504 40.55 1.41 21.36
CA PHE A 504 39.12 1.41 21.12
C PHE A 504 38.32 0.53 22.04
N LEU A 505 38.98 -0.37 22.76
CA LEU A 505 38.26 -1.24 23.66
C LEU A 505 37.78 -0.45 24.87
N GLN A 506 38.21 0.80 24.94
CA GLN A 506 37.86 1.72 26.02
C GLN A 506 37.11 2.90 25.46
N THR A 507 36.15 2.59 24.60
CA THR A 507 35.32 3.57 23.93
C THR A 507 33.89 3.10 24.16
N ASP A 508 32.96 4.03 24.24
CA ASP A 508 31.56 3.69 24.47
C ASP A 508 30.86 3.43 23.15
N GLU A 509 31.62 3.46 22.05
CA GLU A 509 31.06 3.19 20.74
C GLU A 509 30.91 1.68 20.50
N TYR A 510 29.73 1.16 20.84
CA TYR A 510 29.40 -0.25 20.71
C TYR A 510 30.08 -0.96 19.54
N VAL A 511 29.78 -0.53 18.32
CA VAL A 511 30.35 -1.15 17.14
C VAL A 511 31.86 -1.15 17.11
N VAL A 512 32.47 0.01 17.29
CA VAL A 512 33.93 0.14 17.25
C VAL A 512 34.69 -0.89 18.08
N TYR A 513 34.54 -0.85 19.40
CA TYR A 513 35.27 -1.78 20.26
C TYR A 513 34.92 -3.22 19.95
N THR A 514 33.67 -3.48 19.56
CA THR A 514 33.29 -4.83 19.20
C THR A 514 34.20 -5.22 18.03
N TYR A 515 34.11 -4.49 16.92
CA TYR A 515 34.97 -4.78 15.78
C TYR A 515 36.39 -4.82 16.27
N ALA A 516 36.73 -3.87 17.13
CA ALA A 516 38.06 -3.83 17.70
C ALA A 516 38.40 -5.22 18.24
N ALA A 517 37.56 -5.70 19.16
CA ALA A 517 37.76 -7.00 19.76
C ALA A 517 38.07 -7.99 18.66
N ILE A 518 37.06 -8.26 17.84
CA ILE A 518 37.17 -9.20 16.74
C ILE A 518 38.52 -9.20 16.04
N THR A 519 39.03 -8.01 15.76
CA THR A 519 40.30 -7.85 15.05
C THR A 519 41.56 -8.17 15.88
N ILE A 520 41.50 -7.95 17.18
CA ILE A 520 42.66 -8.26 18.02
C ILE A 520 42.71 -9.78 18.13
N GLU A 521 41.54 -10.40 18.30
CA GLU A 521 41.43 -11.84 18.41
C GLU A 521 42.10 -12.52 17.21
N LYS A 522 41.80 -12.04 16.00
CA LYS A 522 42.39 -12.60 14.79
C LYS A 522 43.90 -12.39 14.78
N ILE A 523 44.33 -11.17 15.03
CA ILE A 523 45.75 -10.82 15.06
C ILE A 523 46.59 -11.60 16.08
N LEU A 524 46.04 -11.88 17.26
CA LEU A 524 46.80 -12.61 18.27
C LEU A 524 46.95 -14.05 17.88
N THR A 525 45.89 -14.62 17.33
CA THR A 525 45.88 -16.03 16.90
C THR A 525 47.00 -16.29 15.88
N ILE A 526 47.36 -15.27 15.11
CA ILE A 526 48.40 -15.41 14.10
C ILE A 526 49.80 -15.30 14.70
N ARG A 527 50.00 -14.31 15.58
CA ARG A 527 51.29 -14.10 16.22
C ARG A 527 51.63 -15.33 17.07
N GLU A 528 50.65 -16.22 17.24
CA GLU A 528 50.81 -17.45 18.02
C GLU A 528 51.74 -18.51 17.39
N SER A 529 51.29 -19.14 16.30
CA SER A 529 52.09 -20.17 15.63
C SER A 529 53.28 -19.53 14.92
N SER A 543 52.01 -13.53 29.67
CA SER A 543 51.76 -12.35 28.85
C SER A 543 50.97 -11.29 29.65
N ASN A 544 51.57 -10.12 29.81
CA ASN A 544 50.94 -9.03 30.54
C ASN A 544 49.86 -8.43 29.65
N SER A 545 50.14 -8.37 28.35
CA SER A 545 49.23 -7.82 27.35
C SER A 545 47.83 -8.45 27.46
N THR A 546 47.80 -9.78 27.38
CA THR A 546 46.58 -10.54 27.47
C THR A 546 45.84 -10.28 28.77
N GLU A 547 46.56 -10.30 29.89
CA GLU A 547 45.91 -10.05 31.17
C GLU A 547 45.11 -8.76 31.02
N ILE A 548 45.75 -7.72 30.54
CA ILE A 548 45.08 -6.46 30.34
C ILE A 548 43.89 -6.61 29.38
N LEU A 549 44.10 -7.30 28.29
CA LEU A 549 43.05 -7.50 27.30
C LEU A 549 41.80 -8.21 27.83
N LEU A 550 41.97 -9.34 28.51
CA LEU A 550 40.80 -10.03 29.01
C LEU A 550 40.00 -9.07 29.89
N LYS A 551 40.68 -8.49 30.87
CA LYS A 551 40.10 -7.55 31.81
C LYS A 551 39.25 -6.48 31.09
N ASN A 552 39.77 -5.94 29.99
CA ASN A 552 39.05 -4.93 29.20
C ASN A 552 37.88 -5.53 28.45
N LEU A 553 38.09 -6.74 27.93
CA LEU A 553 37.02 -7.40 27.19
C LEU A 553 35.89 -7.76 28.12
N ILE A 554 36.22 -8.23 29.32
CA ILE A 554 35.17 -8.60 30.26
C ILE A 554 34.47 -7.34 30.70
N ALA A 555 35.25 -6.30 31.02
CA ALA A 555 34.66 -5.03 31.42
C ALA A 555 33.57 -4.60 30.41
N LEU A 556 33.86 -4.73 29.11
CA LEU A 556 32.91 -4.37 28.05
C LEU A 556 31.67 -5.24 27.97
N ILE A 557 31.72 -6.40 28.62
CA ILE A 557 30.59 -7.33 28.61
C ILE A 557 29.55 -6.95 29.64
N LEU A 558 29.98 -6.22 30.64
CA LEU A 558 29.08 -5.77 31.70
C LEU A 558 28.68 -4.30 31.46
N LYS A 559 29.55 -3.59 30.74
CA LYS A 559 29.38 -2.18 30.39
C LYS A 559 27.99 -1.81 29.88
N HIS A 560 27.21 -2.80 29.50
CA HIS A 560 25.86 -2.55 28.98
C HIS A 560 24.78 -2.94 29.97
N GLY A 561 25.19 -3.34 31.17
CA GLY A 561 24.21 -3.73 32.17
C GLY A 561 24.20 -5.24 32.33
N SER A 562 23.62 -5.70 33.43
CA SER A 562 23.57 -7.12 33.73
C SER A 562 22.32 -7.89 33.26
N SER A 563 21.28 -7.18 32.82
CA SER A 563 20.03 -7.80 32.34
C SER A 563 20.26 -8.98 31.39
N PRO A 564 19.66 -10.13 31.69
CA PRO A 564 19.81 -11.34 30.86
C PRO A 564 19.79 -11.17 29.34
N GLU A 565 18.75 -10.53 28.82
CA GLU A 565 18.62 -10.34 27.38
C GLU A 565 19.76 -9.53 26.78
N LYS A 566 20.01 -8.37 27.37
CA LYS A 566 21.06 -7.47 26.88
C LYS A 566 22.45 -8.03 27.12
N LEU A 567 22.68 -8.58 28.31
CA LEU A 567 23.97 -9.15 28.66
C LEU A 567 24.53 -10.16 27.64
N ALA A 568 23.68 -11.11 27.25
CA ALA A 568 24.06 -12.15 26.31
C ALA A 568 24.03 -11.68 24.88
N GLU A 569 23.71 -10.40 24.69
CA GLU A 569 23.63 -9.78 23.37
C GLU A 569 24.85 -9.92 22.49
N ASN A 570 25.98 -9.40 22.99
CA ASN A 570 27.21 -9.45 22.22
C ASN A 570 28.01 -10.75 22.33
N GLU A 571 27.73 -11.67 21.42
CA GLU A 571 28.37 -12.98 21.30
C GLU A 571 29.83 -12.84 20.79
N PHE A 572 30.10 -11.76 20.07
CA PHE A 572 31.41 -11.48 19.50
C PHE A 572 32.45 -11.23 20.54
N LEU A 573 32.04 -10.54 21.60
CA LEU A 573 32.96 -10.24 22.68
C LEU A 573 33.30 -11.53 23.43
N MET A 574 32.27 -12.29 23.80
CA MET A 574 32.49 -13.53 24.52
C MET A 574 33.27 -14.56 23.69
N ARG A 575 33.08 -14.58 22.37
CA ARG A 575 33.83 -15.54 21.57
C ARG A 575 35.29 -15.08 21.53
N SER A 576 35.50 -13.77 21.61
CA SER A 576 36.85 -13.24 21.58
C SER A 576 37.59 -13.52 22.89
N ILE A 577 36.90 -13.41 24.01
CA ILE A 577 37.53 -13.70 25.29
C ILE A 577 38.01 -15.13 25.19
N PHE A 578 37.11 -16.01 24.76
CA PHE A 578 37.44 -17.42 24.62
C PHE A 578 38.71 -17.64 23.83
N ARG A 579 38.82 -16.94 22.71
CA ARG A 579 39.99 -17.11 21.86
C ARG A 579 41.24 -16.48 22.38
N VAL A 580 41.12 -15.55 23.32
CA VAL A 580 42.32 -14.96 23.90
C VAL A 580 42.88 -16.04 24.83
N LEU A 581 41.98 -16.69 25.56
CA LEU A 581 42.29 -17.75 26.52
C LEU A 581 42.88 -18.94 25.77
N GLN A 582 42.35 -19.15 24.57
CA GLN A 582 42.75 -20.24 23.71
C GLN A 582 44.19 -20.05 23.22
N THR A 583 44.67 -18.82 23.32
CA THR A 583 46.01 -18.52 22.91
C THR A 583 46.94 -18.57 24.11
N SER A 584 46.63 -17.85 25.17
CA SER A 584 47.49 -17.88 26.34
C SER A 584 47.30 -19.16 27.19
N GLU A 585 47.53 -20.37 26.65
CA GLU A 585 47.36 -21.55 27.52
C GLU A 585 48.38 -21.54 28.68
N ASP A 586 47.82 -21.50 29.88
CA ASP A 586 48.54 -21.55 31.15
C ASP A 586 49.51 -20.44 31.36
N SER A 587 49.28 -19.33 30.66
CA SER A 587 50.15 -18.18 30.85
C SER A 587 49.77 -17.34 32.03
N ILE A 588 48.52 -17.59 32.38
CA ILE A 588 47.91 -16.63 33.23
C ILE A 588 47.18 -17.33 34.33
N GLN A 589 47.71 -18.48 34.71
CA GLN A 589 47.12 -19.29 35.77
C GLN A 589 46.63 -18.49 36.96
N PRO A 590 47.42 -17.49 37.41
CA PRO A 590 46.98 -16.69 38.56
C PRO A 590 45.68 -15.88 38.37
N LEU A 591 45.31 -15.61 37.13
CA LEU A 591 44.12 -14.82 36.88
C LEU A 591 42.83 -15.63 36.73
N PHE A 592 42.97 -16.92 36.45
CA PHE A 592 41.80 -17.79 36.25
C PHE A 592 40.68 -17.68 37.26
N PRO A 593 40.94 -17.97 38.52
CA PRO A 593 39.87 -17.88 39.51
C PRO A 593 38.97 -16.66 39.35
N GLN A 594 39.54 -15.46 39.26
CA GLN A 594 38.72 -14.26 39.13
C GLN A 594 37.88 -14.31 37.86
N LEU A 595 38.49 -14.83 36.79
CA LEU A 595 37.81 -14.97 35.52
C LEU A 595 36.68 -15.95 35.64
N LEU A 596 37.02 -17.13 36.14
CA LEU A 596 36.02 -18.17 36.30
C LEU A 596 34.86 -17.65 37.11
N ALA A 597 35.19 -16.94 38.19
CA ALA A 597 34.18 -16.38 39.07
C ALA A 597 33.26 -15.42 38.32
N GLN A 598 33.82 -14.64 37.38
CA GLN A 598 33.00 -13.71 36.61
C GLN A 598 32.17 -14.45 35.56
N PHE A 599 32.77 -15.44 34.93
CA PHE A 599 32.07 -16.25 33.93
C PHE A 599 30.85 -16.88 34.60
N ILE A 600 31.07 -17.55 35.73
CA ILE A 600 29.96 -18.16 36.46
C ILE A 600 28.91 -17.09 36.77
N GLU A 601 29.39 -15.91 37.15
CA GLU A 601 28.51 -14.81 37.48
C GLU A 601 27.62 -14.44 36.29
N ILE A 602 28.14 -14.64 35.09
CA ILE A 602 27.38 -14.34 33.89
C ILE A 602 26.37 -15.44 33.67
N VAL A 603 26.80 -16.68 33.97
CA VAL A 603 25.95 -17.87 33.86
C VAL A 603 24.72 -17.71 34.76
N THR A 604 24.97 -17.40 36.03
CA THR A 604 23.91 -17.22 36.97
C THR A 604 22.90 -16.22 36.44
N ILE A 605 23.35 -15.07 36.00
CA ILE A 605 22.40 -14.10 35.49
C ILE A 605 21.59 -14.65 34.33
N MET A 606 22.30 -15.27 33.39
CA MET A 606 21.68 -15.81 32.19
C MET A 606 20.71 -16.94 32.43
N ALA A 607 20.93 -17.70 33.48
CA ALA A 607 20.06 -18.81 33.79
C ALA A 607 18.62 -18.29 33.87
N LYS A 608 18.49 -17.04 34.32
CA LYS A 608 17.18 -16.39 34.46
C LYS A 608 16.43 -16.29 33.13
N ASN A 609 17.17 -16.08 32.04
CA ASN A 609 16.55 -15.99 30.75
C ASN A 609 17.57 -16.23 29.65
N PRO A 610 17.90 -17.51 29.39
CA PRO A 610 18.86 -17.90 28.37
C PRO A 610 18.52 -17.33 27.00
N SER A 611 19.23 -16.28 26.60
CA SER A 611 19.01 -15.69 25.27
C SER A 611 20.33 -15.85 24.50
N ASN A 612 20.27 -15.73 23.18
CA ASN A 612 21.45 -15.86 22.35
C ASN A 612 22.32 -17.08 22.66
N PRO A 613 21.98 -18.22 22.04
CA PRO A 613 22.71 -19.46 22.24
C PRO A 613 24.20 -19.31 21.94
N ARG A 614 24.55 -18.65 20.84
CA ARG A 614 25.95 -18.46 20.51
C ARG A 614 26.70 -17.98 21.76
N PHE A 615 26.23 -16.89 22.36
CA PHE A 615 26.84 -16.35 23.58
C PHE A 615 26.97 -17.44 24.66
N THR A 616 25.83 -18.07 24.97
CA THR A 616 25.79 -19.14 25.95
C THR A 616 26.94 -20.10 25.68
N HIS A 617 27.07 -20.50 24.42
CA HIS A 617 28.10 -21.42 24.03
C HIS A 617 29.51 -20.95 24.42
N TYR A 618 29.94 -19.84 23.83
CA TYR A 618 31.28 -19.34 24.11
C TYR A 618 31.59 -19.08 25.58
N THR A 619 30.57 -18.75 26.37
CA THR A 619 30.81 -18.53 27.78
C THR A 619 31.34 -19.84 28.38
N PHE A 620 30.66 -20.94 28.09
CA PHE A 620 31.08 -22.26 28.58
C PHE A 620 32.43 -22.67 28.03
N GLU A 621 32.70 -22.36 26.75
CA GLU A 621 33.99 -22.67 26.12
C GLU A 621 35.11 -21.95 26.86
N SER A 622 34.85 -20.71 27.25
CA SER A 622 35.83 -19.91 27.99
C SER A 622 36.06 -20.60 29.32
N ILE A 623 34.96 -20.89 30.01
CA ILE A 623 35.04 -21.58 31.29
C ILE A 623 35.80 -22.88 31.06
N GLY A 624 35.33 -23.59 30.04
CA GLY A 624 35.93 -24.85 29.68
C GLY A 624 37.43 -24.70 29.59
N ALA A 625 37.88 -23.63 28.93
CA ALA A 625 39.30 -23.41 28.78
C ALA A 625 40.00 -23.24 30.12
N ILE A 626 39.58 -22.24 30.90
CA ILE A 626 40.19 -22.01 32.21
C ILE A 626 40.48 -23.30 32.94
N LEU A 627 39.47 -24.18 33.06
CA LEU A 627 39.64 -25.47 33.74
C LEU A 627 40.68 -26.36 33.07
N ASN A 628 40.71 -26.32 31.74
CA ASN A 628 41.63 -27.14 30.97
C ASN A 628 43.07 -26.80 31.29
N TYR A 629 43.31 -25.53 31.53
CA TYR A 629 44.67 -25.09 31.79
C TYR A 629 45.04 -24.98 33.27
N THR A 630 44.05 -24.94 34.15
CA THR A 630 44.36 -24.86 35.58
C THR A 630 45.16 -26.11 35.96
N GLN A 631 45.90 -26.04 37.04
CA GLN A 631 46.68 -27.17 37.52
C GLN A 631 45.77 -28.02 38.39
N ARG A 632 45.78 -29.34 38.20
CA ARG A 632 44.93 -30.22 38.98
C ARG A 632 44.81 -29.83 40.45
N GLN A 633 45.95 -29.65 41.13
CA GLN A 633 45.96 -29.29 42.54
C GLN A 633 45.18 -28.01 42.86
N ASN A 634 44.95 -27.18 41.85
CA ASN A 634 44.20 -25.95 42.07
C ASN A 634 42.89 -25.98 41.35
N LEU A 635 42.47 -27.18 41.02
CA LEU A 635 41.20 -27.35 40.34
C LEU A 635 40.06 -27.16 41.34
N PRO A 636 40.19 -27.73 42.55
CA PRO A 636 39.18 -27.65 43.59
C PRO A 636 38.49 -26.29 43.79
N LEU A 637 39.25 -25.29 44.24
CA LEU A 637 38.69 -23.96 44.46
C LEU A 637 37.72 -23.56 43.33
N LEU A 638 38.10 -23.89 42.11
CA LEU A 638 37.31 -23.59 40.92
C LEU A 638 35.99 -24.35 40.99
N VAL A 639 36.06 -25.63 41.33
CA VAL A 639 34.87 -26.47 41.43
C VAL A 639 33.88 -25.95 42.46
N ASP A 640 34.39 -25.37 43.55
CA ASP A 640 33.53 -24.85 44.60
C ASP A 640 32.88 -23.52 44.21
N SER A 641 33.38 -22.89 43.16
CA SER A 641 32.80 -21.62 42.74
C SER A 641 31.75 -21.78 41.66
N MET A 642 31.70 -22.97 41.07
CA MET A 642 30.74 -23.26 40.00
C MET A 642 29.65 -24.21 40.41
N MET A 643 29.98 -25.19 41.24
CA MET A 643 29.00 -26.16 41.67
C MET A 643 27.67 -25.56 42.12
N PRO A 644 27.70 -24.63 43.09
CA PRO A 644 26.48 -23.98 43.58
C PRO A 644 25.67 -23.42 42.43
N THR A 645 26.38 -22.78 41.50
CA THR A 645 25.76 -22.17 40.34
C THR A 645 25.19 -23.24 39.39
N PHE A 646 25.89 -24.37 39.27
CA PHE A 646 25.50 -25.50 38.40
C PHE A 646 24.34 -26.31 38.96
N LEU A 647 24.36 -26.55 40.27
CA LEU A 647 23.31 -27.31 40.93
C LEU A 647 21.97 -26.66 40.65
N THR A 648 21.99 -25.33 40.70
CA THR A 648 20.79 -24.57 40.44
C THR A 648 20.43 -24.73 38.98
N VAL A 649 21.43 -25.06 38.15
CA VAL A 649 21.14 -25.22 36.75
C VAL A 649 20.22 -26.42 36.67
N PHE A 650 20.57 -27.44 37.44
CA PHE A 650 19.79 -28.66 37.46
C PHE A 650 18.44 -28.48 38.15
N SER A 651 18.45 -28.07 39.42
CA SER A 651 17.19 -27.89 40.17
C SER A 651 16.09 -27.26 39.31
N GLU A 652 16.47 -26.37 38.40
CA GLU A 652 15.50 -25.76 37.49
C GLU A 652 16.02 -26.17 36.11
N ASP A 653 15.57 -27.33 35.62
CA ASP A 653 16.05 -27.83 34.34
C ASP A 653 16.08 -26.79 33.22
N ILE A 654 17.24 -26.13 33.10
CA ILE A 654 17.51 -25.11 32.09
C ILE A 654 18.19 -25.88 30.98
N GLN A 655 17.37 -26.43 30.09
CA GLN A 655 17.86 -27.25 29.00
C GLN A 655 18.87 -26.56 28.09
N GLU A 656 18.95 -25.24 28.16
CA GLU A 656 19.91 -24.52 27.32
C GLU A 656 21.34 -24.60 27.86
N PHE A 657 21.47 -24.92 29.14
CA PHE A 657 22.77 -24.97 29.80
C PHE A 657 23.23 -26.34 30.22
N ILE A 658 22.27 -27.22 30.48
CA ILE A 658 22.60 -28.55 30.92
C ILE A 658 23.67 -29.29 30.16
N PRO A 659 23.55 -29.38 28.82
CA PRO A 659 24.56 -30.08 28.02
C PRO A 659 25.99 -29.59 28.36
N TYR A 660 26.12 -28.29 28.56
CA TYR A 660 27.38 -27.71 28.88
C TYR A 660 27.87 -28.15 30.25
N VAL A 661 27.01 -27.99 31.26
CA VAL A 661 27.37 -28.36 32.63
C VAL A 661 27.81 -29.81 32.74
N PHE A 662 27.05 -30.72 32.14
CA PHE A 662 27.41 -32.14 32.15
C PHE A 662 28.86 -32.28 31.71
N GLN A 663 29.13 -31.78 30.50
CA GLN A 663 30.46 -31.85 29.91
C GLN A 663 31.55 -31.35 30.86
N ILE A 664 31.35 -30.14 31.39
CA ILE A 664 32.29 -29.55 32.29
C ILE A 664 32.49 -30.43 33.51
N ILE A 665 31.45 -30.57 34.33
CA ILE A 665 31.53 -31.43 35.52
C ILE A 665 32.15 -32.78 35.10
N ALA A 666 31.72 -33.31 33.97
CA ALA A 666 32.29 -34.56 33.48
C ALA A 666 33.81 -34.39 33.41
N PHE A 667 34.24 -33.33 32.74
CA PHE A 667 35.67 -33.02 32.60
C PHE A 667 36.32 -33.01 33.97
N VAL A 668 35.79 -32.15 34.85
CA VAL A 668 36.27 -32.01 36.22
C VAL A 668 36.49 -33.34 36.93
N VAL A 669 35.57 -34.27 36.73
CA VAL A 669 35.67 -35.59 37.36
C VAL A 669 36.78 -36.42 36.75
N GLU A 670 36.86 -36.43 35.43
CA GLU A 670 37.89 -37.20 34.75
C GLU A 670 39.27 -36.76 35.24
N GLN A 671 39.34 -35.53 35.71
CA GLN A 671 40.60 -34.93 36.17
C GLN A 671 40.98 -35.21 37.61
N SER A 672 40.00 -35.35 38.49
CA SER A 672 40.33 -35.58 39.88
C SER A 672 40.59 -37.04 40.12
N ALA A 673 41.27 -37.31 41.24
CA ALA A 673 41.61 -38.68 41.61
C ALA A 673 40.46 -39.26 42.42
N THR A 674 39.59 -38.36 42.87
CA THR A 674 38.42 -38.74 43.63
C THR A 674 37.29 -37.82 43.23
N ILE A 675 36.08 -38.29 43.39
CA ILE A 675 34.94 -37.48 43.05
C ILE A 675 34.73 -36.42 44.12
N PRO A 676 34.80 -35.15 43.72
CA PRO A 676 34.60 -34.06 44.68
C PRO A 676 33.21 -34.12 45.31
N GLU A 677 33.18 -34.21 46.63
CA GLU A 677 31.93 -34.31 47.39
C GLU A 677 30.80 -33.39 46.96
N SER A 678 31.09 -32.29 46.28
CA SER A 678 30.02 -31.40 45.86
C SER A 678 29.44 -31.88 44.53
N ILE A 679 29.94 -33.02 44.08
CA ILE A 679 29.52 -33.61 42.81
C ILE A 679 28.97 -35.03 42.99
N LYS A 680 29.34 -35.69 44.08
CA LYS A 680 28.86 -37.05 44.31
C LYS A 680 27.34 -37.20 44.26
N PRO A 681 26.58 -36.26 44.84
CA PRO A 681 25.13 -36.40 44.78
C PRO A 681 24.56 -36.48 43.37
N LEU A 682 25.36 -36.09 42.37
CA LEU A 682 24.91 -36.13 40.97
C LEU A 682 24.87 -37.52 40.40
N ALA A 683 25.81 -38.37 40.81
CA ALA A 683 25.89 -39.74 40.33
C ALA A 683 24.56 -40.49 40.22
N GLN A 684 23.92 -40.77 41.36
CA GLN A 684 22.66 -41.50 41.33
C GLN A 684 21.54 -40.90 40.45
N PRO A 685 21.14 -39.66 40.71
CA PRO A 685 20.08 -39.08 39.91
C PRO A 685 20.37 -39.18 38.42
N LEU A 686 21.64 -39.38 38.11
CA LEU A 686 22.10 -39.48 36.74
C LEU A 686 21.88 -40.87 36.17
N LEU A 687 21.20 -41.73 36.95
CA LEU A 687 20.90 -43.07 36.49
C LEU A 687 19.42 -43.09 36.09
N ALA A 688 18.71 -42.02 36.41
CA ALA A 688 17.29 -41.92 36.11
C ALA A 688 17.05 -41.92 34.62
N PRO A 689 16.34 -42.92 34.12
CA PRO A 689 16.02 -43.10 32.70
C PRO A 689 15.51 -41.85 32.03
N ASN A 690 14.81 -41.01 32.79
CA ASN A 690 14.30 -39.79 32.22
C ASN A 690 15.45 -39.11 31.48
N VAL A 691 16.53 -38.83 32.20
CA VAL A 691 17.68 -38.14 31.61
C VAL A 691 18.20 -38.73 30.29
N TRP A 692 17.96 -40.02 30.07
CA TRP A 692 18.41 -40.70 28.86
C TRP A 692 17.41 -40.72 27.72
N GLU A 693 16.35 -39.94 27.83
CA GLU A 693 15.36 -39.91 26.76
C GLU A 693 15.38 -38.56 26.10
N LEU A 694 16.42 -37.78 26.36
CA LEU A 694 16.57 -36.44 25.76
C LEU A 694 17.63 -36.50 24.65
N LYS A 695 17.15 -36.76 23.44
CA LYS A 695 18.02 -36.92 22.28
C LYS A 695 19.36 -36.15 22.23
N GLY A 696 19.33 -34.85 22.44
CA GLY A 696 20.57 -34.10 22.33
C GLY A 696 21.55 -34.06 23.48
N ASN A 697 21.24 -34.74 24.57
CA ASN A 697 22.13 -34.75 25.73
C ASN A 697 22.89 -36.04 25.94
N ILE A 698 22.63 -37.01 25.09
CA ILE A 698 23.27 -38.28 25.26
C ILE A 698 24.79 -38.30 25.18
N PRO A 699 25.38 -37.71 24.14
CA PRO A 699 26.83 -37.77 24.09
C PRO A 699 27.39 -37.19 25.38
N ALA A 700 26.84 -36.04 25.78
CA ALA A 700 27.30 -35.38 26.99
C ALA A 700 27.08 -36.16 28.30
N VAL A 701 25.96 -36.88 28.41
CA VAL A 701 25.69 -37.64 29.63
C VAL A 701 26.52 -38.91 29.69
N THR A 702 26.68 -39.63 28.58
CA THR A 702 27.47 -40.85 28.66
C THR A 702 28.92 -40.48 28.92
N ARG A 703 29.24 -39.20 28.83
CA ARG A 703 30.60 -38.81 29.14
C ARG A 703 30.61 -38.73 30.69
N LEU A 704 29.58 -38.14 31.29
CA LEU A 704 29.53 -38.01 32.75
C LEU A 704 29.49 -39.36 33.42
N LEU A 705 28.55 -40.21 33.02
CA LEU A 705 28.51 -41.52 33.63
C LEU A 705 29.91 -42.09 33.48
N LYS A 706 30.44 -42.06 32.26
CA LYS A 706 31.78 -42.59 32.01
C LYS A 706 32.83 -42.12 33.01
N SER A 707 32.81 -40.85 33.41
CA SER A 707 33.81 -40.37 34.35
C SER A 707 33.61 -40.98 35.74
N PHE A 708 32.40 -40.88 36.27
CA PHE A 708 32.17 -41.45 37.59
C PHE A 708 32.73 -42.85 37.63
N ILE A 709 32.39 -43.66 36.63
CA ILE A 709 32.89 -45.02 36.58
C ILE A 709 34.42 -45.04 36.67
N LYS A 710 35.09 -44.36 35.76
CA LYS A 710 36.54 -44.36 35.81
C LYS A 710 37.10 -43.90 37.13
N THR A 711 36.67 -42.74 37.59
CA THR A 711 37.20 -42.22 38.84
C THR A 711 36.81 -43.00 40.11
N ASP A 712 35.60 -43.56 40.18
CA ASP A 712 35.20 -44.33 41.34
C ASP A 712 33.91 -45.14 41.16
N SER A 713 34.08 -46.42 40.84
CA SER A 713 32.97 -47.33 40.62
C SER A 713 32.19 -47.58 41.90
N SER A 714 32.90 -47.46 43.02
CA SER A 714 32.28 -47.65 44.33
C SER A 714 31.11 -46.68 44.54
N ILE A 715 30.98 -45.67 43.70
CA ILE A 715 29.90 -44.73 43.89
C ILE A 715 28.59 -45.34 43.40
N PHE A 716 28.70 -46.50 42.75
CA PHE A 716 27.55 -47.20 42.23
C PHE A 716 27.43 -48.58 42.86
N PRO A 717 26.99 -48.62 44.13
CA PRO A 717 26.81 -49.83 44.92
C PRO A 717 26.02 -50.94 44.20
N ASP A 718 25.13 -50.56 43.29
CA ASP A 718 24.34 -51.54 42.56
C ASP A 718 24.49 -51.27 41.06
N LEU A 719 25.21 -52.14 40.36
CA LEU A 719 25.47 -51.96 38.95
C LEU A 719 24.26 -52.14 38.06
N VAL A 720 23.25 -52.82 38.57
CA VAL A 720 22.06 -53.11 37.81
C VAL A 720 21.49 -51.93 37.01
N PRO A 721 21.23 -50.78 37.67
CA PRO A 721 20.68 -49.66 36.89
C PRO A 721 21.68 -49.18 35.84
N VAL A 722 22.98 -49.35 36.11
CA VAL A 722 23.98 -48.93 35.13
C VAL A 722 23.82 -49.75 33.86
N LEU A 723 23.95 -51.07 33.97
CA LEU A 723 23.77 -51.94 32.84
C LEU A 723 22.39 -51.65 32.24
N GLY A 724 21.57 -50.88 32.97
CA GLY A 724 20.26 -50.53 32.47
C GLY A 724 20.46 -49.55 31.32
N ILE A 725 21.35 -48.60 31.55
CA ILE A 725 21.70 -47.62 30.56
C ILE A 725 22.41 -48.34 29.41
N PHE A 726 23.41 -49.17 29.72
CA PHE A 726 24.12 -49.92 28.69
C PHE A 726 23.15 -50.62 27.75
N GLN A 727 22.12 -51.24 28.32
CA GLN A 727 21.14 -51.92 27.50
C GLN A 727 20.35 -50.94 26.64
N ARG A 728 19.94 -49.85 27.24
CA ARG A 728 19.20 -48.86 26.50
C ARG A 728 20.00 -48.44 25.26
N LEU A 729 21.26 -48.03 25.45
CA LEU A 729 22.12 -47.59 24.36
C LEU A 729 22.51 -48.67 23.33
N ILE A 730 23.22 -49.70 23.76
CA ILE A 730 23.68 -50.78 22.86
C ILE A 730 22.62 -51.47 21.98
N ALA A 731 21.36 -51.11 22.16
CA ALA A 731 20.29 -51.73 21.39
C ALA A 731 19.80 -50.79 20.31
N SER A 732 20.14 -49.51 20.49
CA SER A 732 19.76 -48.44 19.58
C SER A 732 20.76 -48.23 18.45
N LYS A 733 20.42 -48.66 17.24
CA LYS A 733 21.34 -48.47 16.14
C LYS A 733 21.92 -47.08 16.25
N ALA A 734 21.07 -46.09 16.54
CA ALA A 734 21.54 -44.71 16.64
C ALA A 734 22.53 -44.48 17.76
N TYR A 735 22.49 -45.29 18.81
CA TYR A 735 23.39 -45.08 19.93
C TYR A 735 24.43 -46.16 20.19
N GLU A 736 24.72 -47.05 19.23
CA GLU A 736 25.70 -48.11 19.46
C GLU A 736 26.99 -47.51 19.97
N VAL A 737 27.51 -46.55 19.21
CA VAL A 737 28.74 -45.94 19.62
C VAL A 737 28.69 -45.61 21.11
N HIS A 738 27.63 -45.00 21.57
CA HIS A 738 27.55 -44.72 22.99
C HIS A 738 27.56 -46.02 23.79
N GLY A 739 26.96 -47.06 23.22
CA GLY A 739 26.93 -48.34 23.89
C GLY A 739 28.34 -48.75 24.24
N PHE A 740 29.10 -49.12 23.21
CA PHE A 740 30.47 -49.54 23.42
C PHE A 740 31.26 -48.59 24.32
N ASP A 741 31.29 -47.30 23.99
CA ASP A 741 32.04 -46.36 24.82
C ASP A 741 31.85 -46.60 26.33
N LEU A 742 30.58 -46.83 26.71
CA LEU A 742 30.24 -47.08 28.10
C LEU A 742 30.78 -48.43 28.56
N LEU A 743 30.63 -49.44 27.72
CA LEU A 743 31.10 -50.77 28.04
C LEU A 743 32.60 -50.86 28.20
N GLU A 744 33.34 -50.15 27.36
CA GLU A 744 34.80 -50.17 27.49
C GLU A 744 35.06 -49.86 28.97
N HIS A 745 34.53 -48.75 29.46
CA HIS A 745 34.74 -48.42 30.85
C HIS A 745 34.31 -49.47 31.83
N ILE A 746 33.09 -49.98 31.68
CA ILE A 746 32.53 -51.00 32.55
C ILE A 746 33.41 -52.20 32.75
N MET A 747 33.83 -52.77 31.63
CA MET A 747 34.61 -54.00 31.64
C MET A 747 36.09 -53.88 31.93
N LEU A 748 36.68 -52.74 31.58
CA LEU A 748 38.10 -52.58 31.81
C LEU A 748 38.37 -51.79 33.10
N LEU A 749 37.35 -51.20 33.73
CA LEU A 749 37.61 -50.43 34.93
C LEU A 749 36.92 -50.86 36.24
N ILE A 750 35.98 -51.78 36.16
CA ILE A 750 35.29 -52.28 37.34
C ILE A 750 35.81 -53.67 37.59
N ASP A 751 35.89 -54.05 38.85
CA ASP A 751 36.39 -55.35 39.22
C ASP A 751 35.54 -56.50 38.73
N MET A 752 36.20 -57.60 38.40
CA MET A 752 35.55 -58.78 37.90
C MET A 752 34.58 -59.41 38.88
N ASN A 753 35.05 -59.69 40.09
CA ASN A 753 34.21 -60.29 41.11
C ASN A 753 32.98 -59.44 41.39
N ARG A 754 32.90 -58.28 40.75
CA ARG A 754 31.77 -57.40 40.93
C ARG A 754 30.98 -57.27 39.63
N LEU A 755 31.52 -57.88 38.58
CA LEU A 755 30.93 -57.90 37.25
C LEU A 755 30.54 -59.34 36.90
N ARG A 756 31.18 -60.29 37.58
CA ARG A 756 30.94 -61.71 37.34
C ARG A 756 29.45 -62.09 37.15
N PRO A 757 28.48 -61.33 37.69
CA PRO A 757 27.11 -61.82 37.44
C PRO A 757 26.39 -61.20 36.28
N TYR A 758 26.93 -60.11 35.74
CA TYR A 758 26.27 -59.46 34.60
C TYR A 758 27.00 -59.74 33.30
N ILE A 759 28.14 -60.40 33.40
CA ILE A 759 28.88 -60.68 32.20
C ILE A 759 28.07 -61.51 31.21
N LYS A 760 27.30 -62.50 31.69
CA LYS A 760 26.55 -63.31 30.73
C LYS A 760 25.57 -62.44 29.97
N GLN A 761 24.90 -61.55 30.69
CA GLN A 761 23.92 -60.64 30.14
C GLN A 761 24.53 -59.74 29.02
N ILE A 762 25.65 -59.10 29.34
CA ILE A 762 26.36 -58.23 28.40
C ILE A 762 26.57 -59.04 27.13
N ALA A 763 27.27 -60.15 27.26
CA ALA A 763 27.54 -61.03 26.14
C ALA A 763 26.31 -61.22 25.25
N VAL A 764 25.18 -61.58 25.87
CA VAL A 764 23.93 -61.80 25.13
C VAL A 764 23.44 -60.60 24.34
N LEU A 765 23.43 -59.42 24.95
CA LEU A 765 22.98 -58.19 24.28
C LEU A 765 23.93 -57.85 23.12
N LEU A 766 25.21 -58.05 23.36
CA LEU A 766 26.21 -57.75 22.36
C LEU A 766 26.02 -58.60 21.12
N LEU A 767 25.51 -59.81 21.31
CA LEU A 767 25.31 -60.70 20.16
C LEU A 767 23.89 -60.68 19.60
N GLN A 768 22.93 -60.17 20.36
CA GLN A 768 21.55 -60.10 19.87
C GLN A 768 21.50 -59.05 18.81
N ARG A 769 22.29 -58.00 19.00
CA ARG A 769 22.36 -56.92 18.04
C ARG A 769 23.15 -57.40 16.83
N LEU A 770 23.92 -58.46 17.02
CA LEU A 770 24.69 -59.00 15.91
C LEU A 770 23.73 -59.82 15.04
N GLN A 771 23.11 -60.85 15.61
CA GLN A 771 22.14 -61.72 14.90
C GLN A 771 20.92 -61.10 14.20
N ASN A 772 20.28 -60.13 14.85
CA ASN A 772 19.03 -59.54 14.31
C ASN A 772 19.03 -58.03 14.14
N SER A 773 20.16 -57.34 14.15
CA SER A 773 20.04 -55.90 13.98
C SER A 773 21.30 -55.22 13.53
N LYS A 774 22.31 -55.98 13.13
CA LYS A 774 23.63 -55.41 12.78
C LYS A 774 23.69 -54.14 11.92
N THR A 775 24.84 -53.45 12.02
CA THR A 775 25.21 -52.21 11.25
C THR A 775 26.68 -52.23 10.94
N GLU A 776 27.01 -51.91 9.71
CA GLU A 776 28.41 -52.05 9.37
C GLU A 776 29.18 -51.44 10.52
N ARG A 777 28.80 -50.21 10.88
CA ARG A 777 29.43 -49.52 12.01
C ARG A 777 29.48 -50.46 13.22
N TYR A 778 28.33 -51.02 13.56
CA TYR A 778 28.25 -51.93 14.70
C TYR A 778 29.32 -53.04 14.63
N VAL A 779 29.25 -53.88 13.59
CA VAL A 779 30.20 -54.98 13.47
C VAL A 779 31.68 -54.61 13.68
N LYS A 780 32.17 -53.54 13.08
CA LYS A 780 33.57 -53.17 13.29
C LYS A 780 33.79 -52.76 14.76
N LYS A 781 32.85 -52.01 15.32
CA LYS A 781 32.97 -51.59 16.71
C LYS A 781 33.05 -52.81 17.63
N LEU A 782 32.27 -53.84 17.30
CA LEU A 782 32.27 -55.06 18.06
C LEU A 782 33.69 -55.53 17.96
N THR A 783 34.16 -55.69 16.73
CA THR A 783 35.54 -56.15 16.48
C THR A 783 36.60 -55.45 17.30
N VAL A 784 36.62 -54.12 17.25
CA VAL A 784 37.57 -53.35 18.04
C VAL A 784 37.30 -53.65 19.51
N PHE A 785 36.04 -53.64 19.92
CA PHE A 785 35.76 -53.93 21.31
C PHE A 785 36.36 -55.29 21.66
N PHE A 786 36.28 -56.27 20.77
CA PHE A 786 36.87 -57.56 21.10
C PHE A 786 38.38 -57.48 21.18
N GLY A 787 39.02 -56.78 20.25
CA GLY A 787 40.47 -56.68 20.31
C GLY A 787 40.85 -56.02 21.63
N LEU A 788 40.02 -55.07 22.01
CA LEU A 788 40.18 -54.27 23.22
C LEU A 788 40.20 -55.10 24.48
N ILE A 789 39.33 -56.11 24.51
CA ILE A 789 39.20 -56.99 25.66
C ILE A 789 40.28 -58.04 25.65
N SER A 790 40.61 -58.52 24.45
CA SER A 790 41.64 -59.54 24.29
C SER A 790 42.95 -59.04 24.88
N ASN A 791 43.32 -57.80 24.61
CA ASN A 791 44.56 -57.29 25.13
C ASN A 791 44.50 -57.03 26.62
N LYS A 792 43.39 -56.48 27.09
CA LYS A 792 43.23 -56.14 28.49
C LYS A 792 42.82 -57.24 29.44
N LEU A 793 41.80 -58.01 29.09
CA LEU A 793 41.35 -59.06 29.99
C LEU A 793 41.84 -60.43 29.61
N GLY A 794 42.51 -60.52 28.47
CA GLY A 794 43.01 -61.80 28.02
C GLY A 794 42.15 -62.51 26.99
N SER A 795 42.81 -63.27 26.12
CA SER A 795 42.15 -64.03 25.07
C SER A 795 41.29 -65.11 25.67
N ASP A 796 41.80 -65.75 26.71
CA ASP A 796 41.02 -66.79 27.33
C ASP A 796 39.79 -66.13 27.86
N PHE A 797 39.96 -64.97 28.48
CA PHE A 797 38.79 -64.30 29.00
C PHE A 797 37.76 -64.14 27.89
N LEU A 798 38.19 -63.53 26.80
CA LEU A 798 37.34 -63.27 25.65
C LEU A 798 36.64 -64.52 25.12
N ILE A 799 37.36 -65.62 25.02
CA ILE A 799 36.76 -66.84 24.52
C ILE A 799 35.63 -67.29 25.42
N HIS A 800 35.91 -67.29 26.72
CA HIS A 800 34.90 -67.68 27.67
C HIS A 800 33.76 -66.72 27.60
N PHE A 801 34.07 -65.46 27.34
CA PHE A 801 33.08 -64.40 27.29
C PHE A 801 31.91 -64.61 26.31
N ILE A 802 32.20 -64.84 25.05
CA ILE A 802 31.12 -65.03 24.10
C ILE A 802 30.64 -66.45 24.09
N ASP A 803 31.47 -67.34 24.60
CA ASP A 803 31.09 -68.75 24.62
C ASP A 803 30.01 -68.98 25.67
N GLU A 804 29.76 -68.00 26.51
CA GLU A 804 28.74 -68.16 27.53
C GLU A 804 27.38 -68.22 26.90
N VAL A 805 27.12 -67.29 25.98
CA VAL A 805 25.84 -67.25 25.31
C VAL A 805 25.42 -68.67 24.89
N GLN A 806 26.17 -69.29 24.00
CA GLN A 806 25.86 -70.66 23.58
C GLN A 806 27.18 -71.38 23.29
N ASP A 807 27.19 -72.71 23.37
CA ASP A 807 28.42 -73.45 23.11
C ASP A 807 28.89 -73.46 21.65
N GLY A 808 30.14 -73.06 21.46
CA GLY A 808 30.74 -73.03 20.13
C GLY A 808 30.74 -71.66 19.50
N LEU A 809 29.92 -70.77 20.03
CA LEU A 809 29.78 -69.42 19.51
C LEU A 809 31.10 -68.68 19.30
N PHE A 810 32.11 -68.92 20.14
CA PHE A 810 33.35 -68.22 19.89
C PHE A 810 33.83 -68.60 18.50
N GLN A 811 33.76 -69.89 18.20
CA GLN A 811 34.21 -70.36 16.89
C GLN A 811 33.45 -69.67 15.77
N GLN A 812 32.13 -69.62 15.87
CA GLN A 812 31.32 -68.99 14.83
C GLN A 812 31.56 -67.51 14.66
N ILE A 813 31.67 -66.77 15.76
CA ILE A 813 31.84 -65.33 15.66
C ILE A 813 33.24 -64.86 15.28
N TRP A 814 34.24 -65.57 15.76
CA TRP A 814 35.62 -65.23 15.45
C TRP A 814 35.82 -65.49 13.96
N GLY A 815 35.40 -66.66 13.52
CA GLY A 815 35.54 -67.02 12.14
C GLY A 815 34.81 -66.18 11.11
N ASN A 816 33.56 -65.82 11.39
CA ASN A 816 32.76 -65.07 10.42
C ASN A 816 32.65 -63.57 10.59
N PHE A 817 32.90 -63.06 11.80
CA PHE A 817 32.76 -61.63 12.00
C PHE A 817 34.02 -60.87 12.34
N ILE A 818 34.83 -61.39 13.24
CA ILE A 818 36.03 -60.70 13.65
C ILE A 818 37.18 -60.82 12.63
N ILE A 819 37.50 -62.02 12.21
CA ILE A 819 38.56 -62.20 11.25
C ILE A 819 38.35 -61.38 9.99
N THR A 820 37.17 -61.57 9.42
CA THR A 820 36.71 -60.94 8.18
C THR A 820 36.60 -59.41 8.22
N THR A 821 36.26 -58.88 9.38
CA THR A 821 36.09 -57.45 9.50
C THR A 821 37.40 -56.74 9.76
N LEU A 822 38.25 -57.35 10.57
CA LEU A 822 39.53 -56.77 10.91
C LEU A 822 40.16 -55.93 9.80
N PRO A 823 40.33 -56.54 8.61
CA PRO A 823 40.94 -55.82 7.50
C PRO A 823 40.02 -54.82 6.82
N THR A 824 38.81 -54.67 7.31
CA THR A 824 37.86 -53.71 6.75
C THR A 824 38.01 -52.42 7.52
N ILE A 825 38.32 -52.53 8.81
CA ILE A 825 38.49 -51.37 9.65
C ILE A 825 39.35 -50.31 9.01
N GLY A 826 38.81 -49.11 8.88
CA GLY A 826 39.54 -48.00 8.29
C GLY A 826 40.20 -47.07 9.29
N ASN A 827 39.47 -46.64 10.32
CA ASN A 827 40.04 -45.75 11.33
C ASN A 827 41.35 -46.37 11.78
N LEU A 828 42.42 -45.60 11.79
CA LEU A 828 43.70 -46.16 12.17
C LEU A 828 43.82 -46.67 13.60
N LEU A 829 43.35 -45.87 14.56
CA LEU A 829 43.44 -46.28 15.96
C LEU A 829 42.59 -47.50 16.25
N ASP A 830 41.44 -47.59 15.60
CA ASP A 830 40.53 -48.72 15.80
C ASP A 830 41.10 -49.96 15.15
N ARG A 831 41.96 -49.75 14.15
CA ARG A 831 42.57 -50.85 13.42
C ARG A 831 43.67 -51.44 14.28
N LYS A 832 44.50 -50.57 14.82
CA LYS A 832 45.60 -50.97 15.66
C LYS A 832 45.12 -51.85 16.79
N ILE A 833 44.16 -51.32 17.56
CA ILE A 833 43.60 -52.02 18.69
C ILE A 833 43.08 -53.38 18.28
N ALA A 834 42.21 -53.40 17.26
CA ALA A 834 41.65 -54.65 16.78
C ALA A 834 42.76 -55.61 16.37
N LEU A 835 43.65 -55.18 15.47
CA LEU A 835 44.75 -56.04 15.01
C LEU A 835 45.56 -56.59 16.16
N ILE A 836 46.18 -55.73 16.95
CA ILE A 836 46.96 -56.24 18.08
C ILE A 836 46.08 -57.16 18.92
N GLY A 837 44.79 -56.84 19.01
CA GLY A 837 43.88 -57.67 19.76
C GLY A 837 43.81 -59.05 19.16
N VAL A 838 43.64 -59.16 17.84
CA VAL A 838 43.57 -60.46 17.18
C VAL A 838 44.93 -61.20 17.21
N LEU A 839 46.01 -60.51 16.86
CA LEU A 839 47.32 -61.14 16.88
C LEU A 839 47.49 -61.75 18.25
N ASN A 840 47.09 -60.98 19.25
CA ASN A 840 47.19 -61.36 20.64
C ASN A 840 46.52 -62.69 20.97
N MET A 841 45.65 -63.18 20.11
CA MET A 841 44.97 -64.44 20.39
C MET A 841 45.69 -65.60 19.77
N VAL A 842 46.42 -65.35 18.69
CA VAL A 842 47.17 -66.40 18.06
C VAL A 842 48.41 -66.70 18.88
N ILE A 843 49.12 -65.64 19.27
CA ILE A 843 50.40 -65.81 19.98
C ILE A 843 50.38 -65.76 21.52
N ASN A 844 49.24 -65.45 22.14
CA ASN A 844 49.15 -65.41 23.61
C ASN A 844 47.90 -66.16 24.07
N GLY A 845 47.30 -66.92 23.17
CA GLY A 845 46.11 -67.69 23.50
C GLY A 845 46.45 -69.10 23.93
N GLN A 846 46.21 -69.41 25.19
CA GLN A 846 46.52 -70.72 25.73
C GLN A 846 45.82 -71.91 25.09
N PHE A 847 44.56 -71.75 24.72
CA PHE A 847 43.80 -72.86 24.16
C PHE A 847 43.31 -72.64 22.74
N PHE A 848 43.46 -71.42 22.23
CA PHE A 848 43.01 -71.12 20.88
C PHE A 848 43.79 -71.95 19.89
N GLN A 849 45.11 -71.76 19.85
CA GLN A 849 45.94 -72.49 18.92
C GLN A 849 45.77 -74.00 18.91
N SER A 850 45.31 -74.57 20.02
CA SER A 850 45.13 -76.00 20.06
C SER A 850 43.68 -76.45 19.90
N LYS A 851 42.74 -75.76 20.55
CA LYS A 851 41.33 -76.14 20.46
C LYS A 851 40.68 -75.79 19.11
N TYR A 852 41.09 -74.68 18.50
CA TYR A 852 40.55 -74.23 17.22
C TYR A 852 41.61 -74.19 16.13
N PRO A 853 41.84 -75.34 15.49
CA PRO A 853 42.83 -75.53 14.43
C PRO A 853 42.46 -74.72 13.19
N THR A 854 41.20 -74.85 12.83
CA THR A 854 40.60 -74.15 11.70
C THR A 854 41.01 -72.68 11.63
N LEU A 855 40.69 -71.98 12.72
CA LEU A 855 40.94 -70.56 12.83
C LEU A 855 42.38 -70.07 12.75
N ILE A 856 43.37 -70.90 13.07
CA ILE A 856 44.75 -70.41 13.01
C ILE A 856 45.17 -69.86 11.65
N SER A 857 45.08 -70.66 10.62
CA SER A 857 45.44 -70.21 9.28
C SER A 857 44.60 -68.99 8.87
N SER A 858 43.32 -69.03 9.22
CA SER A 858 42.38 -67.95 8.92
C SER A 858 42.76 -66.65 9.60
N THR A 859 42.79 -66.65 10.92
CA THR A 859 43.11 -65.43 11.63
C THR A 859 44.51 -65.04 11.27
N MET A 860 45.31 -66.02 10.90
CA MET A 860 46.68 -65.74 10.52
C MET A 860 46.71 -64.92 9.24
N ASN A 861 45.93 -65.36 8.25
CA ASN A 861 45.82 -64.70 6.97
C ASN A 861 45.40 -63.24 7.13
N SER A 862 44.34 -63.01 7.88
CA SER A 862 43.89 -61.64 8.04
C SER A 862 44.85 -60.83 8.88
N ILE A 863 45.55 -61.47 9.81
CA ILE A 863 46.49 -60.71 10.60
C ILE A 863 47.52 -60.16 9.65
N ILE A 864 47.99 -61.00 8.72
CA ILE A 864 48.97 -60.60 7.73
C ILE A 864 48.43 -59.67 6.64
N GLU A 865 47.15 -59.79 6.31
CA GLU A 865 46.61 -58.88 5.31
C GLU A 865 46.50 -57.51 5.96
N THR A 866 45.76 -57.47 7.05
CA THR A 866 45.54 -56.23 7.75
C THR A 866 46.86 -55.54 8.09
N ALA A 867 47.84 -56.32 8.54
CA ALA A 867 49.13 -55.79 8.93
C ALA A 867 49.81 -55.08 7.79
N SER A 868 49.55 -55.60 6.58
CA SER A 868 50.18 -55.07 5.37
C SER A 868 49.44 -53.99 4.59
N SER A 869 48.19 -53.71 4.97
CA SER A 869 47.35 -52.72 4.30
C SER A 869 47.95 -51.36 3.94
N GLN A 870 48.76 -50.81 4.84
CA GLN A 870 49.42 -49.51 4.67
C GLN A 870 49.83 -49.11 3.23
N SER A 871 50.84 -49.77 2.67
CA SER A 871 51.37 -49.49 1.31
C SER A 871 50.40 -48.89 0.28
N GLY A 892 20.81 -33.32 17.09
CA GLY A 892 21.87 -32.36 16.80
C GLY A 892 22.53 -31.88 18.07
N SER A 893 23.41 -32.70 18.63
CA SER A 893 24.10 -32.41 19.89
C SER A 893 25.45 -31.68 19.79
N HIS A 894 25.92 -31.45 18.56
CA HIS A 894 27.21 -30.79 18.33
C HIS A 894 27.27 -29.31 18.74
N PHE A 895 26.11 -28.67 18.86
CA PHE A 895 26.06 -27.27 19.25
C PHE A 895 26.59 -27.16 20.66
N SER A 896 26.25 -28.15 21.48
CA SER A 896 26.66 -28.21 22.87
C SER A 896 27.82 -29.18 22.99
N LYS A 897 28.88 -28.88 22.26
CA LYS A 897 30.08 -29.69 22.27
C LYS A 897 31.21 -28.70 22.47
N LEU A 898 31.77 -28.72 23.67
CA LEU A 898 32.83 -27.79 24.05
C LEU A 898 34.19 -28.22 23.54
N VAL A 899 34.69 -27.55 22.49
CA VAL A 899 36.00 -27.92 21.98
C VAL A 899 37.02 -27.78 23.09
N SER A 900 37.01 -26.66 23.79
CA SER A 900 37.98 -26.41 24.85
C SER A 900 38.28 -27.63 25.70
N ILE A 901 37.23 -28.38 26.04
CA ILE A 901 37.34 -29.57 26.88
C ILE A 901 37.24 -30.85 26.03
N SER A 902 36.91 -30.69 24.75
CA SER A 902 36.78 -31.82 23.85
C SER A 902 37.78 -32.93 24.13
N GLU A 903 37.25 -34.13 24.27
CA GLU A 903 38.04 -35.32 24.55
C GLU A 903 38.31 -36.08 23.25
N LYS A 904 39.06 -35.46 22.35
CA LYS A 904 39.41 -36.06 21.07
C LYS A 904 40.62 -36.99 21.08
N PRO A 905 41.03 -37.49 22.27
CA PRO A 905 42.18 -38.37 22.27
C PRO A 905 41.74 -39.64 23.03
N PHE A 906 41.10 -40.54 22.30
CA PHE A 906 40.59 -41.78 22.89
C PHE A 906 41.69 -42.80 23.24
N ASP A 907 41.57 -43.36 24.44
CA ASP A 907 42.51 -44.34 24.97
C ASP A 907 43.05 -45.27 23.87
N PRO A 908 44.38 -45.61 23.98
CA PRO A 908 45.06 -46.49 23.07
C PRO A 908 46.39 -46.94 23.64
N LEU A 909 46.95 -47.98 23.02
CA LEU A 909 48.26 -48.55 23.44
C LEU A 909 49.32 -47.57 22.89
N PRO A 910 49.81 -46.69 23.79
CA PRO A 910 50.75 -45.66 23.35
C PRO A 910 51.94 -45.96 22.46
N GLU A 911 52.79 -46.93 22.83
CA GLU A 911 54.07 -47.20 22.10
C GLU A 911 54.03 -47.37 20.59
N ILE A 912 52.89 -47.85 20.12
CA ILE A 912 52.64 -48.06 18.70
C ILE A 912 52.08 -46.77 18.08
N ASP A 913 52.58 -46.55 16.89
CA ASP A 913 52.24 -45.43 16.06
C ASP A 913 51.22 -45.81 15.00
N VAL A 914 50.06 -45.13 14.99
CA VAL A 914 48.99 -45.55 14.07
C VAL A 914 49.32 -45.54 12.59
N ASN A 915 50.53 -45.12 12.20
CA ASN A 915 50.89 -45.13 10.76
C ASN A 915 52.22 -45.83 10.45
N ASN A 916 52.99 -46.07 11.50
CA ASN A 916 54.29 -46.76 11.45
C ASN A 916 54.37 -47.52 12.78
N GLY A 917 55.00 -48.68 12.81
CA GLY A 917 55.09 -49.34 14.10
C GLY A 917 54.09 -50.45 14.25
N VAL A 918 52.86 -50.24 13.79
CA VAL A 918 51.88 -51.31 13.88
C VAL A 918 52.42 -52.53 13.14
N ARG A 919 53.00 -52.31 11.95
CA ARG A 919 53.55 -53.39 11.14
C ARG A 919 54.84 -53.96 11.74
N LEU A 920 55.64 -53.10 12.37
CA LEU A 920 56.86 -53.58 12.97
C LEU A 920 56.53 -54.33 14.24
N TYR A 921 55.45 -53.92 14.91
CA TYR A 921 55.02 -54.59 16.13
C TYR A 921 54.67 -56.05 15.82
N VAL A 922 53.82 -56.23 14.82
CA VAL A 922 53.42 -57.54 14.38
C VAL A 922 54.64 -58.38 14.07
N ALA A 923 55.50 -57.83 13.22
CA ALA A 923 56.71 -58.51 12.82
C ALA A 923 57.45 -58.90 14.08
N GLU A 924 57.81 -57.91 14.87
CA GLU A 924 58.52 -58.15 16.11
C GLU A 924 57.83 -59.15 17.00
N ALA A 925 56.58 -58.88 17.32
CA ALA A 925 55.77 -59.75 18.17
C ALA A 925 55.83 -61.20 17.70
N LEU A 926 55.79 -61.39 16.39
CA LEU A 926 55.85 -62.72 15.77
C LEU A 926 57.20 -63.38 15.95
N ASN A 927 58.26 -62.65 15.64
CA ASN A 927 59.61 -63.15 15.78
C ASN A 927 59.82 -63.57 17.25
N LYS A 928 59.57 -62.65 18.17
CA LYS A 928 59.74 -62.94 19.58
C LYS A 928 58.94 -64.19 19.94
N TYR A 929 57.97 -64.55 19.12
CA TYR A 929 57.16 -65.72 19.40
C TYR A 929 57.70 -67.01 18.78
N ASN A 930 58.60 -66.91 17.81
CA ASN A 930 59.18 -68.13 17.27
C ASN A 930 60.39 -68.49 18.13
N ALA A 931 60.91 -67.48 18.81
CA ALA A 931 62.05 -67.68 19.68
C ALA A 931 61.69 -68.72 20.76
N ILE A 932 60.43 -68.76 21.19
CA ILE A 932 60.00 -69.70 22.22
C ILE A 932 59.95 -71.15 21.77
N SER A 933 59.59 -71.37 20.51
CA SER A 933 59.50 -72.73 19.97
C SER A 933 60.53 -72.99 18.87
N GLY A 934 61.42 -72.04 18.67
CA GLY A 934 62.46 -72.18 17.66
C GLY A 934 62.06 -72.80 16.34
N ASN A 935 61.91 -71.94 15.32
CA ASN A 935 61.56 -72.38 13.98
C ASN A 935 60.51 -73.49 13.93
N THR A 936 59.32 -73.26 14.50
CA THR A 936 58.28 -74.26 14.47
C THR A 936 57.02 -73.65 13.89
N PHE A 937 56.52 -72.64 14.59
CA PHE A 937 55.32 -71.93 14.22
C PHE A 937 55.29 -71.42 12.79
N LEU A 938 56.12 -70.42 12.49
CA LEU A 938 56.13 -69.86 11.14
C LEU A 938 56.20 -70.87 10.01
N ASN A 939 56.90 -71.99 10.21
CA ASN A 939 56.99 -72.99 9.16
C ASN A 939 55.71 -73.78 8.97
N THR A 940 55.02 -74.06 10.06
CA THR A 940 53.79 -74.80 9.94
C THR A 940 52.67 -73.99 9.29
N ILE A 941 52.67 -72.69 9.51
CA ILE A 941 51.63 -71.85 8.92
C ILE A 941 51.79 -71.59 7.45
N LEU A 942 52.95 -71.05 7.07
CA LEU A 942 53.18 -70.72 5.67
C LEU A 942 52.39 -71.51 4.66
N PRO A 943 52.46 -72.85 4.70
CA PRO A 943 51.71 -73.67 3.75
C PRO A 943 50.19 -73.50 3.81
N GLN A 944 49.70 -73.03 4.95
CA GLN A 944 48.28 -72.82 5.16
C GLN A 944 47.85 -71.41 4.84
N LEU A 945 48.83 -70.51 4.67
CA LEU A 945 48.56 -69.13 4.33
C LEU A 945 48.37 -69.08 2.82
N THR A 946 47.87 -67.97 2.30
CA THR A 946 47.67 -67.85 0.87
C THR A 946 48.96 -67.43 0.23
N GLN A 947 49.22 -67.92 -0.98
CA GLN A 947 50.45 -67.55 -1.68
C GLN A 947 50.67 -66.07 -1.51
N GLU A 948 49.60 -65.30 -1.64
CA GLU A 948 49.73 -63.87 -1.50
C GLU A 948 50.26 -63.50 -0.12
N ASN A 949 49.64 -64.07 0.92
CA ASN A 949 50.05 -63.77 2.29
C ASN A 949 51.45 -64.29 2.60
N GLN A 950 51.76 -65.49 2.10
CA GLN A 950 53.10 -66.09 2.27
C GLN A 950 54.14 -65.06 1.88
N VAL A 951 54.00 -64.52 0.67
CA VAL A 951 54.90 -63.51 0.17
C VAL A 951 54.85 -62.27 1.06
N LYS A 952 53.65 -61.89 1.52
CA LYS A 952 53.52 -60.72 2.38
C LYS A 952 54.18 -60.96 3.72
N LEU A 953 54.14 -62.21 4.18
CA LEU A 953 54.73 -62.57 5.46
C LEU A 953 56.26 -62.44 5.39
N ASN A 954 56.88 -62.85 4.27
CA ASN A 954 58.33 -62.74 4.07
C ASN A 954 58.65 -61.24 4.11
N GLN A 955 57.90 -60.46 3.35
CA GLN A 955 58.11 -59.02 3.30
C GLN A 955 57.99 -58.45 4.71
N LEU A 956 56.95 -58.86 5.40
CA LEU A 956 56.67 -58.40 6.75
C LEU A 956 57.74 -58.77 7.79
N LEU A 957 58.20 -60.01 7.77
CA LEU A 957 59.22 -60.46 8.72
C LEU A 957 60.51 -59.67 8.56
N VAL A 958 61.01 -59.62 7.33
CA VAL A 958 62.23 -58.90 7.00
C VAL A 958 62.12 -57.38 7.14
N GLY A 959 60.96 -56.84 6.76
CA GLY A 959 60.72 -55.41 6.81
C GLY A 959 61.39 -54.65 7.94
N SER B 2 16.12 17.49 -7.67
CA SER B 2 15.56 16.51 -8.63
C SER B 2 14.03 16.58 -8.61
N ASP B 3 13.48 16.73 -7.41
CA ASP B 3 12.02 16.79 -7.25
C ASP B 3 11.41 17.79 -8.22
N LEU B 4 12.14 18.86 -8.53
CA LEU B 4 11.65 19.84 -9.47
C LEU B 4 11.62 19.17 -10.84
N GLU B 5 12.61 18.33 -11.11
CA GLU B 5 12.67 17.61 -12.38
C GLU B 5 11.63 16.49 -12.38
N THR B 6 11.31 15.98 -11.18
CA THR B 6 10.31 14.93 -11.03
C THR B 6 8.95 15.53 -11.39
N VAL B 7 8.67 16.71 -10.85
CA VAL B 7 7.42 17.38 -11.15
C VAL B 7 7.25 17.54 -12.67
N ALA B 8 8.33 17.89 -13.36
CA ALA B 8 8.29 18.06 -14.80
C ALA B 8 8.04 16.73 -15.49
N LYS B 9 8.51 15.65 -14.87
CA LYS B 9 8.32 14.33 -15.45
C LYS B 9 6.82 14.03 -15.33
N PHE B 10 6.26 14.17 -14.13
CA PHE B 10 4.84 13.91 -13.93
C PHE B 10 4.02 14.77 -14.89
N LEU B 11 4.46 16.01 -15.08
CA LEU B 11 3.74 16.91 -15.98
C LEU B 11 3.83 16.43 -17.42
N ALA B 12 5.05 16.13 -17.89
CA ALA B 12 5.24 15.65 -19.25
C ALA B 12 4.37 14.42 -19.49
N GLU B 13 4.24 13.62 -18.44
CA GLU B 13 3.43 12.41 -18.51
C GLU B 13 1.95 12.75 -18.50
N SER B 14 1.58 13.82 -17.79
CA SER B 14 0.17 14.19 -17.72
C SER B 14 -0.29 14.56 -19.13
N VAL B 15 0.63 15.11 -19.92
CA VAL B 15 0.33 15.49 -21.29
C VAL B 15 0.23 14.24 -22.19
N ILE B 16 1.00 13.20 -21.87
CA ILE B 16 0.94 11.97 -22.66
C ILE B 16 -0.37 11.30 -22.24
N ALA B 17 -1.23 11.02 -23.20
CA ALA B 17 -2.53 10.41 -22.94
C ALA B 17 -2.59 9.12 -22.11
N SER B 18 -1.64 8.22 -22.32
CA SER B 18 -1.63 6.93 -21.62
C SER B 18 -1.16 6.92 -20.16
N THR B 19 -0.61 8.03 -19.68
CA THR B 19 -0.10 8.09 -18.30
C THR B 19 -0.74 9.14 -17.40
N ALA B 20 -1.80 9.79 -17.90
CA ALA B 20 -2.49 10.83 -17.13
C ALA B 20 -2.97 10.33 -15.78
N LYS B 21 -3.54 9.12 -15.76
CA LYS B 21 -4.05 8.54 -14.53
C LYS B 21 -2.93 8.36 -13.51
N THR B 22 -1.84 7.72 -13.93
CA THR B 22 -0.69 7.48 -13.06
C THR B 22 -0.11 8.80 -12.56
N SER B 23 0.06 9.75 -13.48
CA SER B 23 0.61 11.05 -13.14
C SER B 23 -0.21 11.75 -12.05
N GLU B 24 -1.53 11.81 -12.25
CA GLU B 24 -2.42 12.45 -11.29
C GLU B 24 -2.28 11.87 -9.89
N ARG B 25 -2.34 10.54 -9.80
CA ARG B 25 -2.23 9.86 -8.51
C ARG B 25 -0.88 10.14 -7.86
N ASN B 26 0.17 10.19 -8.67
CA ASN B 26 1.52 10.49 -8.20
C ASN B 26 1.53 11.95 -7.76
N LEU B 27 1.01 12.80 -8.64
CA LEU B 27 0.95 14.23 -8.38
C LEU B 27 0.31 14.49 -7.02
N ARG B 28 -0.81 13.84 -6.76
CA ARG B 28 -1.48 14.00 -5.48
C ARG B 28 -0.49 13.66 -4.36
N GLN B 29 0.09 12.45 -4.40
CA GLN B 29 1.04 12.04 -3.38
C GLN B 29 2.08 13.13 -3.20
N LEU B 30 2.54 13.68 -4.31
CA LEU B 30 3.52 14.75 -4.28
C LEU B 30 2.91 16.01 -3.68
N GLU B 31 1.60 16.19 -3.88
CA GLU B 31 0.93 17.36 -3.33
C GLU B 31 1.12 17.35 -1.82
N THR B 32 0.99 16.16 -1.24
CA THR B 32 1.15 15.97 0.20
C THR B 32 2.58 16.30 0.57
N GLN B 33 3.40 16.52 -0.47
CA GLN B 33 4.80 16.87 -0.29
C GLN B 33 4.86 18.40 -0.27
N ASP B 34 5.34 18.93 0.85
CA ASP B 34 5.46 20.38 1.02
C ASP B 34 6.39 21.00 -0.02
N GLY B 35 6.10 22.25 -0.38
CA GLY B 35 6.93 22.95 -1.34
C GLY B 35 6.49 22.87 -2.80
N PHE B 36 5.41 22.15 -3.06
CA PHE B 36 4.86 21.99 -4.41
C PHE B 36 4.68 23.34 -5.06
N GLY B 37 4.18 24.28 -4.26
CA GLY B 37 3.95 25.62 -4.76
C GLY B 37 5.17 26.18 -5.46
N LEU B 38 6.26 26.31 -4.72
CA LEU B 38 7.50 26.83 -5.27
C LEU B 38 8.01 25.97 -6.43
N THR B 39 7.59 24.70 -6.47
CA THR B 39 8.01 23.79 -7.52
C THR B 39 7.26 24.01 -8.84
N LEU B 40 5.94 24.16 -8.75
CA LEU B 40 5.10 24.37 -9.94
C LEU B 40 5.32 25.76 -10.57
N LEU B 41 5.65 26.75 -9.75
CA LEU B 41 5.89 28.12 -10.23
C LEU B 41 7.23 28.16 -10.95
N HIS B 42 8.20 27.44 -10.41
CA HIS B 42 9.52 27.38 -11.01
C HIS B 42 9.43 26.68 -12.37
N VAL B 43 8.57 25.66 -12.46
CA VAL B 43 8.37 24.88 -13.69
C VAL B 43 7.67 25.68 -14.77
N ILE B 44 6.64 26.41 -14.38
CA ILE B 44 5.85 27.25 -15.28
C ILE B 44 6.75 28.37 -15.84
N ALA B 45 7.64 28.86 -14.98
CA ALA B 45 8.55 29.95 -15.33
C ALA B 45 9.67 29.60 -16.30
N SER B 46 10.13 28.35 -16.28
CA SER B 46 11.21 27.94 -17.16
C SER B 46 10.79 28.11 -18.61
N THR B 47 11.57 28.88 -19.35
CA THR B 47 11.28 29.12 -20.75
C THR B 47 11.96 28.06 -21.63
N ASN B 48 12.73 27.18 -20.98
CA ASN B 48 13.44 26.13 -21.68
C ASN B 48 12.64 24.86 -21.87
N LEU B 49 11.42 24.83 -21.33
CA LEU B 49 10.55 23.66 -21.48
C LEU B 49 9.42 23.99 -22.43
N PRO B 50 8.96 22.99 -23.22
CA PRO B 50 7.87 23.16 -24.20
C PRO B 50 6.62 23.78 -23.58
N LEU B 51 5.79 24.42 -24.40
CA LEU B 51 4.58 25.07 -23.89
C LEU B 51 3.63 24.06 -23.26
N SER B 52 3.65 22.82 -23.77
CA SER B 52 2.78 21.79 -23.24
C SER B 52 2.91 21.58 -21.73
N THR B 53 4.12 21.27 -21.26
CA THR B 53 4.37 21.04 -19.85
C THR B 53 3.97 22.21 -18.96
N ARG B 54 4.19 23.44 -19.43
CA ARG B 54 3.83 24.61 -18.64
C ARG B 54 2.30 24.73 -18.48
N LEU B 55 1.57 24.62 -19.61
CA LEU B 55 0.11 24.70 -19.60
C LEU B 55 -0.47 23.67 -18.63
N ALA B 56 0.15 22.50 -18.59
CA ALA B 56 -0.28 21.45 -17.69
C ALA B 56 0.09 21.87 -16.28
N GLY B 57 1.26 22.49 -16.13
CA GLY B 57 1.70 22.94 -14.83
C GLY B 57 0.76 23.97 -14.25
N ALA B 58 0.33 24.91 -15.08
CA ALA B 58 -0.60 25.97 -14.69
C ALA B 58 -1.92 25.40 -14.23
N LEU B 59 -2.49 24.53 -15.07
CA LEU B 59 -3.76 23.86 -14.78
C LEU B 59 -3.67 23.12 -13.44
N PHE B 60 -2.57 22.39 -13.24
CA PHE B 60 -2.39 21.65 -12.01
C PHE B 60 -2.23 22.60 -10.83
N PHE B 61 -1.78 23.82 -11.10
CA PHE B 61 -1.60 24.80 -10.03
C PHE B 61 -2.93 25.36 -9.57
N LYS B 62 -3.86 25.50 -10.51
CA LYS B 62 -5.18 26.02 -10.18
C LYS B 62 -5.85 24.99 -9.25
N ASN B 63 -5.94 23.73 -9.71
CA ASN B 63 -6.54 22.66 -8.94
C ASN B 63 -5.92 22.56 -7.56
N PHE B 64 -4.62 22.75 -7.47
CA PHE B 64 -3.93 22.68 -6.19
C PHE B 64 -4.41 23.77 -5.22
N ILE B 65 -4.29 25.03 -5.62
CA ILE B 65 -4.66 26.15 -4.76
C ILE B 65 -6.16 26.24 -4.44
N LYS B 66 -7.01 25.70 -5.32
CA LYS B 66 -8.44 25.75 -5.06
C LYS B 66 -8.81 24.64 -4.08
N ARG B 67 -8.14 23.48 -4.17
CA ARG B 67 -8.45 22.38 -3.26
C ARG B 67 -7.83 22.47 -1.83
N LYS B 68 -6.51 22.41 -1.58
CA LYS B 68 -6.07 22.46 -0.16
C LYS B 68 -5.17 23.66 0.17
N TRP B 69 -5.48 24.80 -0.43
CA TRP B 69 -4.69 26.00 -0.17
C TRP B 69 -5.17 26.62 1.15
N VAL B 70 -6.49 26.67 1.31
CA VAL B 70 -7.07 27.18 2.55
C VAL B 70 -8.28 26.37 3.05
N ASP B 71 -8.61 26.70 4.30
CA ASP B 71 -9.69 26.18 5.13
C ASP B 71 -11.02 26.93 4.82
N GLU B 72 -12.16 26.23 4.72
CA GLU B 72 -13.44 26.91 4.42
C GLU B 72 -13.72 28.09 5.32
N ASN B 73 -13.16 28.02 6.51
CA ASN B 73 -13.19 29.07 7.39
C ASN B 73 -11.80 29.19 8.27
N GLY B 74 -10.66 29.93 7.92
CA GLY B 74 -9.98 30.79 9.01
C GLY B 74 -8.52 30.97 8.55
N ASN B 75 -7.97 29.95 7.88
CA ASN B 75 -6.58 29.98 7.42
C ASN B 75 -6.32 28.99 6.31
N HIS B 76 -5.13 29.09 5.74
CA HIS B 76 -4.70 28.24 4.64
C HIS B 76 -3.90 27.03 5.20
N LEU B 77 -3.88 25.96 4.38
CA LEU B 77 -3.21 24.67 4.63
C LEU B 77 -2.09 24.38 3.63
N LEU B 78 -0.97 24.93 4.02
CA LEU B 78 0.35 24.88 3.45
C LEU B 78 1.13 25.61 4.55
N PRO B 79 2.45 25.42 4.63
CA PRO B 79 3.18 26.11 5.68
C PRO B 79 3.13 27.63 5.51
N ALA B 80 3.16 28.34 6.63
CA ALA B 80 3.12 29.80 6.64
C ALA B 80 4.27 30.50 5.88
N ASN B 81 5.41 29.82 5.62
CA ASN B 81 6.56 30.41 4.90
C ASN B 81 6.26 30.39 3.40
N ASN B 82 5.59 29.35 2.96
CA ASN B 82 5.23 29.17 1.57
C ASN B 82 4.23 30.19 1.01
N VAL B 83 3.34 30.69 1.87
CA VAL B 83 2.34 31.69 1.46
C VAL B 83 3.04 33.01 1.11
N GLU B 84 4.09 33.33 1.87
CA GLU B 84 4.84 34.55 1.64
C GLU B 84 5.63 34.42 0.34
N LEU B 85 6.28 33.27 0.16
CA LEU B 85 7.06 32.98 -1.03
C LEU B 85 6.21 32.99 -2.29
N ILE B 86 5.02 32.39 -2.22
CA ILE B 86 4.12 32.34 -3.37
C ILE B 86 3.63 33.75 -3.72
N LYS B 87 3.41 34.58 -2.71
CA LYS B 87 2.95 35.94 -2.95
C LYS B 87 3.96 36.75 -3.74
N LYS B 88 5.25 36.54 -3.43
CA LYS B 88 6.31 37.25 -4.12
C LYS B 88 6.49 36.68 -5.52
N GLU B 89 6.51 35.35 -5.63
CA GLU B 89 6.70 34.65 -6.91
C GLU B 89 5.58 34.61 -7.92
N ILE B 90 4.32 34.72 -7.48
CA ILE B 90 3.18 34.62 -8.41
C ILE B 90 2.74 35.93 -9.05
N VAL B 91 3.15 37.07 -8.49
CA VAL B 91 2.78 38.36 -9.06
C VAL B 91 3.59 38.62 -10.32
N PRO B 92 4.91 38.32 -10.32
CA PRO B 92 5.73 38.56 -11.52
C PRO B 92 5.47 37.56 -12.61
N LEU B 93 5.14 36.33 -12.22
CA LEU B 93 4.92 35.31 -13.22
C LEU B 93 3.78 35.66 -14.16
N MET B 94 2.67 36.13 -13.59
CA MET B 94 1.51 36.50 -14.40
C MET B 94 1.81 37.70 -15.28
N ILE B 95 2.61 38.64 -14.80
CA ILE B 95 2.96 39.82 -15.59
C ILE B 95 3.78 39.42 -16.81
N SER B 96 4.76 38.55 -16.61
CA SER B 96 5.65 38.13 -17.69
C SER B 96 5.27 36.87 -18.47
N LEU B 97 4.11 36.27 -18.17
CA LEU B 97 3.70 35.05 -18.88
C LEU B 97 2.79 35.32 -20.09
N PRO B 98 2.84 34.47 -21.13
CA PRO B 98 2.01 34.64 -22.33
C PRO B 98 0.51 34.30 -22.19
N ASN B 99 -0.25 34.64 -23.23
CA ASN B 99 -1.69 34.40 -23.27
C ASN B 99 -2.20 33.22 -22.47
N ASN B 100 -2.15 32.03 -23.05
CA ASN B 100 -2.67 30.85 -22.37
C ASN B 100 -2.25 30.70 -20.91
N LEU B 101 -0.98 30.94 -20.63
CA LEU B 101 -0.50 30.84 -19.26
C LEU B 101 -1.16 31.91 -18.40
N GLN B 102 -0.88 33.17 -18.74
CA GLN B 102 -1.41 34.31 -18.01
C GLN B 102 -2.85 34.07 -17.56
N VAL B 103 -3.66 33.45 -18.42
CA VAL B 103 -5.06 33.17 -18.09
C VAL B 103 -5.20 32.16 -16.94
N GLN B 104 -4.56 31.00 -17.07
CA GLN B 104 -4.63 29.95 -16.06
C GLN B 104 -4.04 30.41 -14.73
N ILE B 105 -2.89 31.09 -14.77
CA ILE B 105 -2.28 31.57 -13.54
C ILE B 105 -3.19 32.64 -12.97
N GLY B 106 -4.04 33.19 -13.84
CA GLY B 106 -4.99 34.20 -13.42
C GLY B 106 -6.05 33.62 -12.51
N GLU B 107 -6.62 32.50 -12.91
CA GLU B 107 -7.63 31.84 -12.11
C GLU B 107 -7.06 31.52 -10.75
N ALA B 108 -5.77 31.17 -10.71
CA ALA B 108 -5.13 30.86 -9.44
C ALA B 108 -5.06 32.10 -8.53
N ILE B 109 -4.55 33.19 -9.09
CA ILE B 109 -4.38 34.45 -8.36
C ILE B 109 -5.70 35.01 -7.85
N SER B 110 -6.77 34.87 -8.63
CA SER B 110 -8.08 35.36 -8.22
C SER B 110 -8.58 34.46 -7.08
N SER B 111 -8.13 33.21 -7.11
CA SER B 111 -8.51 32.26 -6.08
C SER B 111 -7.82 32.75 -4.82
N ILE B 112 -6.50 32.79 -4.83
CA ILE B 112 -5.74 33.28 -3.68
C ILE B 112 -6.41 34.49 -3.03
N ALA B 113 -6.90 35.43 -3.83
CA ALA B 113 -7.53 36.64 -3.28
C ALA B 113 -8.72 36.41 -2.34
N ASP B 114 -9.49 35.36 -2.60
CA ASP B 114 -10.67 35.03 -1.78
C ASP B 114 -10.33 34.88 -0.29
N SER B 115 -9.25 34.15 0.00
CA SER B 115 -8.81 33.88 1.37
C SER B 115 -8.40 35.17 2.05
N ASP B 116 -7.25 35.68 1.65
CA ASP B 116 -6.79 36.98 2.15
C ASP B 116 -7.22 37.98 1.08
N PHE B 117 -8.41 38.56 1.23
CA PHE B 117 -8.98 39.51 0.23
C PHE B 117 -8.07 40.73 0.07
N PRO B 118 -8.12 41.65 1.06
CA PRO B 118 -7.34 42.89 1.12
C PRO B 118 -6.54 42.93 2.44
N ASP B 119 -6.98 42.12 3.39
CA ASP B 119 -6.34 41.91 4.69
C ASP B 119 -4.89 41.41 4.60
N ARG B 120 -4.74 40.15 4.24
CA ARG B 120 -3.44 39.50 4.14
C ARG B 120 -2.58 39.91 2.96
N TRP B 121 -3.19 40.51 1.95
CA TRP B 121 -2.45 40.94 0.77
C TRP B 121 -2.38 42.45 0.68
N PRO B 122 -1.45 43.08 1.42
CA PRO B 122 -1.32 44.54 1.37
C PRO B 122 -0.28 44.88 0.30
N THR B 123 0.68 43.97 0.15
CA THR B 123 1.78 44.10 -0.80
C THR B 123 1.30 43.97 -2.26
N LEU B 124 0.11 43.42 -2.46
CA LEU B 124 -0.47 43.24 -3.80
C LEU B 124 -0.84 44.55 -4.48
N LEU B 125 -1.65 45.36 -3.79
CA LEU B 125 -2.09 46.65 -4.33
C LEU B 125 -0.93 47.62 -4.48
N SER B 126 0.05 47.49 -3.59
CA SER B 126 1.22 48.37 -3.64
C SER B 126 2.16 47.97 -4.79
N ASP B 127 2.48 46.69 -4.92
CA ASP B 127 3.35 46.25 -6.00
C ASP B 127 2.73 46.50 -7.37
N LEU B 128 1.44 46.21 -7.47
CA LEU B 128 0.73 46.39 -8.74
C LEU B 128 0.80 47.81 -9.29
N ALA B 129 0.76 48.82 -8.41
CA ALA B 129 0.80 50.23 -8.85
C ALA B 129 2.21 50.79 -9.06
N SER B 130 3.19 50.15 -8.41
CA SER B 130 4.57 50.57 -8.51
C SER B 130 5.27 49.98 -9.74
N ARG B 131 4.67 48.93 -10.30
CA ARG B 131 5.22 48.27 -11.48
C ARG B 131 4.68 48.93 -12.76
N LEU B 132 3.89 49.99 -12.58
CA LEU B 132 3.32 50.75 -13.69
C LEU B 132 4.26 51.86 -14.09
N SER B 133 4.47 52.04 -15.39
CA SER B 133 5.36 53.08 -15.86
C SER B 133 4.96 53.61 -17.23
N ASN B 134 5.23 54.89 -17.47
CA ASN B 134 4.90 55.51 -18.74
C ASN B 134 5.96 55.13 -19.78
N ASP B 135 6.77 54.12 -19.50
CA ASP B 135 7.84 53.72 -20.43
C ASP B 135 7.63 52.38 -21.13
N ASP B 136 7.45 51.31 -20.35
CA ASP B 136 7.21 49.98 -20.92
C ASP B 136 5.75 49.62 -20.76
N MET B 137 4.99 49.70 -21.84
CA MET B 137 3.57 49.37 -21.77
C MET B 137 3.26 47.86 -21.94
N VAL B 138 4.30 47.07 -22.20
CA VAL B 138 4.17 45.62 -22.32
C VAL B 138 4.15 45.07 -20.90
N THR B 139 4.93 45.72 -20.02
CA THR B 139 4.99 45.31 -18.64
C THR B 139 3.70 45.77 -17.96
N ASN B 140 3.18 46.92 -18.40
CA ASN B 140 1.94 47.47 -17.85
C ASN B 140 0.76 46.52 -18.03
N LYS B 141 0.57 46.08 -19.27
CA LYS B 141 -0.52 45.17 -19.60
C LYS B 141 -0.52 43.94 -18.70
N GLY B 142 0.66 43.44 -18.37
CA GLY B 142 0.76 42.28 -17.51
C GLY B 142 0.48 42.68 -16.07
N VAL B 143 0.43 43.98 -15.80
CA VAL B 143 0.13 44.41 -14.44
C VAL B 143 -1.36 44.67 -14.35
N LEU B 144 -1.88 45.48 -15.27
CA LEU B 144 -3.30 45.79 -15.27
C LEU B 144 -4.15 44.51 -15.43
N THR B 145 -3.59 43.52 -16.10
CA THR B 145 -4.28 42.26 -16.31
C THR B 145 -4.52 41.56 -14.97
N VAL B 146 -3.47 41.45 -14.17
CA VAL B 146 -3.55 40.85 -12.84
C VAL B 146 -4.62 41.62 -12.08
N ALA B 147 -4.72 42.90 -12.37
CA ALA B 147 -5.72 43.73 -11.74
C ALA B 147 -7.12 43.22 -12.11
N HIS B 148 -7.58 43.50 -13.33
CA HIS B 148 -8.91 43.06 -13.79
C HIS B 148 -9.23 41.64 -13.32
N SER B 149 -8.27 40.72 -13.46
CA SER B 149 -8.46 39.32 -13.07
C SER B 149 -8.77 39.13 -11.58
N ILE B 150 -8.50 40.16 -10.79
CA ILE B 150 -8.78 40.15 -9.36
C ILE B 150 -10.07 40.92 -9.08
N PHE B 151 -10.34 41.96 -9.85
CA PHE B 151 -11.53 42.78 -9.62
C PHE B 151 -12.81 42.37 -10.35
N LYS B 152 -12.70 41.64 -11.45
CA LYS B 152 -13.89 41.21 -12.16
C LYS B 152 -14.86 40.54 -11.19
N ARG B 153 -14.35 40.17 -10.01
CA ARG B 153 -15.11 39.50 -8.96
C ARG B 153 -16.33 40.25 -8.44
N TRP B 154 -16.44 41.53 -8.78
CA TRP B 154 -17.54 42.35 -8.30
C TRP B 154 -18.76 42.44 -9.22
N ARG B 155 -18.58 42.10 -10.49
CA ARG B 155 -19.67 42.18 -11.46
C ARG B 155 -21.06 41.76 -10.96
N PRO B 156 -21.21 40.53 -10.44
CA PRO B 156 -22.52 40.09 -9.97
C PRO B 156 -22.75 40.34 -8.47
N LEU B 157 -21.67 40.29 -7.71
CA LEU B 157 -21.70 40.48 -6.28
C LEU B 157 -22.76 41.49 -5.80
N ASP B 161 -22.62 46.24 1.14
CA ASP B 161 -22.12 47.49 1.67
C ASP B 161 -20.69 47.34 2.19
N GLU B 162 -20.39 46.19 2.77
CA GLU B 162 -19.06 45.92 3.31
C GLU B 162 -18.07 45.75 2.15
N LEU B 163 -18.60 45.72 0.93
CA LEU B 163 -17.77 45.59 -0.26
C LEU B 163 -17.24 46.96 -0.68
N PHE B 164 -17.78 48.03 -0.08
CA PHE B 164 -17.34 49.40 -0.37
C PHE B 164 -15.90 49.65 0.08
N LEU B 165 -15.62 49.34 1.34
CA LEU B 165 -14.29 49.54 1.91
C LEU B 165 -13.21 48.90 1.06
N GLU B 166 -13.51 47.72 0.54
CA GLU B 166 -12.57 47.00 -0.32
C GLU B 166 -12.33 47.83 -1.59
N ILE B 167 -13.40 48.36 -2.17
CA ILE B 167 -13.29 49.18 -3.35
C ILE B 167 -12.72 50.56 -3.06
N LYS B 168 -12.96 51.08 -1.85
CA LYS B 168 -12.47 52.41 -1.46
C LYS B 168 -10.94 52.45 -1.34
N LEU B 169 -10.34 51.35 -0.87
CA LEU B 169 -8.90 51.27 -0.73
C LEU B 169 -8.31 51.13 -2.13
N VAL B 170 -8.89 50.22 -2.91
CA VAL B 170 -8.48 50.00 -4.30
C VAL B 170 -8.43 51.33 -5.04
N LEU B 171 -9.55 52.05 -5.06
CA LEU B 171 -9.65 53.34 -5.74
C LEU B 171 -8.56 54.32 -5.30
N ASP B 172 -8.25 54.34 -4.01
CA ASP B 172 -7.23 55.23 -3.46
C ASP B 172 -5.83 54.98 -4.07
N VAL B 173 -5.44 53.72 -4.10
CA VAL B 173 -4.13 53.33 -4.63
C VAL B 173 -4.04 53.36 -6.15
N PHE B 174 -5.16 53.18 -6.86
CA PHE B 174 -5.12 53.20 -8.32
C PHE B 174 -5.69 54.42 -9.03
N THR B 175 -6.58 55.15 -8.38
CA THR B 175 -7.16 56.35 -9.03
C THR B 175 -6.13 57.25 -9.69
N ALA B 176 -5.02 57.50 -9.00
CA ALA B 176 -3.97 58.39 -9.52
C ALA B 176 -3.15 57.81 -10.68
N PRO B 177 -2.52 56.63 -10.48
CA PRO B 177 -1.73 56.02 -11.55
C PRO B 177 -2.56 55.67 -12.76
N PHE B 178 -3.75 55.12 -12.50
CA PHE B 178 -4.66 54.70 -13.54
C PHE B 178 -4.87 55.74 -14.64
N LEU B 179 -5.41 56.92 -14.32
CA LEU B 179 -5.65 57.94 -15.36
C LEU B 179 -4.42 58.47 -16.10
N ASN B 180 -3.38 58.82 -15.34
CA ASN B 180 -2.16 59.34 -15.96
C ASN B 180 -1.70 58.31 -16.98
N LEU B 181 -2.04 57.05 -16.76
CA LEU B 181 -1.67 56.02 -17.70
C LEU B 181 -2.65 56.11 -18.86
N LEU B 182 -3.95 56.18 -18.56
CA LEU B 182 -4.94 56.27 -19.63
C LEU B 182 -4.60 57.44 -20.53
N LYS B 183 -4.40 58.60 -19.93
CA LYS B 183 -4.03 59.79 -20.69
C LYS B 183 -2.79 59.53 -21.53
N THR B 184 -1.74 58.98 -20.91
CA THR B 184 -0.48 58.66 -21.60
C THR B 184 -0.68 57.77 -22.84
N VAL B 185 -1.50 56.73 -22.72
CA VAL B 185 -1.75 55.83 -23.84
C VAL B 185 -2.31 56.65 -24.99
N ASP B 186 -3.32 57.47 -24.70
CA ASP B 186 -3.94 58.33 -25.71
C ASP B 186 -2.90 59.19 -26.42
N GLU B 187 -1.96 59.72 -25.66
CA GLU B 187 -0.90 60.57 -26.20
C GLU B 187 -0.01 59.71 -27.09
N GLN B 188 0.53 58.64 -26.53
CA GLN B 188 1.39 57.72 -27.24
C GLN B 188 0.71 57.12 -28.47
N ILE B 189 -0.61 56.91 -28.40
CA ILE B 189 -1.37 56.33 -29.52
C ILE B 189 -1.42 57.31 -30.68
N THR B 190 -1.13 58.58 -30.38
CA THR B 190 -1.15 59.60 -31.42
C THR B 190 0.23 59.71 -32.00
N ALA B 191 1.23 59.77 -31.14
CA ALA B 191 2.61 59.86 -31.59
C ALA B 191 2.98 58.68 -32.48
N ASN B 192 2.46 57.49 -32.17
CA ASN B 192 2.81 56.34 -32.97
C ASN B 192 1.72 55.90 -33.95
N GLU B 193 1.06 56.84 -34.61
CA GLU B 193 0.01 56.47 -35.54
C GLU B 193 0.46 55.61 -36.73
N ASN B 194 1.76 55.52 -36.99
CA ASN B 194 2.22 54.74 -38.13
C ASN B 194 3.01 53.49 -37.79
N ASN B 195 3.35 53.33 -36.52
CA ASN B 195 4.11 52.17 -36.05
C ASN B 195 3.16 51.08 -35.56
N LYS B 196 2.69 50.24 -36.49
CA LYS B 196 1.77 49.15 -36.17
C LYS B 196 2.15 48.35 -34.93
N ALA B 197 3.43 48.04 -34.82
CA ALA B 197 3.95 47.27 -33.70
C ALA B 197 3.58 47.93 -32.39
N SER B 198 4.07 49.15 -32.21
CA SER B 198 3.83 49.95 -31.01
C SER B 198 2.35 50.21 -30.79
N LEU B 199 1.61 50.43 -31.86
CA LEU B 199 0.18 50.66 -31.72
C LEU B 199 -0.48 49.47 -31.06
N ASN B 200 -0.09 48.27 -31.47
CA ASN B 200 -0.65 47.05 -30.89
C ASN B 200 -0.32 46.90 -29.41
N ILE B 201 0.84 47.37 -29.00
CA ILE B 201 1.23 47.27 -27.60
C ILE B 201 0.37 48.24 -26.79
N LEU B 202 0.09 49.40 -27.37
CA LEU B 202 -0.70 50.43 -26.73
C LEU B 202 -2.18 50.04 -26.65
N PHE B 203 -2.73 49.52 -27.74
CA PHE B 203 -4.14 49.12 -27.73
C PHE B 203 -4.44 47.93 -26.81
N ASP B 204 -3.43 47.13 -26.45
CA ASP B 204 -3.66 46.02 -25.53
C ASP B 204 -3.78 46.59 -24.13
N VAL B 205 -3.10 47.71 -23.89
CA VAL B 205 -3.15 48.37 -22.60
C VAL B 205 -4.50 49.03 -22.53
N LEU B 206 -4.85 49.76 -23.60
CA LEU B 206 -6.13 50.45 -23.65
C LEU B 206 -7.29 49.50 -23.35
N LEU B 207 -7.26 48.27 -23.87
CA LEU B 207 -8.35 47.34 -23.60
C LEU B 207 -8.48 47.11 -22.11
N VAL B 208 -7.36 46.81 -21.46
CA VAL B 208 -7.34 46.57 -20.02
C VAL B 208 -7.81 47.81 -19.26
N LEU B 209 -7.30 48.97 -19.64
CA LEU B 209 -7.70 50.18 -18.95
C LEU B 209 -9.22 50.36 -19.06
N ILE B 210 -9.81 49.89 -20.16
CA ILE B 210 -11.25 50.02 -20.36
C ILE B 210 -12.04 49.07 -19.45
N LYS B 211 -11.59 47.81 -19.36
CA LYS B 211 -12.28 46.83 -18.51
C LYS B 211 -12.21 47.27 -17.06
N LEU B 212 -11.08 47.86 -16.67
CA LEU B 212 -10.89 48.34 -15.32
C LEU B 212 -11.76 49.55 -15.06
N TYR B 213 -11.87 50.42 -16.05
CA TYR B 213 -12.68 51.60 -15.90
C TYR B 213 -14.09 51.11 -15.53
N TYR B 214 -14.46 49.96 -16.09
CA TYR B 214 -15.77 49.36 -15.85
C TYR B 214 -15.88 48.78 -14.44
N ASP B 215 -14.80 48.19 -13.94
CA ASP B 215 -14.80 47.59 -12.60
C ASP B 215 -14.89 48.67 -11.54
N PHE B 216 -14.08 49.71 -11.69
CA PHE B 216 -14.07 50.79 -10.73
C PHE B 216 -15.47 51.37 -10.60
N ASN B 217 -16.18 51.50 -11.72
CA ASN B 217 -17.54 52.04 -11.71
C ASN B 217 -18.63 50.98 -11.65
N CYS B 218 -18.25 49.77 -11.27
CA CYS B 218 -19.17 48.65 -11.17
C CYS B 218 -20.37 48.88 -10.22
N GLN B 219 -20.11 49.05 -8.92
CA GLN B 219 -21.18 49.25 -7.95
C GLN B 219 -21.70 50.69 -7.89
N ASP B 220 -20.79 51.65 -7.89
CA ASP B 220 -21.16 53.06 -7.82
C ASP B 220 -20.12 53.95 -8.53
N ILE B 221 -20.34 55.26 -8.52
CA ILE B 221 -19.42 56.19 -9.14
C ILE B 221 -18.67 57.00 -8.08
N PRO B 222 -17.34 56.92 -8.11
CA PRO B 222 -16.47 57.63 -7.17
C PRO B 222 -16.32 59.10 -7.57
N GLU B 223 -16.02 59.95 -6.60
CA GLU B 223 -15.85 61.38 -6.85
C GLU B 223 -14.83 61.63 -7.95
N PHE B 224 -13.94 60.66 -8.14
CA PHE B 224 -12.87 60.74 -9.13
C PHE B 224 -13.36 60.51 -10.55
N PHE B 225 -14.15 59.45 -10.71
CA PHE B 225 -14.70 59.10 -12.00
C PHE B 225 -15.83 60.05 -12.35
N GLU B 226 -16.45 60.65 -11.33
CA GLU B 226 -17.55 61.58 -11.60
C GLU B 226 -17.05 63.00 -11.83
N ASP B 227 -15.87 63.32 -11.30
CA ASP B 227 -15.30 64.65 -11.47
C ASP B 227 -14.49 64.78 -12.77
N ASN B 228 -13.91 63.67 -13.23
CA ASN B 228 -13.13 63.69 -14.48
C ASN B 228 -13.83 62.96 -15.63
N ILE B 229 -15.14 62.80 -15.53
CA ILE B 229 -15.92 62.11 -16.56
C ILE B 229 -15.60 62.60 -17.96
N GLN B 230 -15.62 63.91 -18.15
CA GLN B 230 -15.36 64.48 -19.47
C GLN B 230 -13.99 64.11 -20.03
N VAL B 231 -13.01 63.88 -19.15
CA VAL B 231 -11.67 63.49 -19.61
C VAL B 231 -11.72 62.02 -20.03
N GLY B 232 -12.13 61.15 -19.11
CA GLY B 232 -12.22 59.74 -19.44
C GLY B 232 -13.10 59.48 -20.65
N MET B 233 -14.39 59.76 -20.52
CA MET B 233 -15.36 59.54 -21.60
C MET B 233 -15.06 60.30 -22.88
N GLY B 234 -14.29 61.38 -22.79
CA GLY B 234 -13.95 62.12 -24.00
C GLY B 234 -12.99 61.26 -24.81
N ILE B 235 -12.08 60.64 -24.09
CA ILE B 235 -11.08 59.74 -24.66
C ILE B 235 -11.72 58.52 -25.30
N PHE B 236 -12.79 58.02 -24.70
CA PHE B 236 -13.47 56.85 -25.25
C PHE B 236 -14.33 57.22 -26.45
N HIS B 237 -14.80 58.46 -26.50
CA HIS B 237 -15.61 58.89 -27.62
C HIS B 237 -14.66 58.95 -28.79
N LYS B 238 -13.49 59.52 -28.52
CA LYS B 238 -12.44 59.64 -29.52
C LYS B 238 -12.14 58.28 -30.15
N TYR B 239 -11.79 57.31 -29.31
CA TYR B 239 -11.45 55.97 -29.78
C TYR B 239 -12.58 55.06 -30.20
N LEU B 240 -13.80 55.52 -30.05
CA LEU B 240 -14.94 54.71 -30.45
C LEU B 240 -15.08 55.01 -31.94
N SER B 241 -14.35 56.04 -32.35
CA SER B 241 -14.35 56.52 -33.73
C SER B 241 -13.00 56.33 -34.38
N TYR B 242 -11.97 56.09 -33.57
CA TYR B 242 -10.63 55.91 -34.08
C TYR B 242 -10.56 54.78 -35.08
N SER B 243 -9.75 54.97 -36.11
CA SER B 243 -9.59 53.96 -37.15
C SER B 243 -8.26 54.17 -37.86
N ASN B 244 -7.49 53.11 -37.94
CA ASN B 244 -6.17 53.17 -38.55
C ASN B 244 -5.90 51.88 -39.32
N PRO B 245 -5.71 51.98 -40.65
CA PRO B 245 -5.46 50.81 -41.49
C PRO B 245 -4.51 49.76 -40.89
N LEU B 246 -3.49 50.17 -40.17
CA LEU B 246 -2.59 49.19 -39.62
C LEU B 246 -3.19 48.41 -38.45
N LEU B 247 -4.45 48.70 -38.11
CA LEU B 247 -5.16 48.01 -37.01
C LEU B 247 -6.43 47.35 -37.49
N GLU B 248 -6.66 47.41 -38.80
CA GLU B 248 -7.83 46.79 -39.42
C GLU B 248 -7.34 45.82 -40.48
N ASP B 249 -7.97 44.66 -40.55
CA ASP B 249 -7.59 43.62 -41.49
C ASP B 249 -8.78 43.24 -42.36
N PRO B 250 -8.74 43.59 -43.66
CA PRO B 250 -9.80 43.32 -44.64
C PRO B 250 -9.94 41.86 -45.05
N ASP B 251 -8.97 41.03 -44.65
CA ASP B 251 -9.00 39.62 -44.99
C ASP B 251 -9.42 38.72 -43.82
N GLU B 252 -9.73 39.31 -42.65
CA GLU B 252 -10.16 38.50 -41.51
C GLU B 252 -11.62 38.75 -41.25
N THR B 253 -12.43 37.71 -41.48
CA THR B 253 -13.88 37.75 -41.28
C THR B 253 -14.18 36.98 -40.00
N GLU B 254 -13.36 35.95 -39.78
CA GLU B 254 -13.47 35.04 -38.65
C GLU B 254 -13.46 35.62 -37.25
N HIS B 255 -12.44 36.41 -36.92
CA HIS B 255 -12.34 36.94 -35.55
C HIS B 255 -12.15 38.43 -35.40
N ALA B 256 -12.23 38.88 -34.15
CA ALA B 256 -12.10 40.29 -33.83
C ALA B 256 -10.67 40.67 -33.46
N SER B 257 -10.35 41.96 -33.63
CA SER B 257 -9.02 42.50 -33.34
C SER B 257 -8.97 43.36 -32.07
N VAL B 258 -7.77 43.76 -31.66
CA VAL B 258 -7.59 44.60 -30.45
C VAL B 258 -8.40 45.87 -30.64
N LEU B 259 -8.40 46.41 -31.86
CA LEU B 259 -9.14 47.62 -32.14
C LEU B 259 -10.63 47.36 -32.00
N ILE B 260 -11.11 46.25 -32.56
CA ILE B 260 -12.53 45.93 -32.45
C ILE B 260 -13.00 45.59 -31.01
N LYS B 261 -12.08 45.04 -30.20
CA LYS B 261 -12.39 44.68 -28.82
C LYS B 261 -12.40 45.88 -27.88
N VAL B 262 -11.64 46.92 -28.22
CA VAL B 262 -11.59 48.12 -27.41
C VAL B 262 -12.95 48.80 -27.59
N LYS B 263 -13.34 48.99 -28.85
CA LYS B 263 -14.62 49.62 -29.19
C LYS B 263 -15.81 48.88 -28.58
N SER B 264 -15.71 47.56 -28.60
CA SER B 264 -16.74 46.68 -28.07
C SER B 264 -16.87 46.83 -26.55
N SER B 265 -15.75 46.97 -25.84
CA SER B 265 -15.81 47.11 -24.37
C SER B 265 -15.97 48.55 -23.91
N ILE B 266 -16.07 49.45 -24.88
CA ILE B 266 -16.27 50.87 -24.63
C ILE B 266 -17.79 51.01 -24.67
N GLN B 267 -18.42 50.21 -25.53
CA GLN B 267 -19.86 50.26 -25.63
C GLN B 267 -20.51 49.64 -24.41
N GLU B 268 -19.75 48.83 -23.67
CA GLU B 268 -20.31 48.25 -22.46
C GLU B 268 -20.24 49.30 -21.34
N LEU B 269 -19.08 49.93 -21.18
CA LEU B 269 -18.93 50.95 -20.15
C LEU B 269 -20.00 52.03 -20.32
N VAL B 270 -20.37 52.29 -21.57
CA VAL B 270 -21.37 53.30 -21.88
C VAL B 270 -22.77 52.89 -21.43
N GLN B 271 -23.11 51.63 -21.68
CA GLN B 271 -24.42 51.13 -21.29
C GLN B 271 -24.55 51.22 -19.78
N LEU B 272 -23.53 50.79 -19.05
CA LEU B 272 -23.59 50.87 -17.60
C LEU B 272 -23.84 52.32 -17.23
N TYR B 273 -23.01 53.23 -17.73
CA TYR B 273 -23.19 54.64 -17.43
C TYR B 273 -24.55 55.16 -17.85
N THR B 274 -25.21 54.48 -18.77
CA THR B 274 -26.52 54.92 -19.23
C THR B 274 -27.67 54.29 -18.45
N THR B 275 -27.39 53.20 -17.73
CA THR B 275 -28.42 52.54 -16.94
C THR B 275 -28.28 52.85 -15.46
N ARG B 276 -27.21 52.35 -14.84
CA ARG B 276 -26.95 52.55 -13.42
C ARG B 276 -26.92 54.03 -13.02
N TYR B 277 -26.33 54.86 -13.87
CA TYR B 277 -26.24 56.30 -13.63
C TYR B 277 -26.91 56.90 -14.87
N GLU B 278 -27.35 58.16 -14.83
CA GLU B 278 -28.02 58.68 -16.03
C GLU B 278 -28.18 60.17 -16.11
N ASP B 279 -27.61 60.89 -15.15
CA ASP B 279 -27.72 62.34 -15.11
C ASP B 279 -26.33 62.94 -15.23
N VAL B 280 -25.37 62.06 -15.02
CA VAL B 280 -23.97 62.41 -15.12
C VAL B 280 -23.61 62.23 -16.59
N PHE B 281 -24.37 61.36 -17.24
CA PHE B 281 -24.13 61.06 -18.63
C PHE B 281 -24.95 62.00 -19.50
N GLY B 282 -25.85 62.74 -18.88
CA GLY B 282 -26.71 63.67 -19.60
C GLY B 282 -26.06 64.44 -20.73
N PRO B 283 -24.99 65.19 -20.45
CA PRO B 283 -24.28 65.99 -21.46
C PRO B 283 -23.67 65.18 -22.59
N MET B 284 -23.15 64.00 -22.22
CA MET B 284 -22.49 63.13 -23.16
C MET B 284 -23.39 62.15 -23.91
N ILE B 285 -24.59 61.87 -23.41
CA ILE B 285 -25.46 60.90 -24.08
C ILE B 285 -25.73 61.22 -25.55
N ASN B 286 -25.88 62.50 -25.89
CA ASN B 286 -26.14 62.87 -27.27
C ASN B 286 -25.00 62.48 -28.25
N GLU B 287 -23.76 62.85 -27.92
CA GLU B 287 -22.59 62.54 -28.77
C GLU B 287 -22.38 61.04 -28.98
N PHE B 288 -22.58 60.24 -27.93
CA PHE B 288 -22.41 58.80 -28.02
C PHE B 288 -23.50 58.18 -28.89
N ILE B 289 -24.74 58.55 -28.62
CA ILE B 289 -25.86 58.03 -29.40
C ILE B 289 -25.55 58.35 -30.84
N GLN B 290 -25.03 59.55 -31.06
CA GLN B 290 -24.68 60.02 -32.39
C GLN B 290 -23.62 59.13 -33.02
N ILE B 291 -22.46 59.06 -32.39
CA ILE B 291 -21.35 58.27 -32.90
C ILE B 291 -21.76 56.81 -33.10
N THR B 292 -22.33 56.19 -32.06
CA THR B 292 -22.76 54.81 -32.14
C THR B 292 -23.61 54.57 -33.39
N TRP B 293 -24.45 55.53 -33.75
CA TRP B 293 -25.28 55.36 -34.93
C TRP B 293 -24.38 55.23 -36.15
N ASN B 294 -23.43 56.16 -36.29
CA ASN B 294 -22.52 56.13 -37.43
C ASN B 294 -21.80 54.79 -37.45
N LEU B 295 -21.20 54.46 -36.32
CA LEU B 295 -20.47 53.22 -36.17
C LEU B 295 -21.25 52.02 -36.70
N LEU B 296 -22.54 51.96 -36.37
CA LEU B 296 -23.40 50.86 -36.80
C LEU B 296 -23.70 50.88 -38.30
N THR B 297 -23.53 52.04 -38.93
CA THR B 297 -23.79 52.19 -40.36
C THR B 297 -22.54 51.94 -41.20
N SER B 298 -21.44 51.56 -40.58
CA SER B 298 -20.20 51.34 -41.33
C SER B 298 -19.63 49.95 -41.14
N ILE B 299 -20.35 49.20 -40.35
CA ILE B 299 -19.97 47.87 -39.94
C ILE B 299 -20.38 46.79 -40.93
N SER B 300 -19.41 46.05 -41.44
CA SER B 300 -19.77 44.99 -42.36
C SER B 300 -20.49 43.89 -41.62
N ASN B 301 -21.33 43.18 -42.35
CA ASN B 301 -22.10 42.10 -41.77
C ASN B 301 -21.21 41.04 -41.26
N GLN B 302 -19.94 41.12 -41.58
CA GLN B 302 -19.05 40.04 -41.22
C GLN B 302 -18.93 39.77 -39.70
N PRO B 303 -18.97 38.48 -39.32
CA PRO B 303 -18.87 38.05 -37.92
C PRO B 303 -17.93 38.79 -36.96
N LYS B 304 -16.75 39.19 -37.40
CA LYS B 304 -15.84 39.86 -36.48
C LYS B 304 -16.41 41.07 -35.74
N TYR B 305 -17.54 41.62 -36.21
CA TYR B 305 -18.15 42.80 -35.58
C TYR B 305 -19.40 42.48 -34.76
N ASP B 306 -19.83 41.23 -34.80
CA ASP B 306 -21.02 40.82 -34.08
C ASP B 306 -21.08 41.27 -32.65
N ILE B 307 -20.01 41.09 -31.90
CA ILE B 307 -20.04 41.50 -30.49
C ILE B 307 -20.01 43.01 -30.34
N LEU B 308 -19.38 43.70 -31.28
CA LEU B 308 -19.32 45.16 -31.23
C LEU B 308 -20.72 45.67 -31.47
N VAL B 309 -21.36 45.09 -32.48
CA VAL B 309 -22.72 45.45 -32.84
C VAL B 309 -23.69 45.27 -31.69
N SER B 310 -23.55 44.19 -30.92
CA SER B 310 -24.48 43.97 -29.83
C SER B 310 -24.20 44.89 -28.65
N LYS B 311 -22.94 45.07 -28.30
CA LYS B 311 -22.62 45.94 -27.19
C LYS B 311 -23.11 47.36 -27.45
N SER B 312 -23.27 47.69 -28.73
CA SER B 312 -23.74 49.00 -29.15
C SER B 312 -25.27 49.05 -29.13
N LEU B 313 -25.92 47.98 -29.60
CA LEU B 313 -27.37 47.92 -29.61
C LEU B 313 -27.91 47.80 -28.19
N SER B 314 -27.04 47.44 -27.26
CA SER B 314 -27.45 47.31 -25.88
C SER B 314 -27.54 48.71 -25.35
N PHE B 315 -26.58 49.53 -25.74
CA PHE B 315 -26.55 50.91 -25.31
C PHE B 315 -27.73 51.70 -25.88
N LEU B 316 -28.09 51.43 -27.13
CA LEU B 316 -29.21 52.14 -27.76
C LEU B 316 -30.50 51.69 -27.08
N THR B 317 -30.63 50.37 -26.93
CA THR B 317 -31.79 49.80 -26.28
C THR B 317 -31.98 50.46 -24.92
N ALA B 318 -30.88 50.64 -24.19
CA ALA B 318 -30.95 51.27 -22.88
C ALA B 318 -31.37 52.71 -23.02
N VAL B 319 -30.84 53.39 -24.03
CA VAL B 319 -31.18 54.78 -24.25
C VAL B 319 -32.67 54.91 -24.42
N THR B 320 -33.25 54.04 -25.24
CA THR B 320 -34.69 54.06 -25.49
C THR B 320 -35.54 53.90 -24.22
N ARG B 321 -35.01 53.21 -23.22
CA ARG B 321 -35.72 53.00 -21.97
C ARG B 321 -36.04 54.30 -21.21
N ILE B 322 -35.38 55.40 -21.58
CA ILE B 322 -35.59 56.70 -20.94
C ILE B 322 -36.40 57.66 -21.83
N PRO B 323 -37.40 58.33 -21.27
CA PRO B 323 -38.30 59.29 -21.94
C PRO B 323 -37.57 60.35 -22.72
N LYS B 324 -36.90 61.21 -21.98
CA LYS B 324 -36.17 62.31 -22.58
C LYS B 324 -35.45 61.86 -23.85
N TYR B 325 -34.87 60.65 -23.84
CA TYR B 325 -34.13 60.20 -25.02
C TYR B 325 -34.84 59.34 -26.04
N PHE B 326 -36.10 59.02 -25.80
CA PHE B 326 -36.85 58.22 -26.74
C PHE B 326 -37.61 59.07 -27.74
N GLU B 327 -37.98 60.26 -27.31
CA GLU B 327 -38.71 61.17 -28.16
C GLU B 327 -37.92 61.34 -29.46
N ILE B 328 -36.63 61.06 -29.41
CA ILE B 328 -35.77 61.20 -30.59
C ILE B 328 -36.08 60.19 -31.67
N PHE B 329 -36.59 59.03 -31.28
CA PHE B 329 -36.93 58.01 -32.28
C PHE B 329 -38.42 57.96 -32.50
N ASN B 330 -39.17 58.62 -31.62
CA ASN B 330 -40.62 58.60 -31.68
C ASN B 330 -41.28 59.17 -32.94
N ASN B 331 -40.47 59.62 -33.90
CA ASN B 331 -41.06 60.17 -35.12
C ASN B 331 -41.17 59.12 -36.21
N GLU B 332 -42.17 59.26 -37.08
CA GLU B 332 -42.39 58.29 -38.14
C GLU B 332 -41.20 58.01 -39.03
N SER B 333 -40.32 58.99 -39.21
CA SER B 333 -39.15 58.81 -40.06
C SER B 333 -37.95 58.37 -39.24
N ALA B 334 -37.83 58.89 -38.02
CA ALA B 334 -36.72 58.52 -37.14
C ALA B 334 -36.70 57.00 -37.00
N MET B 335 -37.89 56.44 -36.84
CA MET B 335 -38.09 55.01 -36.69
C MET B 335 -37.76 54.28 -37.98
N ASN B 336 -38.02 54.93 -39.11
CA ASN B 336 -37.74 54.34 -40.42
C ASN B 336 -36.26 54.16 -40.59
N ASN B 337 -35.51 55.17 -40.18
CA ASN B 337 -34.07 55.12 -40.28
C ASN B 337 -33.61 53.92 -39.46
N ILE B 338 -33.92 53.91 -38.17
CA ILE B 338 -33.56 52.80 -37.30
C ILE B 338 -33.79 51.54 -38.08
N THR B 339 -35.05 51.31 -38.40
CA THR B 339 -35.46 50.15 -39.16
C THR B 339 -34.57 49.81 -40.33
N GLU B 340 -34.66 50.63 -41.38
CA GLU B 340 -33.91 50.45 -42.63
C GLU B 340 -32.37 50.53 -42.56
N GLN B 341 -31.87 51.37 -41.67
CA GLN B 341 -30.44 51.49 -41.55
C GLN B 341 -29.87 50.51 -40.56
N ILE B 342 -30.22 50.67 -39.29
CA ILE B 342 -29.69 49.82 -38.24
C ILE B 342 -30.18 48.37 -38.11
N ILE B 343 -31.46 48.19 -37.80
CA ILE B 343 -32.01 46.84 -37.60
C ILE B 343 -32.06 45.86 -38.78
N LEU B 344 -32.41 46.34 -39.96
CA LEU B 344 -32.51 45.45 -41.13
C LEU B 344 -31.21 44.80 -41.60
N PRO B 345 -30.11 45.57 -41.66
CA PRO B 345 -28.80 45.08 -42.10
C PRO B 345 -28.19 44.01 -41.17
N ASN B 346 -28.42 44.15 -39.86
CA ASN B 346 -27.91 43.22 -38.86
C ASN B 346 -28.80 42.01 -38.72
N VAL B 347 -29.99 42.10 -39.29
CA VAL B 347 -30.93 41.01 -39.21
C VAL B 347 -31.00 40.18 -40.49
N THR B 348 -30.75 40.81 -41.64
CA THR B 348 -30.76 40.10 -42.92
C THR B 348 -29.84 38.89 -42.77
N LEU B 349 -30.28 37.73 -43.25
CA LEU B 349 -29.45 36.56 -43.14
C LEU B 349 -28.17 36.80 -43.92
N ARG B 350 -27.03 36.52 -43.28
CA ARG B 350 -25.74 36.69 -43.94
C ARG B 350 -25.29 35.33 -44.46
N GLU B 351 -24.49 35.34 -45.52
CA GLU B 351 -24.00 34.11 -46.15
C GLU B 351 -23.12 33.24 -45.25
N GLU B 352 -22.51 33.86 -44.25
CA GLU B 352 -21.65 33.15 -43.31
C GLU B 352 -22.47 32.25 -42.39
N ASP B 353 -23.74 32.60 -42.21
CA ASP B 353 -24.64 31.81 -41.37
C ASP B 353 -25.19 30.63 -42.12
N VAL B 354 -25.60 30.86 -43.37
CA VAL B 354 -26.12 29.78 -44.19
C VAL B 354 -25.01 28.74 -44.31
N GLU B 355 -23.77 29.23 -44.33
CA GLU B 355 -22.59 28.37 -44.41
C GLU B 355 -22.62 27.56 -43.12
N LEU B 356 -22.78 28.26 -42.02
CA LEU B 356 -22.83 27.62 -40.72
C LEU B 356 -24.00 26.65 -40.69
N PHE B 357 -25.12 27.04 -41.30
CA PHE B 357 -26.29 26.17 -41.34
C PHE B 357 -25.91 24.76 -41.82
N GLU B 358 -25.15 24.70 -42.91
CA GLU B 358 -24.73 23.43 -43.52
C GLU B 358 -23.52 22.76 -42.87
N ASP B 359 -22.44 23.52 -42.75
CA ASP B 359 -21.20 23.00 -42.17
C ASP B 359 -21.33 22.55 -40.71
N ASP B 360 -21.82 23.46 -39.87
CA ASP B 360 -21.99 23.17 -38.44
C ASP B 360 -23.42 23.48 -38.00
N PRO B 361 -24.39 22.62 -38.35
CA PRO B 361 -25.78 22.86 -37.95
C PRO B 361 -25.97 23.16 -36.47
N ILE B 362 -25.29 22.41 -35.62
CA ILE B 362 -25.38 22.60 -34.18
C ILE B 362 -25.18 24.05 -33.80
N GLU B 363 -24.18 24.70 -34.37
CA GLU B 363 -23.93 26.10 -34.05
C GLU B 363 -25.11 26.97 -34.49
N TYR B 364 -25.68 26.65 -35.65
CA TYR B 364 -26.84 27.38 -36.14
C TYR B 364 -27.93 27.23 -35.06
N ILE B 365 -28.37 25.99 -34.86
CA ILE B 365 -29.41 25.67 -33.88
C ILE B 365 -29.27 26.44 -32.58
N ARG B 366 -28.10 26.39 -31.96
CA ARG B 366 -27.89 27.07 -30.70
C ARG B 366 -28.12 28.56 -30.81
N ARG B 367 -27.73 29.14 -31.94
CA ARG B 367 -27.89 30.56 -32.16
C ARG B 367 -29.33 31.06 -32.29
N ASP B 368 -30.21 30.27 -32.89
CA ASP B 368 -31.61 30.69 -33.04
C ASP B 368 -32.31 30.62 -31.72
N LEU B 369 -32.54 29.38 -31.30
CA LEU B 369 -33.22 29.08 -30.06
C LEU B 369 -32.61 29.87 -28.91
N GLU B 370 -33.46 30.43 -28.05
CA GLU B 370 -33.00 31.15 -26.89
C GLU B 370 -32.01 30.30 -26.11
N GLY B 371 -31.18 30.97 -25.31
CA GLY B 371 -30.16 30.24 -24.57
C GLY B 371 -28.96 29.75 -25.38
N SER B 372 -28.01 30.64 -25.57
CA SER B 372 -26.77 30.41 -26.29
C SER B 372 -25.99 31.68 -26.04
N ASP B 373 -24.73 31.74 -26.47
CA ASP B 373 -23.96 32.95 -26.24
C ASP B 373 -24.77 34.10 -26.86
N THR B 374 -25.75 34.58 -26.08
CA THR B 374 -26.68 35.65 -26.47
C THR B 374 -26.07 36.89 -27.14
N ASP B 375 -24.76 36.92 -27.38
CA ASP B 375 -24.14 38.09 -27.99
C ASP B 375 -24.52 38.30 -29.46
N THR B 376 -25.51 37.55 -29.93
CA THR B 376 -25.98 37.61 -31.32
C THR B 376 -26.48 39.00 -31.77
N ARG B 377 -26.57 39.20 -33.08
CA ARG B 377 -27.07 40.45 -33.62
C ARG B 377 -28.59 40.50 -33.61
N ARG B 378 -29.23 39.44 -34.09
CA ARG B 378 -30.68 39.42 -34.07
C ARG B 378 -31.17 39.54 -32.62
N ARG B 379 -30.49 38.90 -31.68
CA ARG B 379 -30.91 39.00 -30.28
C ARG B 379 -30.76 40.42 -29.74
N ALA B 380 -29.68 41.08 -30.11
CA ALA B 380 -29.42 42.45 -29.67
C ALA B 380 -30.47 43.37 -30.28
N CYS B 381 -30.84 43.06 -31.51
CA CYS B 381 -31.84 43.81 -32.27
C CYS B 381 -33.26 43.65 -31.73
N THR B 382 -33.65 42.41 -31.44
CA THR B 382 -34.99 42.11 -30.91
C THR B 382 -35.19 42.81 -29.57
N ASP B 383 -34.10 42.99 -28.83
CA ASP B 383 -34.17 43.66 -27.54
C ASP B 383 -34.41 45.13 -27.74
N PHE B 384 -33.94 45.65 -28.87
CA PHE B 384 -34.12 47.06 -29.19
C PHE B 384 -35.58 47.24 -29.56
N LEU B 385 -36.02 46.39 -30.49
CA LEU B 385 -37.40 46.39 -30.98
C LEU B 385 -38.43 46.23 -29.89
N LYS B 386 -38.08 45.45 -28.87
CA LYS B 386 -38.98 45.19 -27.76
C LYS B 386 -39.13 46.46 -26.94
N GLU B 387 -38.05 47.24 -26.86
CA GLU B 387 -38.09 48.48 -26.09
C GLU B 387 -38.87 49.56 -26.81
N LEU B 388 -38.69 49.65 -28.13
CA LEU B 388 -39.38 50.66 -28.92
C LEU B 388 -40.87 50.40 -28.85
N LYS B 389 -41.28 49.15 -29.09
CA LYS B 389 -42.70 48.82 -29.08
C LYS B 389 -43.33 48.92 -27.69
N GLU B 390 -42.56 48.70 -26.63
CA GLU B 390 -43.14 48.83 -25.30
C GLU B 390 -43.50 50.29 -25.17
N LYS B 391 -42.67 51.15 -25.77
CA LYS B 391 -42.87 52.60 -25.74
C LYS B 391 -43.96 53.15 -26.69
N ASN B 392 -44.33 52.37 -27.71
CA ASN B 392 -45.34 52.79 -28.67
C ASN B 392 -45.59 51.67 -29.66
N GLU B 393 -46.26 50.61 -29.20
CA GLU B 393 -46.55 49.47 -30.04
C GLU B 393 -46.98 49.85 -31.44
N VAL B 394 -47.91 50.79 -31.52
CA VAL B 394 -48.41 51.25 -32.81
C VAL B 394 -47.32 51.69 -33.78
N LEU B 395 -46.67 52.83 -33.52
CA LEU B 395 -45.63 53.34 -34.42
C LEU B 395 -44.71 52.25 -34.98
N VAL B 396 -44.08 51.51 -34.08
CA VAL B 396 -43.15 50.47 -34.49
C VAL B 396 -43.79 49.44 -35.41
N THR B 397 -44.82 48.80 -34.91
CA THR B 397 -45.50 47.77 -35.67
C THR B 397 -46.00 48.27 -37.01
N ASN B 398 -46.34 49.55 -37.09
CA ASN B 398 -46.86 50.09 -38.33
C ASN B 398 -45.81 50.35 -39.37
N ILE B 399 -44.72 50.97 -38.97
CA ILE B 399 -43.70 51.25 -39.94
C ILE B 399 -43.00 49.96 -40.35
N PHE B 400 -43.00 48.97 -39.46
CA PHE B 400 -42.37 47.69 -39.80
C PHE B 400 -43.23 46.96 -40.81
N LEU B 401 -44.51 46.83 -40.52
CA LEU B 401 -45.41 46.16 -41.45
C LEU B 401 -45.26 46.80 -42.84
N ALA B 402 -45.03 48.11 -42.86
CA ALA B 402 -44.87 48.86 -44.12
C ALA B 402 -43.75 48.28 -44.99
N HIS B 403 -42.62 47.99 -44.37
CA HIS B 403 -41.47 47.43 -45.07
C HIS B 403 -41.75 45.99 -45.45
N MET B 404 -42.30 45.24 -44.50
CA MET B 404 -42.61 43.85 -44.72
C MET B 404 -43.55 43.71 -45.91
N LYS B 405 -44.26 44.79 -46.19
CA LYS B 405 -45.16 44.80 -47.32
C LYS B 405 -44.32 44.60 -48.58
N GLY B 406 -43.18 45.27 -48.64
CA GLY B 406 -42.29 45.13 -49.79
C GLY B 406 -41.65 43.76 -49.91
N PHE B 407 -41.15 43.23 -48.79
CA PHE B 407 -40.49 41.93 -48.77
C PHE B 407 -41.44 40.84 -49.25
N VAL B 408 -42.71 40.97 -48.88
CA VAL B 408 -43.72 39.99 -49.29
C VAL B 408 -43.87 40.00 -50.79
N ASP B 409 -44.07 41.19 -51.36
CA ASP B 409 -44.23 41.33 -52.80
C ASP B 409 -42.98 40.81 -53.49
N GLN B 410 -41.83 41.06 -52.88
CA GLN B 410 -40.56 40.62 -53.45
C GLN B 410 -40.39 39.12 -53.45
N TYR B 411 -40.74 38.49 -52.34
CA TYR B 411 -40.62 37.06 -52.27
C TYR B 411 -41.48 36.39 -53.34
N MET B 412 -42.60 37.03 -53.70
CA MET B 412 -43.51 36.46 -54.69
C MET B 412 -43.15 36.65 -56.15
N SER B 413 -42.27 37.60 -56.44
CA SER B 413 -41.86 37.84 -57.83
C SER B 413 -40.95 36.70 -58.28
N ASP B 414 -40.08 36.25 -57.38
CA ASP B 414 -39.17 35.15 -57.69
C ASP B 414 -38.78 34.49 -56.36
N PRO B 415 -39.65 33.59 -55.86
CA PRO B 415 -39.40 32.90 -54.60
C PRO B 415 -38.07 32.13 -54.57
N SER B 416 -37.64 31.63 -55.72
CA SER B 416 -36.41 30.87 -55.81
C SER B 416 -35.16 31.67 -55.41
N LYS B 417 -35.14 32.97 -55.69
CA LYS B 417 -33.97 33.78 -55.37
C LYS B 417 -34.19 34.85 -54.30
N ASN B 418 -35.45 35.11 -54.01
CA ASN B 418 -35.82 36.11 -53.02
C ASN B 418 -36.07 35.43 -51.67
N TRP B 419 -35.54 34.21 -51.58
CA TRP B 419 -35.58 33.34 -50.42
C TRP B 419 -35.40 34.04 -49.08
N LYS B 420 -34.29 34.77 -48.94
CA LYS B 420 -33.98 35.49 -47.70
C LYS B 420 -35.07 36.43 -47.19
N PHE B 421 -35.67 37.20 -48.09
CA PHE B 421 -36.71 38.16 -47.72
C PHE B 421 -37.87 37.61 -46.89
N LYS B 422 -38.25 36.35 -47.11
CA LYS B 422 -39.33 35.77 -46.33
C LYS B 422 -38.81 35.59 -44.91
N ASP B 423 -37.57 35.13 -44.79
CA ASP B 423 -36.98 34.96 -43.50
C ASP B 423 -37.02 36.28 -42.75
N LEU B 424 -36.66 37.34 -43.45
CA LEU B 424 -36.64 38.67 -42.85
C LEU B 424 -37.96 39.05 -42.22
N TYR B 425 -39.07 38.85 -42.93
CA TYR B 425 -40.35 39.20 -42.32
C TYR B 425 -40.88 38.12 -41.38
N ILE B 426 -40.41 36.89 -41.53
CA ILE B 426 -40.86 35.86 -40.60
C ILE B 426 -40.27 36.26 -39.27
N TYR B 427 -39.04 36.74 -39.32
CA TYR B 427 -38.30 37.19 -38.15
C TYR B 427 -38.94 38.45 -37.57
N LEU B 428 -39.02 39.51 -38.37
CA LEU B 428 -39.61 40.79 -37.98
C LEU B 428 -41.02 40.63 -37.44
N PHE B 429 -41.78 39.78 -38.10
CA PHE B 429 -43.13 39.56 -37.66
C PHE B 429 -43.05 38.83 -36.33
N THR B 430 -42.38 37.68 -36.29
CA THR B 430 -42.27 36.94 -35.03
C THR B 430 -41.85 37.90 -33.94
N ALA B 431 -40.85 38.72 -34.23
CA ALA B 431 -40.34 39.69 -33.26
C ALA B 431 -41.44 40.57 -32.69
N LEU B 432 -41.96 41.46 -33.53
CA LEU B 432 -43.02 42.39 -33.13
C LEU B 432 -44.22 41.77 -32.44
N ALA B 433 -44.63 40.59 -32.91
CA ALA B 433 -45.78 39.89 -32.37
C ALA B 433 -45.68 39.64 -30.88
N ILE B 434 -44.64 38.91 -30.47
CA ILE B 434 -44.39 38.61 -29.06
C ILE B 434 -44.22 39.90 -28.31
N ASN B 435 -44.71 39.99 -27.09
CA ASN B 435 -44.52 41.24 -26.36
C ASN B 435 -43.90 41.02 -24.97
N GLY B 436 -43.63 39.77 -24.64
CA GLY B 436 -43.02 39.44 -23.36
C GLY B 436 -41.97 38.37 -23.56
N ASN B 437 -40.88 38.44 -22.81
CA ASN B 437 -39.80 37.45 -22.93
C ASN B 437 -40.33 36.01 -23.05
N ILE B 438 -39.64 35.17 -23.81
CA ILE B 438 -40.05 33.77 -23.99
C ILE B 438 -39.54 32.80 -22.92
N THR B 439 -40.45 32.37 -22.05
CA THR B 439 -40.12 31.42 -20.99
C THR B 439 -40.06 30.02 -21.59
N ASN B 440 -39.79 29.02 -20.75
CA ASN B 440 -39.74 27.64 -21.21
C ASN B 440 -41.20 27.26 -21.42
N ALA B 441 -42.04 28.21 -21.05
CA ALA B 441 -43.49 28.09 -21.15
C ALA B 441 -44.02 28.62 -22.49
N GLY B 442 -43.13 29.13 -23.35
CA GLY B 442 -43.56 29.66 -24.64
C GLY B 442 -43.93 31.12 -24.54
N VAL B 443 -44.63 31.64 -25.55
CA VAL B 443 -45.03 33.04 -25.54
C VAL B 443 -46.30 33.25 -24.73
N SER B 444 -46.28 34.31 -23.92
CA SER B 444 -47.36 34.69 -23.02
C SER B 444 -48.52 35.37 -23.71
N SER B 445 -48.18 36.36 -24.55
CA SER B 445 -49.15 37.16 -25.29
C SER B 445 -48.48 37.80 -26.51
N THR B 446 -49.31 38.27 -27.45
CA THR B 446 -48.81 38.91 -28.65
C THR B 446 -49.48 40.27 -28.87
N ASN B 447 -48.83 41.12 -29.66
CA ASN B 447 -49.34 42.46 -29.99
C ASN B 447 -50.73 42.28 -30.62
N ASN B 448 -51.70 43.10 -30.21
CA ASN B 448 -53.06 43.03 -30.75
C ASN B 448 -53.09 43.40 -32.21
N LEU B 449 -52.05 44.09 -32.67
CA LEU B 449 -51.97 44.54 -34.05
C LEU B 449 -51.67 43.42 -35.04
N LEU B 450 -51.20 42.28 -34.54
CA LEU B 450 -50.89 41.17 -35.41
C LEU B 450 -51.67 39.94 -35.01
N ASN B 451 -52.10 39.19 -36.02
CA ASN B 451 -52.85 37.98 -35.78
C ASN B 451 -51.91 36.83 -36.09
N VAL B 452 -51.33 36.24 -35.06
CA VAL B 452 -50.40 35.14 -35.28
C VAL B 452 -51.00 33.95 -35.99
N VAL B 453 -52.22 33.60 -35.64
CA VAL B 453 -52.88 32.45 -36.25
C VAL B 453 -53.02 32.70 -37.74
N ASP B 454 -53.61 33.84 -38.09
CA ASP B 454 -53.83 34.20 -39.47
C ASP B 454 -52.52 34.19 -40.25
N PHE B 455 -51.49 34.80 -39.68
CA PHE B 455 -50.17 34.87 -40.29
C PHE B 455 -49.62 33.45 -40.49
N PHE B 456 -49.78 32.61 -39.49
CA PHE B 456 -49.32 31.24 -39.60
C PHE B 456 -49.89 30.64 -40.86
N THR B 457 -51.22 30.76 -40.98
CA THR B 457 -51.97 30.21 -42.11
C THR B 457 -51.57 30.69 -43.51
N LYS B 458 -51.09 31.93 -43.59
CA LYS B 458 -50.71 32.46 -44.88
C LYS B 458 -49.22 32.28 -45.15
N GLU B 459 -48.39 32.44 -44.12
CA GLU B 459 -46.95 32.32 -44.32
C GLU B 459 -46.34 30.96 -44.03
N ILE B 460 -46.33 30.61 -42.76
CA ILE B 460 -45.74 29.38 -42.26
C ILE B 460 -46.39 28.07 -42.74
N ALA B 461 -47.71 27.97 -42.61
CA ALA B 461 -48.42 26.75 -43.01
C ALA B 461 -48.03 26.15 -44.37
N PRO B 462 -48.36 26.82 -45.49
CA PRO B 462 -48.02 26.31 -46.83
C PRO B 462 -46.57 25.86 -47.02
N ASP B 463 -45.62 26.54 -46.39
CA ASP B 463 -44.20 26.15 -46.51
C ASP B 463 -43.92 24.83 -45.78
N LEU B 464 -44.93 24.28 -45.13
CA LEU B 464 -44.79 23.02 -44.41
C LEU B 464 -45.03 21.79 -45.28
N THR B 465 -45.43 21.96 -46.54
CA THR B 465 -45.67 20.82 -47.45
C THR B 465 -45.37 21.08 -48.93
N SER B 466 -44.42 21.96 -49.23
CA SER B 466 -44.07 22.23 -50.63
C SER B 466 -42.97 21.25 -51.06
N ASN B 467 -43.34 20.26 -51.87
CA ASN B 467 -42.36 19.26 -52.32
C ASN B 467 -41.14 19.84 -53.02
N ASN B 468 -41.14 21.16 -53.24
CA ASN B 468 -40.00 21.82 -53.87
C ASN B 468 -39.74 23.16 -53.19
N ILE B 469 -39.29 23.09 -51.95
CA ILE B 469 -38.98 24.26 -51.15
C ILE B 469 -37.74 24.99 -51.67
N PRO B 470 -37.82 26.31 -51.79
CA PRO B 470 -36.68 27.11 -52.29
C PRO B 470 -35.44 26.95 -51.40
N HIS B 471 -35.65 26.46 -50.18
CA HIS B 471 -34.55 26.21 -49.25
C HIS B 471 -35.03 25.53 -47.98
N ILE B 472 -34.24 24.59 -47.50
CA ILE B 472 -34.59 23.88 -46.29
C ILE B 472 -34.56 24.81 -45.08
N ILE B 473 -33.87 25.93 -45.19
CA ILE B 473 -33.83 26.84 -44.07
C ILE B 473 -35.18 27.48 -43.80
N LEU B 474 -36.01 27.66 -44.83
CA LEU B 474 -37.31 28.25 -44.57
C LEU B 474 -38.23 27.20 -43.93
N ARG B 475 -37.96 25.92 -44.16
CA ARG B 475 -38.79 24.90 -43.54
C ARG B 475 -38.49 24.94 -42.04
N VAL B 476 -37.24 25.26 -41.73
CA VAL B 476 -36.78 25.37 -40.36
C VAL B 476 -37.48 26.58 -39.71
N ASP B 477 -37.46 27.73 -40.39
CA ASP B 477 -38.12 28.92 -39.87
C ASP B 477 -39.59 28.63 -39.59
N ALA B 478 -40.13 27.60 -40.26
CA ALA B 478 -41.52 27.22 -40.09
C ALA B 478 -41.72 26.43 -38.80
N ILE B 479 -40.81 25.51 -38.51
CA ILE B 479 -40.91 24.72 -37.31
C ILE B 479 -40.64 25.62 -36.09
N LYS B 480 -39.61 26.45 -36.17
CA LYS B 480 -39.31 27.33 -35.06
C LYS B 480 -40.55 28.17 -34.73
N TYR B 481 -41.32 28.53 -35.76
CA TYR B 481 -42.54 29.36 -35.58
C TYR B 481 -43.58 28.59 -34.74
N ILE B 482 -43.87 27.37 -35.17
CA ILE B 482 -44.82 26.54 -34.46
C ILE B 482 -44.29 26.40 -33.04
N TYR B 483 -43.01 26.06 -32.92
CA TYR B 483 -42.41 25.96 -31.62
C TYR B 483 -42.77 27.22 -30.83
N THR B 484 -42.25 28.37 -31.26
CA THR B 484 -42.50 29.64 -30.58
C THR B 484 -43.95 30.02 -30.31
N PHE B 485 -44.88 29.60 -31.15
CA PHE B 485 -46.26 29.99 -30.92
C PHE B 485 -47.19 28.83 -30.64
N ARG B 486 -46.62 27.71 -30.22
CA ARG B 486 -47.40 26.54 -29.93
C ARG B 486 -48.54 26.80 -28.94
N ASN B 487 -48.36 27.74 -28.02
CA ASN B 487 -49.42 28.05 -27.04
C ASN B 487 -50.45 28.95 -27.68
N GLN B 488 -50.01 29.69 -28.69
CA GLN B 488 -50.86 30.66 -29.38
C GLN B 488 -51.85 30.08 -30.37
N LEU B 489 -51.69 28.83 -30.75
CA LEU B 489 -52.58 28.19 -31.70
C LEU B 489 -53.57 27.28 -30.98
N THR B 490 -54.47 26.69 -31.74
CA THR B 490 -55.46 25.78 -31.17
C THR B 490 -54.82 24.41 -30.98
N LYS B 491 -55.20 23.72 -29.91
CA LYS B 491 -54.64 22.42 -29.65
C LYS B 491 -54.86 21.53 -30.88
N ALA B 492 -56.07 21.56 -31.43
CA ALA B 492 -56.39 20.76 -32.61
C ALA B 492 -55.45 21.02 -33.78
N GLN B 493 -54.97 22.26 -33.92
CA GLN B 493 -54.05 22.61 -35.00
C GLN B 493 -52.66 22.00 -34.75
N LEU B 494 -52.16 22.13 -33.52
CA LEU B 494 -50.85 21.60 -33.18
C LEU B 494 -50.82 20.10 -33.38
N ILE B 495 -51.85 19.44 -32.88
CA ILE B 495 -51.96 17.98 -32.98
C ILE B 495 -51.89 17.50 -34.42
N GLU B 496 -52.62 18.17 -35.31
CA GLU B 496 -52.62 17.79 -36.71
C GLU B 496 -51.21 17.77 -37.33
N LEU B 497 -50.35 18.68 -36.88
CA LEU B 497 -48.99 18.78 -37.41
C LEU B 497 -48.07 17.65 -37.03
N MET B 498 -48.48 16.89 -36.02
CA MET B 498 -47.66 15.79 -35.54
C MET B 498 -46.99 14.96 -36.64
N PRO B 499 -47.77 14.17 -37.41
CA PRO B 499 -47.19 13.35 -38.47
C PRO B 499 -46.22 14.10 -39.39
N ILE B 500 -46.63 15.28 -39.84
CA ILE B 500 -45.78 16.08 -40.71
C ILE B 500 -44.42 16.27 -40.04
N LEU B 501 -44.43 16.74 -38.81
CA LEU B 501 -43.17 16.95 -38.08
C LEU B 501 -42.40 15.64 -38.03
N ALA B 502 -43.11 14.55 -37.77
CA ALA B 502 -42.49 13.23 -37.70
C ALA B 502 -41.73 12.89 -38.99
N THR B 503 -42.35 13.05 -40.14
CA THR B 503 -41.63 12.73 -41.37
C THR B 503 -40.37 13.60 -41.48
N PHE B 504 -40.34 14.75 -40.81
CA PHE B 504 -39.14 15.58 -40.83
C PHE B 504 -38.07 14.79 -40.05
N LEU B 505 -38.50 14.04 -39.03
CA LEU B 505 -37.60 13.21 -38.23
C LEU B 505 -36.98 12.12 -39.08
N GLN B 506 -37.52 11.96 -40.28
CA GLN B 506 -37.05 10.94 -41.21
C GLN B 506 -36.15 11.57 -42.25
N THR B 507 -36.23 12.90 -42.38
CA THR B 507 -35.42 13.59 -43.37
C THR B 507 -33.97 13.47 -43.00
N ASP B 508 -33.13 14.17 -43.75
CA ASP B 508 -31.72 14.14 -43.45
C ASP B 508 -31.25 15.49 -42.96
N GLU B 509 -32.15 16.46 -42.86
CA GLU B 509 -31.75 17.77 -42.38
C GLU B 509 -31.55 17.82 -40.87
N TYR B 510 -30.27 17.87 -40.47
CA TYR B 510 -29.88 17.92 -39.07
C TYR B 510 -30.70 18.94 -38.31
N VAL B 511 -30.70 20.19 -38.79
CA VAL B 511 -31.47 21.24 -38.13
C VAL B 511 -32.97 20.93 -38.20
N VAL B 512 -33.43 20.46 -39.36
CA VAL B 512 -34.85 20.15 -39.53
C VAL B 512 -35.39 19.00 -38.69
N TYR B 513 -34.69 17.87 -38.63
CA TYR B 513 -35.25 16.81 -37.82
C TYR B 513 -35.10 17.11 -36.34
N THR B 514 -34.13 17.96 -36.01
CA THR B 514 -33.90 18.34 -34.62
C THR B 514 -34.97 19.31 -34.14
N TYR B 515 -35.19 20.38 -34.90
CA TYR B 515 -36.25 21.33 -34.54
C TYR B 515 -37.57 20.61 -34.44
N ALA B 516 -37.84 19.78 -35.43
CA ALA B 516 -39.05 18.99 -35.46
C ALA B 516 -39.12 18.16 -34.16
N ALA B 517 -38.01 17.53 -33.77
CA ALA B 517 -37.98 16.70 -32.55
C ALA B 517 -38.24 17.50 -31.26
N ILE B 518 -37.50 18.58 -31.04
CA ILE B 518 -37.72 19.40 -29.84
C ILE B 518 -39.16 19.93 -29.82
N THR B 519 -39.70 20.15 -31.01
CA THR B 519 -41.05 20.67 -31.20
C THR B 519 -42.13 19.58 -30.99
N ILE B 520 -41.85 18.36 -31.45
CA ILE B 520 -42.79 17.27 -31.27
C ILE B 520 -42.94 17.05 -29.77
N GLU B 521 -41.93 17.44 -29.01
CA GLU B 521 -41.94 17.32 -27.55
C GLU B 521 -43.06 18.20 -27.00
N LYS B 522 -42.86 19.51 -27.10
CA LYS B 522 -43.85 20.46 -26.62
C LYS B 522 -45.27 20.14 -27.10
N ILE B 523 -45.40 19.51 -28.27
CA ILE B 523 -46.73 19.17 -28.77
C ILE B 523 -47.26 17.92 -28.10
N LEU B 524 -46.47 16.86 -28.07
CA LEU B 524 -46.92 15.63 -27.44
C LEU B 524 -47.25 15.86 -25.96
N THR B 525 -46.49 16.73 -25.32
CA THR B 525 -46.72 17.02 -23.90
C THR B 525 -48.10 17.60 -23.64
N ILE B 526 -48.75 18.07 -24.71
CA ILE B 526 -50.09 18.65 -24.61
C ILE B 526 -51.18 17.63 -24.98
N SER B 545 -46.78 5.26 -30.99
CA SER B 545 -46.36 6.62 -31.34
C SER B 545 -45.10 6.83 -30.53
N THR B 546 -45.21 6.55 -29.23
CA THR B 546 -44.11 6.69 -28.31
C THR B 546 -42.88 5.91 -28.77
N GLU B 547 -43.07 4.64 -29.16
CA GLU B 547 -41.96 3.81 -29.61
C GLU B 547 -41.41 4.29 -30.96
N ILE B 548 -42.30 4.72 -31.85
CA ILE B 548 -41.87 5.21 -33.15
C ILE B 548 -41.05 6.47 -32.93
N LEU B 549 -41.68 7.48 -32.30
CA LEU B 549 -41.01 8.74 -32.02
C LEU B 549 -39.71 8.46 -31.29
N LEU B 550 -39.78 7.63 -30.27
CA LEU B 550 -38.61 7.28 -29.46
C LEU B 550 -37.50 6.61 -30.26
N LYS B 551 -37.85 5.59 -31.04
CA LYS B 551 -36.89 4.86 -31.85
C LYS B 551 -36.28 5.73 -32.95
N ASN B 552 -37.10 6.55 -33.58
CA ASN B 552 -36.61 7.42 -34.64
C ASN B 552 -35.57 8.39 -34.11
N LEU B 553 -35.77 8.86 -32.88
CA LEU B 553 -34.86 9.80 -32.23
C LEU B 553 -33.51 9.16 -31.96
N ILE B 554 -33.52 8.02 -31.27
CA ILE B 554 -32.30 7.31 -30.96
C ILE B 554 -31.56 7.04 -32.27
N ALA B 555 -32.33 6.73 -33.31
CA ALA B 555 -31.82 6.45 -34.64
C ALA B 555 -31.05 7.67 -35.16
N LEU B 556 -31.56 8.85 -34.82
CA LEU B 556 -30.95 10.09 -35.26
C LEU B 556 -29.66 10.39 -34.51
N ILE B 557 -29.58 9.91 -33.27
CA ILE B 557 -28.38 10.14 -32.45
C ILE B 557 -27.23 9.25 -32.92
N LEU B 558 -27.53 7.99 -33.19
CA LEU B 558 -26.52 7.03 -33.64
C LEU B 558 -26.04 7.28 -35.09
N LYS B 559 -26.85 7.96 -35.90
CA LYS B 559 -26.50 8.26 -37.29
C LYS B 559 -25.48 9.40 -37.40
N HIS B 560 -25.01 9.88 -36.24
CA HIS B 560 -24.02 10.96 -36.19
C HIS B 560 -23.00 10.67 -35.09
N SER B 563 -18.31 7.60 -34.72
CA SER B 563 -17.84 8.87 -34.16
C SER B 563 -18.27 8.97 -32.71
N PRO B 564 -17.44 9.60 -31.85
CA PRO B 564 -17.79 9.75 -30.43
C PRO B 564 -18.21 11.18 -30.09
N GLU B 565 -17.35 12.14 -30.40
CA GLU B 565 -17.59 13.54 -30.11
C GLU B 565 -18.80 14.09 -30.87
N LYS B 566 -18.99 13.66 -32.12
CA LYS B 566 -20.11 14.14 -32.92
C LYS B 566 -21.44 13.71 -32.30
N LEU B 567 -21.48 12.49 -31.78
CA LEU B 567 -22.68 11.95 -31.15
C LEU B 567 -23.31 12.86 -30.09
N ALA B 568 -22.50 13.28 -29.12
CA ALA B 568 -22.99 14.09 -28.00
C ALA B 568 -23.16 15.60 -28.22
N GLU B 569 -23.01 16.06 -29.45
CA GLU B 569 -23.14 17.49 -29.72
C GLU B 569 -24.60 17.94 -29.74
N ASN B 570 -25.52 17.00 -29.94
CA ASN B 570 -26.94 17.34 -30.02
C ASN B 570 -27.70 17.15 -28.72
N GLU B 571 -27.44 18.03 -27.75
CA GLU B 571 -28.10 17.98 -26.45
C GLU B 571 -29.60 17.92 -26.66
N PHE B 572 -30.12 18.89 -27.38
CA PHE B 572 -31.54 18.97 -27.64
C PHE B 572 -32.14 17.63 -27.99
N LEU B 573 -31.43 16.85 -28.78
CA LEU B 573 -31.94 15.56 -29.20
C LEU B 573 -32.03 14.61 -28.02
N MET B 574 -31.05 14.70 -27.13
CA MET B 574 -31.03 13.83 -25.97
C MET B 574 -32.09 14.25 -24.96
N ARG B 575 -32.23 15.55 -24.68
CA ARG B 575 -33.24 15.92 -23.71
C ARG B 575 -34.63 15.54 -24.20
N SER B 576 -34.93 15.88 -25.45
CA SER B 576 -36.22 15.54 -26.01
C SER B 576 -36.48 14.04 -25.84
N ILE B 577 -35.45 13.22 -25.96
CA ILE B 577 -35.69 11.80 -25.77
C ILE B 577 -36.10 11.63 -24.32
N PHE B 578 -35.35 12.27 -23.43
CA PHE B 578 -35.63 12.20 -22.00
C PHE B 578 -37.04 12.63 -21.67
N ARG B 579 -37.38 13.86 -22.01
CA ARG B 579 -38.71 14.42 -21.73
C ARG B 579 -39.87 13.55 -22.19
N VAL B 580 -39.68 12.77 -23.25
CA VAL B 580 -40.74 11.91 -23.74
C VAL B 580 -40.90 10.69 -22.85
N LEU B 581 -39.79 10.25 -22.26
CA LEU B 581 -39.83 9.09 -21.38
C LEU B 581 -40.54 9.42 -20.10
N GLN B 582 -40.28 10.61 -19.56
CA GLN B 582 -40.92 11.03 -18.32
C GLN B 582 -42.38 11.44 -18.51
N THR B 583 -42.79 11.63 -19.76
CA THR B 583 -44.17 11.97 -20.08
C THR B 583 -44.87 10.62 -20.16
N SER B 584 -44.29 9.71 -20.93
CA SER B 584 -44.82 8.36 -21.10
C SER B 584 -44.28 7.46 -19.99
N GLU B 585 -44.72 7.77 -18.78
CA GLU B 585 -44.37 7.10 -17.53
C GLU B 585 -45.08 5.76 -17.35
N ASP B 586 -44.34 4.67 -17.16
CA ASP B 586 -44.98 3.36 -16.93
C ASP B 586 -45.80 2.88 -18.14
N SER B 587 -45.60 3.53 -19.29
CA SER B 587 -46.34 3.23 -20.50
C SER B 587 -45.65 2.36 -21.54
N ILE B 588 -44.32 2.44 -21.60
CA ILE B 588 -43.53 1.68 -22.56
C ILE B 588 -42.74 0.57 -21.88
N GLN B 589 -43.29 0.00 -20.82
CA GLN B 589 -42.62 -1.06 -20.07
C GLN B 589 -41.94 -2.16 -20.87
N PRO B 590 -42.54 -2.56 -21.99
CA PRO B 590 -41.90 -3.62 -22.77
C PRO B 590 -40.64 -3.22 -23.56
N LEU B 591 -40.57 -1.97 -24.02
CA LEU B 591 -39.43 -1.49 -24.80
C LEU B 591 -38.39 -0.73 -23.99
N PHE B 592 -38.14 -1.17 -22.76
CA PHE B 592 -37.16 -0.51 -21.92
C PHE B 592 -35.76 -1.08 -22.11
N PRO B 593 -35.60 -2.40 -21.96
CA PRO B 593 -34.29 -3.05 -22.11
C PRO B 593 -33.55 -2.62 -23.38
N GLN B 594 -34.25 -2.66 -24.51
CA GLN B 594 -33.64 -2.28 -25.77
C GLN B 594 -32.96 -0.92 -25.66
N LEU B 595 -33.65 0.02 -25.03
CA LEU B 595 -33.15 1.39 -24.84
C LEU B 595 -31.84 1.50 -24.07
N LEU B 596 -31.85 1.05 -22.81
CA LEU B 596 -30.66 1.11 -21.96
C LEU B 596 -29.44 0.72 -22.77
N ALA B 597 -29.54 -0.45 -23.39
CA ALA B 597 -28.46 -0.97 -24.21
C ALA B 597 -27.86 0.18 -25.00
N GLN B 598 -28.64 0.70 -25.95
CA GLN B 598 -28.22 1.80 -26.81
C GLN B 598 -27.80 3.05 -26.04
N PHE B 599 -28.34 3.24 -24.84
CA PHE B 599 -27.94 4.39 -24.05
C PHE B 599 -26.54 4.06 -23.53
N ILE B 600 -26.42 2.89 -22.89
CA ILE B 600 -25.13 2.46 -22.37
C ILE B 600 -24.05 2.57 -23.44
N GLU B 601 -24.34 2.03 -24.62
CA GLU B 601 -23.37 2.09 -25.71
C GLU B 601 -22.96 3.54 -25.91
N ILE B 602 -23.95 4.44 -25.88
CA ILE B 602 -23.74 5.88 -26.05
C ILE B 602 -22.77 6.39 -24.99
N VAL B 603 -23.01 5.97 -23.75
CA VAL B 603 -22.16 6.37 -22.65
C VAL B 603 -20.77 5.84 -22.94
N THR B 604 -20.71 4.60 -23.40
CA THR B 604 -19.46 3.94 -23.71
C THR B 604 -18.58 4.77 -24.63
N ILE B 605 -19.13 5.17 -25.78
CA ILE B 605 -18.40 5.96 -26.76
C ILE B 605 -18.04 7.36 -26.27
N MET B 606 -18.66 7.78 -25.17
CA MET B 606 -18.38 9.11 -24.62
C MET B 606 -17.34 8.97 -23.52
N ALA B 607 -17.10 7.74 -23.09
CA ALA B 607 -16.12 7.46 -22.06
C ALA B 607 -14.71 7.56 -22.66
N LYS B 608 -14.64 7.46 -23.98
CA LYS B 608 -13.34 7.55 -24.64
C LYS B 608 -12.98 9.02 -24.68
N ASN B 609 -14.01 9.88 -24.73
CA ASN B 609 -13.81 11.34 -24.76
C ASN B 609 -15.21 11.99 -24.63
N PRO B 610 -15.64 12.34 -23.45
CA PRO B 610 -16.96 12.93 -23.29
C PRO B 610 -17.09 14.32 -23.88
N SER B 611 -18.06 14.44 -24.79
CA SER B 611 -18.36 15.62 -25.61
C SER B 611 -18.71 16.88 -24.83
N ASN B 612 -20.10 16.99 -24.59
CA ASN B 612 -20.69 18.15 -23.86
C ASN B 612 -21.52 17.79 -22.64
N PRO B 613 -21.29 18.52 -21.54
CA PRO B 613 -22.00 18.33 -20.28
C PRO B 613 -23.52 18.21 -20.50
N ARG B 614 -24.09 19.13 -21.28
CA ARG B 614 -25.52 19.15 -21.57
C ARG B 614 -26.14 17.91 -22.22
N PHE B 615 -25.49 17.26 -23.10
CA PHE B 615 -25.93 16.02 -23.68
C PHE B 615 -25.70 14.91 -22.66
N THR B 616 -24.60 15.02 -21.93
CA THR B 616 -24.23 14.03 -20.92
C THR B 616 -25.30 13.88 -19.85
N HIS B 617 -25.70 15.02 -19.29
CA HIS B 617 -26.69 15.08 -18.23
C HIS B 617 -27.99 14.35 -18.56
N TYR B 618 -28.52 14.66 -19.73
CA TYR B 618 -29.78 14.08 -20.19
C TYR B 618 -29.63 12.60 -20.56
N THR B 619 -28.40 12.14 -20.70
CA THR B 619 -28.24 10.74 -21.01
C THR B 619 -28.56 9.94 -19.76
N PHE B 620 -28.00 10.33 -18.62
CA PHE B 620 -28.29 9.61 -17.39
C PHE B 620 -29.68 9.97 -16.88
N GLU B 621 -30.15 11.15 -17.26
CA GLU B 621 -31.46 11.59 -16.85
C GLU B 621 -32.47 10.59 -17.37
N SER B 622 -32.33 10.21 -18.64
CA SER B 622 -33.26 9.24 -19.21
C SER B 622 -33.00 7.84 -18.69
N ILE B 623 -31.73 7.48 -18.57
CA ILE B 623 -31.39 6.15 -18.05
C ILE B 623 -32.05 5.95 -16.69
N GLY B 624 -31.98 6.99 -15.86
CA GLY B 624 -32.59 6.92 -14.54
C GLY B 624 -34.10 6.82 -14.67
N ALA B 625 -34.64 7.59 -15.61
CA ALA B 625 -36.08 7.58 -15.84
C ALA B 625 -36.48 6.15 -16.16
N ILE B 626 -35.70 5.47 -16.99
CA ILE B 626 -36.00 4.09 -17.34
C ILE B 626 -36.04 3.15 -16.13
N LEU B 627 -34.99 3.22 -15.30
CA LEU B 627 -34.89 2.39 -14.11
C LEU B 627 -36.05 2.63 -13.17
N ASN B 628 -36.34 3.90 -12.93
CA ASN B 628 -37.41 4.31 -12.05
C ASN B 628 -38.74 3.63 -12.38
N TYR B 629 -39.11 3.65 -13.65
CA TYR B 629 -40.37 3.04 -14.05
C TYR B 629 -40.28 1.53 -14.21
N THR B 630 -39.07 1.02 -14.42
CA THR B 630 -38.89 -0.43 -14.58
C THR B 630 -39.09 -1.15 -13.27
N GLN B 631 -40.05 -2.07 -13.25
CA GLN B 631 -40.36 -2.82 -12.05
C GLN B 631 -39.15 -3.53 -11.48
N ARG B 632 -39.26 -3.87 -10.20
CA ARG B 632 -38.21 -4.53 -9.45
C ARG B 632 -37.88 -5.93 -9.96
N GLN B 633 -38.88 -6.59 -10.54
CA GLN B 633 -38.69 -7.95 -11.04
C GLN B 633 -38.02 -8.00 -12.42
N ASN B 634 -37.56 -6.86 -12.93
CA ASN B 634 -36.92 -6.81 -14.24
C ASN B 634 -35.57 -6.10 -14.22
N LEU B 635 -35.27 -5.47 -13.09
CA LEU B 635 -34.02 -4.75 -12.89
C LEU B 635 -32.78 -5.56 -13.23
N PRO B 636 -32.65 -6.74 -12.63
CA PRO B 636 -31.51 -7.63 -12.84
C PRO B 636 -30.80 -7.54 -14.18
N LEU B 637 -31.56 -7.61 -15.27
CA LEU B 637 -30.98 -7.56 -16.62
C LEU B 637 -30.53 -6.14 -16.99
N LEU B 638 -31.03 -5.16 -16.25
CA LEU B 638 -30.68 -3.78 -16.52
C LEU B 638 -29.33 -3.50 -15.89
N VAL B 639 -29.11 -4.02 -14.70
CA VAL B 639 -27.85 -3.85 -13.98
C VAL B 639 -26.73 -4.54 -14.75
N ASP B 640 -26.81 -5.87 -14.80
CA ASP B 640 -25.80 -6.69 -15.47
C ASP B 640 -25.31 -6.20 -16.84
N SER B 641 -26.10 -5.36 -17.51
CA SER B 641 -25.70 -4.84 -18.83
C SER B 641 -25.09 -3.45 -18.72
N MET B 642 -25.67 -2.62 -17.88
CA MET B 642 -25.17 -1.28 -17.70
C MET B 642 -23.97 -1.27 -16.76
N MET B 643 -23.98 -2.19 -15.81
CA MET B 643 -22.91 -2.27 -14.81
C MET B 643 -21.50 -2.41 -15.38
N PRO B 644 -21.30 -3.33 -16.34
CA PRO B 644 -19.98 -3.50 -16.92
C PRO B 644 -19.39 -2.16 -17.40
N THR B 645 -20.22 -1.33 -18.02
CA THR B 645 -19.80 -0.01 -18.53
C THR B 645 -19.49 0.96 -17.40
N PHE B 646 -20.23 0.83 -16.30
CA PHE B 646 -20.03 1.68 -15.13
C PHE B 646 -18.74 1.29 -14.46
N LEU B 647 -18.56 0.00 -14.23
CA LEU B 647 -17.37 -0.50 -13.59
C LEU B 647 -16.14 -0.06 -14.35
N THR B 648 -16.33 0.21 -15.65
CA THR B 648 -15.24 0.67 -16.50
C THR B 648 -14.97 2.15 -16.18
N VAL B 649 -16.03 2.97 -16.19
CA VAL B 649 -15.92 4.40 -15.90
C VAL B 649 -15.06 4.59 -14.66
N PHE B 650 -14.97 3.52 -13.87
CA PHE B 650 -14.17 3.48 -12.66
C PHE B 650 -12.72 3.07 -12.94
N ASP B 653 -11.11 6.64 -15.11
CA ASP B 653 -11.51 7.62 -14.10
C ASP B 653 -12.07 8.88 -14.78
N ILE B 654 -13.39 8.93 -14.99
CA ILE B 654 -14.02 10.09 -15.64
C ILE B 654 -14.88 10.91 -14.66
N GLN B 655 -14.25 11.82 -13.93
CA GLN B 655 -14.94 12.68 -12.96
C GLN B 655 -16.27 13.22 -13.49
N GLU B 656 -16.42 13.27 -14.81
CA GLU B 656 -17.63 13.78 -15.45
C GLU B 656 -18.84 12.85 -15.29
N PHE B 657 -18.60 11.56 -15.49
CA PHE B 657 -19.63 10.52 -15.40
C PHE B 657 -19.78 9.94 -14.00
N ILE B 658 -18.68 9.94 -13.26
CA ILE B 658 -18.64 9.40 -11.91
C ILE B 658 -19.89 9.75 -11.09
N PRO B 659 -20.28 11.04 -11.03
CA PRO B 659 -21.46 11.42 -10.27
C PRO B 659 -22.72 10.68 -10.70
N TYR B 660 -23.12 10.95 -11.93
CA TYR B 660 -24.32 10.35 -12.52
C TYR B 660 -24.32 8.86 -12.30
N VAL B 661 -23.15 8.23 -12.46
CA VAL B 661 -23.00 6.78 -12.28
C VAL B 661 -23.27 6.39 -10.84
N PHE B 662 -22.72 7.14 -9.89
CA PHE B 662 -22.92 6.90 -8.46
C PHE B 662 -24.40 6.87 -8.19
N GLN B 663 -25.03 7.95 -8.61
CA GLN B 663 -26.45 8.21 -8.44
C GLN B 663 -27.31 7.08 -8.98
N ILE B 664 -27.11 6.74 -10.24
CA ILE B 664 -27.88 5.68 -10.84
C ILE B 664 -27.72 4.37 -10.07
N ILE B 665 -26.49 3.90 -9.90
CA ILE B 665 -26.26 2.66 -9.16
C ILE B 665 -26.95 2.76 -7.82
N ALA B 666 -26.72 3.88 -7.13
CA ALA B 666 -27.31 4.12 -5.82
C ALA B 666 -28.80 3.82 -5.85
N PHE B 667 -29.48 4.31 -6.89
CA PHE B 667 -30.91 4.08 -7.03
C PHE B 667 -31.17 2.59 -7.08
N VAL B 668 -30.34 1.90 -7.84
CA VAL B 668 -30.49 0.46 -7.99
C VAL B 668 -30.29 -0.27 -6.68
N VAL B 669 -29.61 0.39 -5.74
CA VAL B 669 -29.33 -0.18 -4.43
C VAL B 669 -30.44 0.04 -3.41
N GLU B 670 -31.23 1.09 -3.60
CA GLU B 670 -32.34 1.40 -2.70
C GLU B 670 -33.58 0.63 -3.20
N GLN B 671 -33.56 0.32 -4.49
CA GLN B 671 -34.65 -0.38 -5.15
C GLN B 671 -34.73 -1.88 -4.92
N SER B 672 -33.70 -2.50 -4.35
CA SER B 672 -33.74 -3.94 -4.12
C SER B 672 -33.39 -4.38 -2.70
N ALA B 673 -34.02 -5.46 -2.26
CA ALA B 673 -33.80 -5.99 -0.92
C ALA B 673 -32.32 -6.25 -0.66
N THR B 674 -31.72 -7.08 -1.51
CA THR B 674 -30.30 -7.40 -1.39
C THR B 674 -29.49 -6.79 -2.53
N ILE B 675 -28.32 -6.29 -2.16
CA ILE B 675 -27.41 -5.64 -3.09
C ILE B 675 -27.08 -6.50 -4.30
N PRO B 676 -27.10 -5.89 -5.51
CA PRO B 676 -26.79 -6.65 -6.72
C PRO B 676 -25.36 -7.19 -6.58
N GLU B 677 -25.22 -8.50 -6.61
CA GLU B 677 -23.92 -9.14 -6.47
C GLU B 677 -22.85 -8.50 -7.37
N SER B 678 -23.29 -7.97 -8.51
CA SER B 678 -22.39 -7.33 -9.47
C SER B 678 -21.84 -5.96 -9.02
N ILE B 679 -22.45 -5.39 -7.99
CA ILE B 679 -22.05 -4.09 -7.46
C ILE B 679 -21.49 -4.16 -6.04
N LYS B 680 -21.81 -5.23 -5.32
CA LYS B 680 -21.33 -5.36 -3.95
C LYS B 680 -19.89 -4.90 -3.76
N PRO B 681 -18.99 -5.23 -4.70
CA PRO B 681 -17.60 -4.81 -4.54
C PRO B 681 -17.28 -3.31 -4.41
N LEU B 682 -18.15 -2.43 -4.91
CA LEU B 682 -17.86 -1.01 -4.84
C LEU B 682 -17.92 -0.45 -3.43
N ALA B 683 -18.40 -1.26 -2.49
CA ALA B 683 -18.52 -0.84 -1.10
C ALA B 683 -17.25 -0.39 -0.43
N GLN B 684 -16.34 -1.33 -0.19
CA GLN B 684 -15.09 -1.00 0.48
C GLN B 684 -14.28 0.10 -0.18
N PRO B 685 -14.06 0.03 -1.49
CA PRO B 685 -13.28 1.07 -2.16
C PRO B 685 -13.91 2.45 -2.07
N LEU B 686 -15.22 2.47 -1.84
CA LEU B 686 -15.96 3.73 -1.73
C LEU B 686 -15.55 4.47 -0.48
N LEU B 687 -15.07 3.72 0.50
CA LEU B 687 -14.64 4.27 1.76
C LEU B 687 -13.34 5.07 1.68
N ALA B 688 -12.62 4.98 0.57
CA ALA B 688 -11.37 5.72 0.44
C ALA B 688 -11.66 7.22 0.45
N PRO B 689 -10.89 7.99 1.23
CA PRO B 689 -11.03 9.44 1.34
C PRO B 689 -10.63 10.15 0.04
N ASN B 690 -10.25 9.36 -0.96
CA ASN B 690 -9.86 9.90 -2.25
C ASN B 690 -11.11 10.41 -2.99
N VAL B 691 -12.18 9.62 -2.95
CA VAL B 691 -13.44 9.95 -3.60
C VAL B 691 -14.10 11.19 -3.01
N TRP B 692 -14.26 11.20 -1.69
CA TRP B 692 -14.88 12.34 -1.00
C TRP B 692 -13.94 13.53 -0.95
N GLU B 693 -13.04 13.61 -1.93
CA GLU B 693 -12.07 14.70 -1.99
C GLU B 693 -12.65 15.93 -2.68
N LEU B 694 -13.43 15.74 -3.74
CA LEU B 694 -13.98 16.92 -4.41
C LEU B 694 -15.44 17.22 -4.13
N LYS B 695 -15.66 18.50 -3.83
CA LYS B 695 -16.97 19.07 -3.52
C LYS B 695 -18.06 18.59 -4.49
N GLY B 696 -17.68 18.34 -5.73
CA GLY B 696 -18.65 17.91 -6.71
C GLY B 696 -19.17 16.48 -6.60
N ASN B 697 -18.54 15.66 -5.79
CA ASN B 697 -18.98 14.27 -5.66
C ASN B 697 -19.51 13.92 -4.28
N ILE B 698 -19.30 14.80 -3.31
CA ILE B 698 -19.77 14.55 -1.95
C ILE B 698 -21.20 14.05 -1.91
N PRO B 699 -22.13 14.79 -2.53
CA PRO B 699 -23.50 14.29 -2.47
C PRO B 699 -23.71 12.91 -3.07
N ALA B 700 -23.57 12.79 -4.38
CA ALA B 700 -23.78 11.49 -5.03
C ALA B 700 -23.17 10.33 -4.25
N VAL B 701 -21.96 10.54 -3.73
CA VAL B 701 -21.28 9.49 -2.99
C VAL B 701 -21.97 9.19 -1.67
N THR B 702 -22.45 10.23 -1.00
CA THR B 702 -23.14 10.02 0.26
C THR B 702 -24.43 9.26 0.01
N ARG B 703 -25.01 9.42 -1.17
CA ARG B 703 -26.25 8.70 -1.46
C ARG B 703 -25.95 7.22 -1.69
N LEU B 704 -24.88 6.91 -2.41
CA LEU B 704 -24.54 5.53 -2.64
C LEU B 704 -24.20 4.86 -1.31
N LEU B 705 -23.24 5.41 -0.56
CA LEU B 705 -22.87 4.83 0.73
C LEU B 705 -24.13 4.67 1.58
N LYS B 706 -24.98 5.68 1.56
CA LYS B 706 -26.20 5.64 2.35
C LYS B 706 -27.08 4.49 1.89
N SER B 707 -27.20 4.30 0.59
CA SER B 707 -28.01 3.24 0.04
C SER B 707 -27.51 1.86 0.47
N PHE B 708 -26.21 1.73 0.66
CA PHE B 708 -25.68 0.45 1.08
C PHE B 708 -26.08 0.16 2.52
N ILE B 709 -25.80 1.11 3.42
CA ILE B 709 -26.13 0.94 4.82
C ILE B 709 -27.54 0.42 5.05
N LYS B 710 -28.48 0.94 4.29
CA LYS B 710 -29.89 0.55 4.42
C LYS B 710 -30.14 -0.86 3.87
N THR B 711 -29.42 -1.19 2.81
CA THR B 711 -29.52 -2.48 2.18
C THR B 711 -28.25 -3.27 2.47
N ASP B 712 -28.36 -4.28 3.33
CA ASP B 712 -27.23 -5.13 3.70
C ASP B 712 -26.08 -4.39 4.41
N SER B 713 -26.20 -4.28 5.73
CA SER B 713 -25.23 -3.57 6.55
C SER B 713 -23.97 -4.39 6.74
N SER B 714 -24.00 -5.66 6.35
CA SER B 714 -22.86 -6.56 6.49
C SER B 714 -21.71 -6.23 5.56
N ILE B 715 -22.05 -5.69 4.39
CA ILE B 715 -21.04 -5.35 3.42
C ILE B 715 -19.97 -4.43 4.02
N PHE B 716 -20.34 -3.70 5.07
CA PHE B 716 -19.41 -2.81 5.77
C PHE B 716 -19.12 -3.40 7.15
N PRO B 717 -18.23 -4.40 7.20
CA PRO B 717 -17.83 -5.10 8.42
C PRO B 717 -17.21 -4.22 9.52
N ASP B 718 -16.36 -3.27 9.13
CA ASP B 718 -15.71 -2.34 10.07
C ASP B 718 -16.33 -0.97 9.95
N LEU B 719 -16.96 -0.53 11.04
CA LEU B 719 -17.65 0.75 11.07
C LEU B 719 -16.74 1.97 11.06
N VAL B 720 -15.48 1.78 11.42
CA VAL B 720 -14.50 2.87 11.49
C VAL B 720 -14.29 3.63 10.17
N PRO B 721 -14.15 2.90 9.06
CA PRO B 721 -13.96 3.58 7.79
C PRO B 721 -15.18 4.47 7.48
N VAL B 722 -16.38 3.96 7.78
CA VAL B 722 -17.61 4.70 7.55
C VAL B 722 -17.64 5.95 8.42
N LEU B 723 -17.46 5.79 9.73
CA LEU B 723 -17.45 6.95 10.63
C LEU B 723 -16.43 7.95 10.15
N GLY B 724 -15.28 7.43 9.69
CA GLY B 724 -14.26 8.31 9.17
C GLY B 724 -14.97 9.34 8.33
N ILE B 725 -15.77 8.85 7.39
CA ILE B 725 -16.56 9.68 6.49
C ILE B 725 -17.49 10.58 7.31
N PHE B 726 -18.15 10.01 8.31
CA PHE B 726 -19.03 10.82 9.13
C PHE B 726 -18.29 11.99 9.75
N GLN B 727 -17.15 11.69 10.36
CA GLN B 727 -16.31 12.69 11.01
C GLN B 727 -16.00 13.85 10.07
N ARG B 728 -15.61 13.53 8.84
CA ARG B 728 -15.29 14.57 7.89
C ARG B 728 -16.51 15.37 7.48
N LEU B 729 -17.61 14.69 7.15
CA LEU B 729 -18.81 15.40 6.71
C LEU B 729 -19.37 16.36 7.74
N ILE B 730 -19.53 15.88 8.96
CA ILE B 730 -20.07 16.67 10.03
C ILE B 730 -19.17 17.82 10.48
N ALA B 731 -17.86 17.63 10.40
CA ALA B 731 -16.91 18.66 10.83
C ALA B 731 -16.87 19.83 9.85
N SER B 732 -17.26 19.56 8.61
CA SER B 732 -17.26 20.55 7.55
C SER B 732 -18.62 21.22 7.43
N LYS B 733 -18.63 22.52 7.71
CA LYS B 733 -19.82 23.34 7.63
C LYS B 733 -20.41 23.31 6.21
N ALA B 734 -19.57 22.99 5.24
CA ALA B 734 -19.99 22.94 3.84
C ALA B 734 -21.01 21.84 3.60
N TYR B 735 -20.79 20.70 4.23
CA TYR B 735 -21.71 19.62 4.08
C TYR B 735 -21.99 18.93 5.40
N GLU B 736 -22.20 19.73 6.42
CA GLU B 736 -22.51 19.22 7.73
C GLU B 736 -23.87 18.58 7.54
N VAL B 737 -24.59 19.01 6.52
CA VAL B 737 -25.89 18.42 6.27
C VAL B 737 -25.77 17.01 5.71
N HIS B 738 -24.66 16.72 5.04
CA HIS B 738 -24.44 15.37 4.51
C HIS B 738 -24.06 14.45 5.67
N GLY B 739 -23.34 15.01 6.64
CA GLY B 739 -22.94 14.24 7.80
C GLY B 739 -24.20 13.77 8.51
N PHE B 740 -25.13 14.67 8.74
CA PHE B 740 -26.36 14.33 9.45
C PHE B 740 -27.17 13.31 8.68
N ASP B 741 -27.23 13.45 7.37
CA ASP B 741 -27.98 12.48 6.59
C ASP B 741 -27.36 11.11 6.73
N LEU B 742 -26.04 11.00 6.65
CA LEU B 742 -25.38 9.70 6.80
C LEU B 742 -25.53 9.17 8.22
N LEU B 743 -25.26 10.02 9.20
CA LEU B 743 -25.36 9.63 10.59
C LEU B 743 -26.74 9.05 10.88
N GLU B 744 -27.80 9.79 10.60
CA GLU B 744 -29.13 9.25 10.88
C GLU B 744 -29.36 7.91 10.18
N HIS B 745 -28.57 7.59 9.18
CA HIS B 745 -28.75 6.31 8.49
C HIS B 745 -28.05 5.22 9.27
N ILE B 746 -26.89 5.58 9.80
CA ILE B 746 -26.08 4.70 10.60
C ILE B 746 -26.78 4.32 11.90
N MET B 747 -27.34 5.30 12.58
CA MET B 747 -27.98 4.99 13.85
C MET B 747 -29.37 4.42 13.81
N LEU B 748 -30.06 4.53 12.69
CA LEU B 748 -31.40 3.97 12.66
C LEU B 748 -31.35 2.62 11.98
N LEU B 749 -30.44 2.47 11.03
CA LEU B 749 -30.37 1.24 10.26
C LEU B 749 -29.25 0.25 10.58
N ILE B 750 -28.67 0.33 11.76
CA ILE B 750 -27.60 -0.61 12.12
C ILE B 750 -27.96 -1.23 13.47
N ASP B 751 -27.71 -2.53 13.61
CA ASP B 751 -27.98 -3.23 14.86
C ASP B 751 -27.26 -2.41 15.93
N MET B 752 -27.86 -2.23 17.09
CA MET B 752 -27.21 -1.44 18.12
C MET B 752 -25.98 -2.16 18.69
N ASN B 753 -25.96 -3.49 18.58
CA ASN B 753 -24.83 -4.29 19.07
C ASN B 753 -23.52 -3.82 18.43
N ARG B 754 -23.56 -3.69 17.10
CA ARG B 754 -22.39 -3.26 16.35
C ARG B 754 -22.11 -1.78 16.50
N LEU B 755 -23.16 -1.01 16.72
CA LEU B 755 -23.06 0.43 16.84
C LEU B 755 -22.51 0.89 18.19
N ARG B 756 -22.88 0.17 19.23
CA ARG B 756 -22.47 0.48 20.59
C ARG B 756 -20.96 0.82 20.74
N PRO B 757 -20.08 0.14 20.00
CA PRO B 757 -18.65 0.45 20.13
C PRO B 757 -18.26 1.87 19.67
N TYR B 758 -19.10 2.49 18.86
CA TYR B 758 -18.78 3.81 18.33
C TYR B 758 -19.71 4.97 18.71
N ILE B 759 -20.58 4.80 19.69
CA ILE B 759 -21.49 5.88 20.04
C ILE B 759 -20.86 7.09 20.71
N LYS B 760 -19.89 6.86 21.59
CA LYS B 760 -19.27 7.99 22.26
C LYS B 760 -18.58 8.90 21.23
N GLN B 761 -17.99 8.30 20.19
CA GLN B 761 -17.33 9.10 19.15
C GLN B 761 -18.38 10.04 18.56
N ILE B 762 -19.43 9.45 18.03
CA ILE B 762 -20.52 10.16 17.43
C ILE B 762 -21.02 11.25 18.39
N ALA B 763 -21.39 10.88 19.61
CA ALA B 763 -21.87 11.86 20.58
C ALA B 763 -20.95 13.06 20.72
N VAL B 764 -19.65 12.79 20.84
CA VAL B 764 -18.65 13.86 20.97
C VAL B 764 -18.60 14.71 19.72
N LEU B 765 -18.39 14.06 18.58
CA LEU B 765 -18.31 14.73 17.30
C LEU B 765 -19.49 15.70 17.08
N LEU B 766 -20.67 15.35 17.56
CA LEU B 766 -21.85 16.21 17.38
C LEU B 766 -21.86 17.42 18.32
N LEU B 767 -21.31 17.25 19.51
CA LEU B 767 -21.26 18.34 20.46
C LEU B 767 -19.97 19.08 20.21
N GLN B 768 -18.92 18.32 19.92
CA GLN B 768 -17.61 18.89 19.64
C GLN B 768 -17.73 19.98 18.59
N ARG B 769 -18.37 19.66 17.47
CA ARG B 769 -18.51 20.65 16.43
C ARG B 769 -19.45 21.77 16.88
N LEU B 770 -20.24 21.52 17.91
CA LEU B 770 -21.13 22.57 18.38
C LEU B 770 -20.36 23.62 19.16
N GLN B 771 -19.34 23.19 19.89
CA GLN B 771 -18.53 24.11 20.71
C GLN B 771 -17.61 25.07 19.96
N ASN B 772 -16.92 24.60 18.94
CA ASN B 772 -16.04 25.48 18.18
C ASN B 772 -16.77 26.30 17.12
N SER B 773 -17.49 25.63 16.21
CA SER B 773 -18.20 26.32 15.14
C SER B 773 -19.72 26.01 15.05
N LYS B 774 -20.51 26.68 15.87
CA LYS B 774 -21.96 26.46 15.89
C LYS B 774 -22.77 27.26 14.86
N THR B 775 -22.88 26.76 13.64
CA THR B 775 -23.70 27.48 12.66
C THR B 775 -25.16 27.30 13.07
N GLU B 776 -25.97 28.32 12.83
CA GLU B 776 -27.40 28.28 13.18
C GLU B 776 -28.14 27.26 12.32
N ARG B 777 -27.46 26.76 11.31
CA ARG B 777 -28.01 25.75 10.44
C ARG B 777 -27.68 24.44 11.13
N TYR B 778 -26.45 24.34 11.57
CA TYR B 778 -26.02 23.16 12.28
C TYR B 778 -26.92 22.97 13.50
N VAL B 779 -27.02 23.98 14.35
CA VAL B 779 -27.82 23.83 15.53
C VAL B 779 -29.24 23.31 15.25
N LYS B 780 -29.89 23.88 14.24
CA LYS B 780 -31.26 23.49 13.87
C LYS B 780 -31.31 22.04 13.39
N LYS B 781 -30.37 21.70 12.50
CA LYS B 781 -30.26 20.38 11.93
C LYS B 781 -30.01 19.37 13.04
N LEU B 782 -29.21 19.79 14.01
CA LEU B 782 -28.88 18.97 15.16
C LEU B 782 -30.10 18.79 16.01
N THR B 783 -30.89 19.85 16.12
CA THR B 783 -32.11 19.80 16.90
C THR B 783 -33.09 18.83 16.27
N VAL B 784 -33.23 18.88 14.96
CA VAL B 784 -34.16 17.96 14.31
C VAL B 784 -33.67 16.54 14.53
N PHE B 785 -32.35 16.37 14.43
CA PHE B 785 -31.72 15.05 14.59
C PHE B 785 -32.01 14.42 15.95
N PHE B 786 -31.98 15.22 17.00
CA PHE B 786 -32.24 14.68 18.32
C PHE B 786 -33.71 14.33 18.41
N GLY B 787 -34.56 15.19 17.86
CA GLY B 787 -35.97 14.88 17.91
C GLY B 787 -36.18 13.59 17.16
N LEU B 788 -35.45 13.43 16.05
CA LEU B 788 -35.58 12.25 15.24
C LEU B 788 -35.31 10.99 16.01
N ILE B 789 -34.06 10.77 16.42
CA ILE B 789 -33.72 9.57 17.19
C ILE B 789 -34.66 9.40 18.38
N SER B 790 -34.87 10.46 19.14
CA SER B 790 -35.76 10.37 20.27
C SER B 790 -37.05 9.75 19.77
N ASN B 791 -37.52 10.19 18.61
CA ASN B 791 -38.75 9.61 18.12
C ASN B 791 -38.57 8.12 17.86
N LYS B 792 -37.50 7.72 17.20
CA LYS B 792 -37.28 6.32 16.87
C LYS B 792 -36.62 5.44 17.94
N LEU B 793 -35.36 5.73 18.23
CA LEU B 793 -34.56 4.99 19.20
C LEU B 793 -34.99 5.15 20.64
N GLY B 794 -35.90 6.08 20.91
CA GLY B 794 -36.37 6.28 22.28
C GLY B 794 -35.88 7.55 22.96
N SER B 795 -36.65 8.05 23.91
CA SER B 795 -36.29 9.27 24.64
C SER B 795 -35.09 8.95 25.53
N ASP B 796 -35.24 7.91 26.35
CA ASP B 796 -34.19 7.49 27.25
C ASP B 796 -32.88 7.40 26.51
N PHE B 797 -32.88 6.68 25.39
CA PHE B 797 -31.67 6.51 24.60
C PHE B 797 -30.94 7.84 24.41
N LEU B 798 -31.66 8.80 23.84
CA LEU B 798 -31.11 10.12 23.61
C LEU B 798 -30.37 10.59 24.84
N ILE B 799 -31.02 10.46 26.00
CA ILE B 799 -30.41 10.89 27.26
C ILE B 799 -29.05 10.22 27.52
N HIS B 800 -28.99 8.91 27.39
CA HIS B 800 -27.72 8.24 27.61
C HIS B 800 -26.76 8.83 26.60
N PHE B 801 -27.14 8.70 25.33
CA PHE B 801 -26.37 9.18 24.18
C PHE B 801 -25.58 10.46 24.52
N ILE B 802 -26.29 11.55 24.76
CA ILE B 802 -25.69 12.84 25.07
C ILE B 802 -24.85 12.89 26.33
N ASP B 803 -25.28 12.21 27.38
CA ASP B 803 -24.55 12.22 28.63
C ASP B 803 -23.30 11.34 28.69
N GLU B 804 -22.94 10.72 27.58
CA GLU B 804 -21.74 9.91 27.62
C GLU B 804 -20.56 10.72 27.05
N VAL B 805 -20.63 12.04 27.24
CA VAL B 805 -19.57 12.99 26.86
C VAL B 805 -19.13 13.58 28.20
N GLN B 806 -20.05 14.31 28.84
CA GLN B 806 -19.82 14.90 30.15
C GLN B 806 -21.07 14.52 30.97
N ASP B 807 -20.86 13.73 32.03
CA ASP B 807 -21.94 13.24 32.83
C ASP B 807 -23.44 13.82 33.27
N GLY B 808 -23.14 15.25 33.10
CA GLY B 808 -24.50 15.94 33.41
C GLY B 808 -24.67 16.97 32.29
N LEU B 809 -24.36 16.67 31.05
CA LEU B 809 -24.58 17.48 29.86
C LEU B 809 -25.93 17.38 29.18
N PHE B 810 -26.61 16.22 29.31
CA PHE B 810 -27.89 15.99 28.63
C PHE B 810 -28.96 16.98 28.92
N GLN B 811 -28.99 17.33 30.17
CA GLN B 811 -29.83 18.35 30.76
C GLN B 811 -29.49 19.77 30.31
N GLN B 812 -28.20 20.06 30.14
CA GLN B 812 -27.76 21.38 29.70
C GLN B 812 -28.10 21.59 28.23
N ILE B 813 -27.73 20.63 27.37
CA ILE B 813 -28.02 20.73 25.94
C ILE B 813 -29.52 20.75 25.67
N TRP B 814 -30.20 19.74 26.17
CA TRP B 814 -31.63 19.64 25.99
C TRP B 814 -32.23 20.98 26.21
N GLY B 815 -32.37 21.31 27.47
CA GLY B 815 -32.96 22.57 27.85
C GLY B 815 -32.36 23.85 27.28
N ASN B 816 -31.07 23.88 26.98
CA ASN B 816 -30.48 25.10 26.49
C ASN B 816 -30.26 25.25 24.99
N PHE B 817 -30.24 24.14 24.27
CA PHE B 817 -30.05 24.21 22.82
C PHE B 817 -31.18 23.58 22.00
N ILE B 818 -31.65 22.39 22.39
CA ILE B 818 -32.74 21.75 21.66
C ILE B 818 -34.02 22.57 21.76
N ILE B 819 -34.57 22.58 22.97
CA ILE B 819 -35.80 23.30 23.32
C ILE B 819 -35.88 24.75 22.82
N THR B 820 -34.76 25.46 22.84
CA THR B 820 -34.75 26.86 22.41
C THR B 820 -34.87 26.96 20.90
N THR B 821 -34.27 26.00 20.21
CA THR B 821 -34.25 25.95 18.76
C THR B 821 -35.52 25.41 18.11
N LEU B 822 -36.33 24.66 18.85
CA LEU B 822 -37.53 24.08 18.28
C LEU B 822 -38.42 25.09 17.62
N PRO B 823 -38.98 26.02 18.40
CA PRO B 823 -39.86 27.05 17.86
C PRO B 823 -39.21 27.92 16.77
N THR B 824 -37.90 27.71 16.59
CA THR B 824 -37.08 28.42 15.62
C THR B 824 -36.97 27.70 14.28
N ILE B 825 -37.18 26.39 14.27
CA ILE B 825 -37.08 25.59 13.04
C ILE B 825 -38.15 25.96 12.02
N GLY B 826 -37.68 26.49 10.89
CA GLY B 826 -38.57 26.92 9.81
C GLY B 826 -39.26 25.84 9.00
N ASN B 827 -38.48 25.05 8.25
CA ASN B 827 -39.05 24.00 7.42
C ASN B 827 -40.16 23.25 8.17
N LEU B 828 -41.35 23.14 7.60
CA LEU B 828 -42.45 22.48 8.29
C LEU B 828 -42.26 21.00 8.58
N LEU B 829 -41.58 20.32 7.69
CA LEU B 829 -41.37 18.90 7.87
C LEU B 829 -40.41 18.65 8.99
N ASP B 830 -39.34 19.44 9.03
CA ASP B 830 -38.33 19.31 10.08
C ASP B 830 -38.94 19.72 11.41
N ARG B 831 -39.82 20.71 11.35
CA ARG B 831 -40.50 21.23 12.52
C ARG B 831 -41.39 20.15 13.11
N LYS B 832 -42.13 19.48 12.23
CA LYS B 832 -43.01 18.41 12.65
C LYS B 832 -42.27 17.26 13.35
N ILE B 833 -41.09 16.94 12.85
CA ILE B 833 -40.25 15.88 13.40
C ILE B 833 -39.68 16.25 14.74
N ALA B 834 -39.07 17.43 14.79
CA ALA B 834 -38.45 17.97 15.99
C ALA B 834 -39.47 18.10 17.11
N LEU B 835 -40.66 18.58 16.76
CA LEU B 835 -41.70 18.72 17.75
C LEU B 835 -42.05 17.36 18.31
N ILE B 836 -42.36 16.42 17.43
CA ILE B 836 -42.70 15.07 17.83
C ILE B 836 -41.63 14.39 18.69
N GLY B 837 -40.38 14.79 18.51
CA GLY B 837 -39.32 14.20 19.30
C GLY B 837 -39.42 14.67 20.74
N VAL B 838 -39.66 15.97 20.90
CA VAL B 838 -39.77 16.57 22.22
C VAL B 838 -41.06 16.19 22.93
N LEU B 839 -42.17 16.14 22.20
CA LEU B 839 -43.42 15.75 22.84
C LEU B 839 -43.17 14.33 23.37
N ASN B 840 -42.48 13.54 22.57
CA ASN B 840 -42.15 12.16 22.88
C ASN B 840 -41.26 12.07 24.09
N MET B 841 -40.41 13.07 24.25
CA MET B 841 -39.49 13.10 25.38
C MET B 841 -40.22 13.35 26.69
N VAL B 842 -41.38 13.99 26.63
CA VAL B 842 -42.13 14.25 27.84
C VAL B 842 -43.07 13.10 28.16
N ILE B 843 -43.91 12.69 27.20
CA ILE B 843 -44.85 11.62 27.49
C ILE B 843 -44.24 10.22 27.51
N ASN B 844 -43.72 9.75 26.38
CA ASN B 844 -43.14 8.41 26.30
C ASN B 844 -41.78 8.29 27.00
N GLY B 845 -41.40 9.31 27.74
CA GLY B 845 -40.11 9.30 28.42
C GLY B 845 -40.11 9.38 29.93
N GLN B 846 -39.20 8.62 30.54
CA GLN B 846 -39.02 8.56 32.00
C GLN B 846 -38.26 9.82 32.44
N PHE B 847 -38.65 10.89 31.77
CA PHE B 847 -38.14 12.25 31.88
C PHE B 847 -38.46 12.89 33.22
N PHE B 848 -39.64 12.59 33.77
CA PHE B 848 -40.02 13.18 35.04
C PHE B 848 -39.23 12.49 36.15
N GLN B 849 -39.40 11.16 36.23
CA GLN B 849 -38.75 10.30 37.21
C GLN B 849 -37.23 10.36 37.13
N SER B 850 -36.71 10.74 35.96
CA SER B 850 -35.27 10.85 35.73
C SER B 850 -34.72 12.06 36.47
N LYS B 851 -35.54 12.54 37.40
CA LYS B 851 -35.16 13.67 38.22
C LYS B 851 -35.15 14.99 37.48
N TYR B 852 -36.19 15.25 36.71
CA TYR B 852 -36.26 16.52 36.02
C TYR B 852 -37.63 17.15 36.18
N PRO B 853 -37.66 18.39 36.65
CA PRO B 853 -38.90 19.14 36.84
C PRO B 853 -38.63 20.48 36.16
N THR B 854 -37.36 20.86 36.20
CA THR B 854 -36.88 22.10 35.61
C THR B 854 -37.12 22.00 34.10
N LEU B 855 -36.66 20.89 33.53
CA LEU B 855 -36.79 20.64 32.11
C LEU B 855 -38.20 20.37 31.63
N ILE B 856 -39.06 19.87 32.51
CA ILE B 856 -40.44 19.60 32.11
C ILE B 856 -41.16 20.89 31.69
N SER B 857 -41.37 21.78 32.66
CA SER B 857 -42.08 23.03 32.39
C SER B 857 -41.47 23.81 31.24
N SER B 858 -40.13 23.90 31.23
CA SER B 858 -39.45 24.63 30.16
C SER B 858 -39.44 23.89 28.82
N THR B 859 -39.89 22.65 28.82
CA THR B 859 -39.93 21.84 27.60
C THR B 859 -41.33 21.87 27.09
N MET B 860 -42.24 21.98 28.05
CA MET B 860 -43.66 21.98 27.80
C MET B 860 -44.13 23.25 27.12
N ASN B 861 -43.60 24.39 27.55
CA ASN B 861 -44.02 25.63 26.93
C ASN B 861 -43.43 25.69 25.52
N SER B 862 -42.39 24.92 25.27
CA SER B 862 -41.80 24.89 23.95
C SER B 862 -42.74 24.11 23.06
N ILE B 863 -43.18 22.94 23.54
CA ILE B 863 -44.10 22.11 22.79
C ILE B 863 -45.30 22.96 22.46
N ILE B 864 -45.66 23.84 23.39
CA ILE B 864 -46.81 24.72 23.23
C ILE B 864 -46.49 25.90 22.30
N GLU B 865 -45.49 26.69 22.62
CA GLU B 865 -45.17 27.81 21.76
C GLU B 865 -45.05 27.33 20.32
N THR B 866 -44.37 26.20 20.10
CA THR B 866 -44.14 25.66 18.75
C THR B 866 -45.42 25.20 18.04
N ALA B 867 -46.29 24.45 18.74
CA ALA B 867 -47.57 23.91 18.20
C ALA B 867 -48.63 24.97 17.86
N SER B 868 -48.39 26.19 18.29
CA SER B 868 -49.23 27.32 17.96
C SER B 868 -48.30 28.42 17.68
N SER B 869 -48.02 28.51 16.42
CA SER B 869 -47.16 29.56 15.97
C SER B 869 -48.02 30.73 15.54
N GLN B 870 -48.26 31.65 16.50
CA GLN B 870 -49.10 32.83 16.26
C GLN B 870 -48.30 34.10 16.17
N SER B 871 -46.99 34.01 16.23
CA SER B 871 -46.23 35.18 15.88
C SER B 871 -45.05 34.87 14.98
N ILE B 872 -44.25 35.90 14.72
CA ILE B 872 -43.03 35.80 13.91
C ILE B 872 -41.79 36.21 14.70
N ALA B 873 -40.63 36.00 14.09
CA ALA B 873 -39.34 36.31 14.72
C ALA B 873 -38.94 37.79 14.78
N ASN B 874 -37.95 38.07 15.63
CA ASN B 874 -37.41 39.41 15.83
C ASN B 874 -36.01 39.49 15.24
N LEU B 875 -35.87 39.94 14.00
CA LEU B 875 -34.54 40.02 13.41
C LEU B 875 -34.37 41.12 12.37
N PHE B 895 -25.85 20.30 -7.89
CA PHE B 895 -25.76 21.00 -9.16
C PHE B 895 -25.68 20.06 -10.38
N SER B 896 -25.61 18.75 -10.11
CA SER B 896 -25.56 17.71 -11.15
C SER B 896 -26.49 16.55 -10.81
N LYS B 897 -27.42 16.77 -9.88
CA LYS B 897 -28.39 15.75 -9.47
C LYS B 897 -29.24 15.26 -10.65
N LEU B 898 -29.74 14.03 -10.54
CA LEU B 898 -30.57 13.48 -11.59
C LEU B 898 -32.01 13.57 -11.07
N VAL B 899 -32.89 14.19 -11.84
CA VAL B 899 -34.30 14.36 -11.46
C VAL B 899 -35.08 13.08 -11.71
N SER B 900 -34.75 12.42 -12.82
CA SER B 900 -35.41 11.18 -13.20
C SER B 900 -35.49 10.27 -12.00
N ILE B 901 -34.37 10.23 -11.28
CA ILE B 901 -34.22 9.46 -10.06
C ILE B 901 -33.96 10.49 -8.98
N SER B 902 -35.02 11.07 -8.44
CA SER B 902 -34.86 12.11 -7.43
C SER B 902 -34.98 11.59 -6.03
N GLU B 903 -34.27 12.25 -5.14
CA GLU B 903 -34.30 11.90 -3.73
C GLU B 903 -35.47 12.63 -3.08
N LYS B 904 -36.60 11.95 -2.99
CA LYS B 904 -37.78 12.53 -2.38
C LYS B 904 -37.41 12.96 -0.96
N PRO B 905 -37.84 14.16 -0.55
CA PRO B 905 -37.49 14.63 0.80
C PRO B 905 -37.84 13.62 1.87
N PHE B 906 -36.86 13.26 2.69
CA PHE B 906 -37.05 12.28 3.76
C PHE B 906 -38.48 12.34 4.25
N ASP B 907 -39.29 11.38 3.84
CA ASP B 907 -40.69 11.34 4.22
C ASP B 907 -40.86 11.58 5.72
N PRO B 908 -42.12 11.91 6.20
CA PRO B 908 -42.32 12.17 7.63
C PRO B 908 -42.39 10.94 8.32
N LEU B 909 -42.37 10.98 9.62
CA LEU B 909 -42.68 9.73 10.23
C LEU B 909 -44.08 9.48 9.61
N PRO B 910 -44.34 8.12 9.35
CA PRO B 910 -45.55 7.80 8.62
C PRO B 910 -46.83 8.24 9.32
N GLU B 911 -46.77 8.58 10.59
CA GLU B 911 -47.92 8.60 11.51
C GLU B 911 -49.06 9.42 10.93
N ILE B 912 -48.96 9.84 9.67
CA ILE B 912 -50.01 10.62 8.98
C ILE B 912 -50.43 11.93 9.63
N ASP B 913 -49.51 12.58 10.35
CA ASP B 913 -49.88 13.89 10.87
C ASP B 913 -50.12 14.78 9.63
N VAL B 914 -51.18 15.59 9.71
CA VAL B 914 -51.57 16.48 8.59
C VAL B 914 -50.70 17.70 8.34
N ASN B 915 -51.11 18.44 7.32
CA ASN B 915 -50.49 19.70 7.06
C ASN B 915 -50.81 20.68 8.24
N ASN B 916 -52.07 20.74 8.70
CA ASN B 916 -52.50 21.62 9.80
C ASN B 916 -52.68 20.83 11.10
N GLY B 917 -52.86 19.51 10.96
CA GLY B 917 -53.04 18.61 12.07
C GLY B 917 -51.78 18.20 12.81
N VAL B 918 -51.14 19.19 13.42
CA VAL B 918 -49.94 18.99 14.22
C VAL B 918 -50.37 19.38 15.62
N ARG B 919 -51.12 20.48 15.68
CA ARG B 919 -51.64 20.96 16.94
C ARG B 919 -52.59 19.86 17.39
N LEU B 920 -53.33 19.29 16.46
CA LEU B 920 -54.26 18.22 16.80
C LEU B 920 -53.52 17.03 17.41
N TYR B 921 -52.43 16.62 16.77
CA TYR B 921 -51.64 15.50 17.26
C TYR B 921 -51.18 15.73 18.70
N VAL B 922 -50.54 16.88 18.93
CA VAL B 922 -50.00 17.23 20.24
C VAL B 922 -51.04 17.25 21.36
N ALA B 923 -52.30 17.50 21.03
CA ALA B 923 -53.36 17.53 22.02
C ALA B 923 -53.70 16.09 22.36
N GLU B 924 -53.96 15.31 21.32
CA GLU B 924 -54.29 13.91 21.49
C GLU B 924 -53.22 13.20 22.36
N ALA B 925 -51.95 13.39 22.05
CA ALA B 925 -50.90 12.77 22.83
C ALA B 925 -50.96 13.18 24.29
N LEU B 926 -51.09 14.48 24.54
CA LEU B 926 -51.15 14.98 25.92
C LEU B 926 -52.35 14.44 26.68
N ASN B 927 -53.49 14.32 26.00
CA ASN B 927 -54.68 13.81 26.64
C ASN B 927 -54.51 12.33 26.93
N LYS B 928 -53.75 11.64 26.10
CA LYS B 928 -53.50 10.21 26.27
C LYS B 928 -52.55 9.97 27.44
N TYR B 929 -51.83 11.02 27.83
CA TYR B 929 -50.91 10.92 28.95
C TYR B 929 -51.65 11.18 30.27
N ASN B 930 -52.96 11.35 30.18
CA ASN B 930 -53.81 11.59 31.35
C ASN B 930 -53.91 10.30 32.14
N ALA B 931 -54.00 9.19 31.40
CA ALA B 931 -54.12 7.86 31.96
C ALA B 931 -53.07 7.51 33.03
N ILE B 932 -51.90 8.14 32.97
CA ILE B 932 -50.86 7.83 33.93
C ILE B 932 -51.04 8.50 35.27
N SER B 933 -51.03 9.83 35.27
CA SER B 933 -51.18 10.56 36.52
C SER B 933 -52.65 10.69 36.97
N GLY B 934 -53.57 10.11 36.22
CA GLY B 934 -54.96 10.19 36.62
C GLY B 934 -55.41 11.63 36.81
N ASN B 935 -55.36 12.40 35.74
CA ASN B 935 -55.74 13.82 35.74
C ASN B 935 -54.82 14.74 36.56
N THR B 936 -53.63 14.26 36.92
CA THR B 936 -52.70 15.06 37.73
C THR B 936 -51.60 15.83 36.98
N PHE B 937 -51.11 15.25 35.89
CA PHE B 937 -50.05 15.86 35.09
C PHE B 937 -50.37 17.24 34.52
N LEU B 938 -51.53 17.34 33.90
CA LEU B 938 -51.98 18.58 33.29
C LEU B 938 -52.26 19.67 34.31
N ASN B 939 -52.61 19.27 35.53
CA ASN B 939 -52.91 20.20 36.61
C ASN B 939 -51.62 20.76 37.23
N THR B 940 -50.65 19.89 37.46
CA THR B 940 -49.36 20.25 38.06
C THR B 940 -48.46 21.20 37.25
N ILE B 941 -48.45 21.05 35.93
CA ILE B 941 -47.62 21.88 35.08
C ILE B 941 -48.26 23.17 34.61
N LEU B 942 -49.59 23.20 34.46
CA LEU B 942 -50.24 24.42 34.00
C LEU B 942 -49.69 25.65 34.71
N PRO B 943 -49.55 25.58 36.05
CA PRO B 943 -49.04 26.72 36.83
C PRO B 943 -47.57 27.10 36.62
N GLN B 944 -46.76 26.20 36.07
CA GLN B 944 -45.34 26.50 35.84
C GLN B 944 -45.06 27.06 34.45
N LEU B 945 -46.12 27.21 33.67
CA LEU B 945 -46.04 27.72 32.30
C LEU B 945 -46.28 29.20 32.25
N THR B 946 -45.66 29.87 31.29
CA THR B 946 -45.89 31.28 31.16
C THR B 946 -47.40 31.37 30.91
N GLN B 947 -48.02 32.43 31.42
CA GLN B 947 -49.46 32.62 31.27
C GLN B 947 -49.91 32.47 29.82
N GLU B 948 -49.01 32.77 28.90
CA GLU B 948 -49.27 32.66 27.47
C GLU B 948 -49.52 31.19 27.13
N ASN B 949 -48.52 30.37 27.42
CA ASN B 949 -48.59 28.94 27.15
C ASN B 949 -49.74 28.28 27.90
N GLN B 950 -50.16 28.89 29.00
CA GLN B 950 -51.25 28.37 29.81
C GLN B 950 -52.55 28.57 29.07
N VAL B 951 -52.74 29.76 28.52
CA VAL B 951 -53.95 30.05 27.75
C VAL B 951 -53.94 29.10 26.55
N LYS B 952 -52.87 29.15 25.78
CA LYS B 952 -52.73 28.32 24.61
C LYS B 952 -52.99 26.85 24.95
N LEU B 953 -52.34 26.33 25.99
CA LEU B 953 -52.56 24.92 26.36
C LEU B 953 -54.05 24.65 26.54
N ASN B 954 -54.80 25.66 27.00
CA ASN B 954 -56.21 25.47 27.22
C ASN B 954 -56.99 25.50 25.89
N GLN B 955 -56.49 26.26 24.92
CA GLN B 955 -57.14 26.33 23.61
C GLN B 955 -56.87 25.03 22.82
N LEU B 956 -55.70 24.45 23.07
CA LEU B 956 -55.27 23.21 22.43
C LEU B 956 -56.20 22.08 22.84
N LEU B 957 -56.37 21.96 24.16
CA LEU B 957 -57.19 20.94 24.80
C LEU B 957 -58.69 21.16 24.62
N VAL B 958 -59.10 22.42 24.48
CA VAL B 958 -60.51 22.74 24.30
C VAL B 958 -61.05 22.28 22.95
N GLY B 959 -60.46 22.79 21.88
CA GLY B 959 -60.91 22.42 20.55
C GLY B 959 -60.76 20.93 20.28
#